data_2CS4
#
_entry.id   2CS4
#
_entity_poly.entity_id   1
_entity_poly.type   'polypeptide(L)'
_entity_poly.pdbx_seq_one_letter_code
;GSSGSSGMELKVWVDGVQRIVCGVTEVTTCQEVVIALAQAIGRTGRYTLIEKWRDTERHLAPHENPIISLNKWGQYASDV
QLILRRTGPSGPSSG
;
_entity_poly.pdbx_strand_id   A
#
# COMPACT_ATOMS: atom_id res chain seq x y z
N GLY A 1 -9.70 12.12 15.16
CA GLY A 1 -8.74 11.05 15.02
C GLY A 1 -7.37 11.56 14.59
N SER A 2 -6.81 10.95 13.55
CA SER A 2 -5.50 11.34 13.06
C SER A 2 -5.64 12.25 11.83
N SER A 3 -4.60 13.03 11.57
CA SER A 3 -4.60 13.95 10.43
C SER A 3 -3.20 14.51 10.18
N GLY A 4 -2.90 14.76 8.91
CA GLY A 4 -1.60 15.30 8.55
C GLY A 4 -1.60 15.98 7.21
N SER A 5 -1.28 17.28 7.20
CA SER A 5 -1.26 18.05 5.96
C SER A 5 -0.23 17.50 5.00
N SER A 6 1.02 17.42 5.45
CA SER A 6 2.11 16.91 4.62
C SER A 6 1.95 15.42 4.37
N GLY A 7 2.02 15.03 3.11
CA GLY A 7 1.87 13.63 2.75
C GLY A 7 2.63 13.26 1.49
N MET A 8 2.62 11.99 1.15
CA MET A 8 3.32 11.50 -0.04
C MET A 8 2.39 10.67 -0.92
N GLU A 9 2.57 10.77 -2.23
CA GLU A 9 1.75 10.03 -3.18
C GLU A 9 2.30 8.62 -3.39
N LEU A 10 1.52 7.62 -3.00
CA LEU A 10 1.93 6.23 -3.14
C LEU A 10 1.25 5.57 -4.34
N LYS A 11 2.04 5.16 -5.31
CA LYS A 11 1.51 4.52 -6.51
C LYS A 11 1.18 3.06 -6.24
N VAL A 12 -0.12 2.75 -6.18
CA VAL A 12 -0.57 1.39 -5.93
C VAL A 12 -1.71 1.00 -6.88
N TRP A 13 -1.56 -0.15 -7.52
CA TRP A 13 -2.58 -0.63 -8.46
C TRP A 13 -3.83 -1.07 -7.71
N VAL A 14 -4.94 -0.38 -7.96
CA VAL A 14 -6.21 -0.71 -7.31
C VAL A 14 -7.30 -0.97 -8.35
N ASP A 15 -7.67 -2.23 -8.51
CA ASP A 15 -8.71 -2.61 -9.46
C ASP A 15 -8.23 -2.37 -10.89
N GLY A 16 -6.95 -2.59 -11.13
CA GLY A 16 -6.40 -2.39 -12.47
C GLY A 16 -6.01 -0.94 -12.72
N VAL A 17 -6.48 -0.04 -11.87
CA VAL A 17 -6.17 1.37 -11.99
C VAL A 17 -5.35 1.87 -10.81
N GLN A 18 -4.19 2.45 -11.10
CA GLN A 18 -3.30 2.97 -10.06
C GLN A 18 -3.92 4.17 -9.38
N ARG A 19 -4.29 4.00 -8.11
CA ARG A 19 -4.90 5.07 -7.34
C ARG A 19 -3.88 5.74 -6.43
N ILE A 20 -3.80 7.06 -6.50
CA ILE A 20 -2.86 7.82 -5.67
C ILE A 20 -3.40 8.02 -4.27
N VAL A 21 -2.49 8.05 -3.29
CA VAL A 21 -2.88 8.25 -1.90
C VAL A 21 -2.08 9.37 -1.25
N CYS A 22 -2.77 10.44 -0.87
CA CYS A 22 -2.12 11.58 -0.24
C CYS A 22 -2.22 11.50 1.28
N GLY A 23 -1.13 11.81 1.95
CA GLY A 23 -1.11 11.76 3.41
C GLY A 23 -0.08 10.79 3.94
N VAL A 24 0.12 9.69 3.23
CA VAL A 24 1.09 8.67 3.65
C VAL A 24 2.49 9.26 3.77
N THR A 25 3.18 8.91 4.85
CA THR A 25 4.53 9.41 5.08
C THR A 25 5.43 8.31 5.65
N GLU A 26 6.73 8.55 5.61
CA GLU A 26 7.69 7.58 6.11
C GLU A 26 7.17 6.88 7.36
N VAL A 27 6.61 7.66 8.27
CA VAL A 27 6.06 7.13 9.51
C VAL A 27 4.93 6.15 9.23
N THR A 28 3.94 6.59 8.46
CA THR A 28 2.79 5.76 8.11
C THR A 28 3.25 4.37 7.65
N THR A 29 2.92 3.36 8.43
CA THR A 29 3.29 1.99 8.11
C THR A 29 2.40 1.43 6.99
N CYS A 30 2.69 0.21 6.56
CA CYS A 30 1.93 -0.43 5.50
C CYS A 30 0.49 -0.67 5.94
N GLN A 31 0.32 -1.14 7.17
CA GLN A 31 -1.01 -1.40 7.71
C GLN A 31 -1.91 -0.18 7.60
N GLU A 32 -1.31 1.00 7.78
CA GLU A 32 -2.06 2.25 7.71
C GLU A 32 -2.44 2.56 6.25
N VAL A 33 -1.65 2.04 5.32
CA VAL A 33 -1.90 2.27 3.90
C VAL A 33 -2.88 1.24 3.34
N VAL A 34 -2.51 -0.03 3.44
CA VAL A 34 -3.36 -1.11 2.94
C VAL A 34 -4.81 -0.90 3.35
N ILE A 35 -5.00 -0.36 4.56
CA ILE A 35 -6.35 -0.10 5.07
C ILE A 35 -6.93 1.17 4.47
N ALA A 36 -6.10 2.21 4.40
CA ALA A 36 -6.53 3.49 3.85
C ALA A 36 -7.20 3.31 2.48
N LEU A 37 -6.55 2.53 1.62
CA LEU A 37 -7.09 2.28 0.28
C LEU A 37 -8.44 1.56 0.36
N ALA A 38 -8.45 0.41 1.02
CA ALA A 38 -9.67 -0.37 1.17
C ALA A 38 -10.82 0.51 1.64
N GLN A 39 -10.52 1.44 2.54
CA GLN A 39 -11.54 2.34 3.07
C GLN A 39 -11.95 3.37 2.02
N ALA A 40 -10.99 3.81 1.23
CA ALA A 40 -11.25 4.80 0.18
C ALA A 40 -12.13 4.22 -0.91
N ILE A 41 -11.81 3.01 -1.34
CA ILE A 41 -12.57 2.34 -2.39
C ILE A 41 -13.94 1.90 -1.88
N GLY A 42 -14.03 1.67 -0.57
CA GLY A 42 -15.29 1.25 0.02
C GLY A 42 -15.14 0.02 0.89
N ARG A 43 -15.55 -1.13 0.35
CA ARG A 43 -15.46 -2.38 1.08
C ARG A 43 -14.21 -2.43 1.96
N THR A 44 -14.30 -3.15 3.07
CA THR A 44 -13.17 -3.25 3.99
C THR A 44 -12.90 -4.71 4.35
N GLY A 45 -11.70 -4.98 4.86
CA GLY A 45 -11.34 -6.33 5.24
C GLY A 45 -9.85 -6.49 5.49
N ARG A 46 -9.30 -7.62 5.09
CA ARG A 46 -7.88 -7.90 5.27
C ARG A 46 -7.14 -7.82 3.93
N TYR A 47 -6.41 -6.73 3.74
CA TYR A 47 -5.64 -6.53 2.51
C TYR A 47 -4.15 -6.56 2.78
N THR A 48 -3.35 -6.53 1.71
CA THR A 48 -1.91 -6.56 1.84
C THR A 48 -1.25 -5.73 0.74
N LEU A 49 0.06 -5.48 0.88
CA LEU A 49 0.79 -4.71 -0.09
C LEU A 49 1.96 -5.51 -0.66
N ILE A 50 1.88 -5.86 -1.93
CA ILE A 50 2.93 -6.63 -2.58
C ILE A 50 3.69 -5.77 -3.61
N GLU A 51 4.99 -6.02 -3.72
CA GLU A 51 5.82 -5.27 -4.66
C GLU A 51 6.23 -6.14 -5.84
N LYS A 52 5.93 -5.68 -7.05
CA LYS A 52 6.27 -6.42 -8.26
C LYS A 52 7.48 -5.81 -8.95
N TRP A 53 8.51 -6.62 -9.15
CA TRP A 53 9.74 -6.16 -9.80
C TRP A 53 10.37 -7.28 -10.62
N ARG A 54 10.86 -6.94 -11.80
CA ARG A 54 11.49 -7.92 -12.68
C ARG A 54 10.82 -9.28 -12.55
N ASP A 55 9.50 -9.28 -12.42
CA ASP A 55 8.73 -10.51 -12.29
C ASP A 55 9.01 -11.18 -10.94
N THR A 56 8.98 -10.38 -9.88
CA THR A 56 9.23 -10.89 -8.54
C THR A 56 8.18 -10.40 -7.56
N GLU A 57 7.40 -11.32 -7.01
CA GLU A 57 6.36 -10.98 -6.06
C GLU A 57 6.79 -11.30 -4.63
N ARG A 58 6.76 -10.28 -3.77
CA ARG A 58 7.15 -10.44 -2.38
C ARG A 58 6.16 -9.77 -1.45
N HIS A 59 5.67 -10.52 -0.47
CA HIS A 59 4.71 -10.00 0.50
C HIS A 59 5.40 -9.18 1.57
N LEU A 60 4.74 -8.12 2.04
CA LEU A 60 5.30 -7.26 3.08
C LEU A 60 4.56 -7.45 4.40
N ALA A 61 5.14 -6.93 5.48
CA ALA A 61 4.53 -7.03 6.80
C ALA A 61 3.71 -5.78 7.11
N PRO A 62 2.75 -5.94 8.03
CA PRO A 62 1.87 -4.84 8.45
C PRO A 62 2.60 -3.78 9.27
N HIS A 63 3.76 -4.16 9.82
CA HIS A 63 4.56 -3.25 10.61
C HIS A 63 5.58 -2.52 9.75
N GLU A 64 5.86 -3.09 8.57
CA GLU A 64 6.82 -2.49 7.65
C GLU A 64 6.22 -1.28 6.94
N ASN A 65 7.02 -0.24 6.76
CA ASN A 65 6.56 0.97 6.09
C ASN A 65 6.61 0.81 4.57
N PRO A 66 5.62 1.40 3.89
CA PRO A 66 5.53 1.34 2.42
C PRO A 66 6.62 2.15 1.73
N ILE A 67 6.78 3.40 2.16
CA ILE A 67 7.80 4.28 1.58
C ILE A 67 9.20 3.71 1.80
N ILE A 68 9.44 3.18 2.99
CA ILE A 68 10.72 2.60 3.32
C ILE A 68 10.99 1.34 2.52
N SER A 69 10.00 0.45 2.45
CA SER A 69 10.14 -0.79 1.71
C SER A 69 10.67 -0.53 0.31
N LEU A 70 10.36 0.64 -0.23
CA LEU A 70 10.81 1.01 -1.56
C LEU A 70 12.19 1.66 -1.51
N ASN A 71 12.33 2.68 -0.67
CA ASN A 71 13.59 3.39 -0.52
C ASN A 71 14.78 2.43 -0.67
N LYS A 72 14.65 1.25 -0.06
CA LYS A 72 15.70 0.24 -0.12
C LYS A 72 16.35 0.22 -1.49
N TRP A 73 15.56 -0.07 -2.52
CA TRP A 73 16.05 -0.13 -3.89
C TRP A 73 16.75 1.18 -4.26
N GLY A 74 16.08 2.29 -3.99
CA GLY A 74 16.64 3.59 -4.32
C GLY A 74 16.70 3.85 -5.80
N GLN A 75 17.83 3.53 -6.42
CA GLN A 75 18.00 3.74 -7.85
C GLN A 75 16.91 3.03 -8.64
N TYR A 76 16.60 1.81 -8.23
CA TYR A 76 15.58 1.02 -8.90
C TYR A 76 14.33 0.89 -8.03
N ALA A 77 13.94 2.00 -7.41
CA ALA A 77 12.76 2.01 -6.55
C ALA A 77 11.50 2.26 -7.36
N SER A 78 11.57 3.19 -8.30
CA SER A 78 10.43 3.52 -9.15
C SER A 78 9.95 2.30 -9.93
N ASP A 79 10.90 1.59 -10.53
CA ASP A 79 10.58 0.40 -11.31
C ASP A 79 9.62 -0.51 -10.54
N VAL A 80 9.84 -0.61 -9.23
CA VAL A 80 9.00 -1.45 -8.39
C VAL A 80 7.58 -0.90 -8.31
N GLN A 81 6.60 -1.77 -8.51
CA GLN A 81 5.19 -1.38 -8.47
C GLN A 81 4.49 -2.01 -7.26
N LEU A 82 3.40 -1.38 -6.82
CA LEU A 82 2.64 -1.87 -5.69
C LEU A 82 1.28 -2.40 -6.13
N ILE A 83 0.84 -3.49 -5.51
CA ILE A 83 -0.45 -4.09 -5.85
C ILE A 83 -1.19 -4.51 -4.60
N LEU A 84 -2.35 -3.89 -4.35
CA LEU A 84 -3.16 -4.21 -3.18
C LEU A 84 -3.99 -5.47 -3.42
N ARG A 85 -3.58 -6.56 -2.78
CA ARG A 85 -4.28 -7.83 -2.93
C ARG A 85 -5.04 -8.17 -1.64
N ARG A 86 -6.05 -9.03 -1.78
CA ARG A 86 -6.85 -9.44 -0.63
C ARG A 86 -6.45 -10.83 -0.15
N THR A 87 -6.10 -10.94 1.13
CA THR A 87 -5.69 -12.22 1.71
C THR A 87 -6.85 -12.87 2.46
N GLY A 88 -7.98 -12.19 2.51
CA GLY A 88 -9.15 -12.72 3.20
C GLY A 88 -10.44 -12.08 2.75
N PRO A 89 -11.53 -12.86 2.73
CA PRO A 89 -12.85 -12.38 2.32
C PRO A 89 -13.45 -11.40 3.32
N SER A 90 -14.38 -10.58 2.85
CA SER A 90 -15.02 -9.60 3.70
C SER A 90 -16.08 -10.25 4.59
N GLY A 91 -16.62 -9.49 5.53
CA GLY A 91 -17.63 -10.01 6.43
C GLY A 91 -18.93 -9.24 6.35
N PRO A 92 -19.78 -9.40 7.38
CA PRO A 92 -21.08 -8.72 7.45
C PRO A 92 -20.94 -7.22 7.68
N SER A 93 -21.28 -6.43 6.67
CA SER A 93 -21.19 -4.98 6.77
C SER A 93 -22.56 -4.34 6.66
N SER A 94 -22.71 -3.15 7.23
CA SER A 94 -23.97 -2.42 7.20
C SER A 94 -25.07 -3.23 7.89
N GLY A 95 -24.72 -3.85 9.01
CA GLY A 95 -25.69 -4.66 9.74
C GLY A 95 -25.67 -6.11 9.33
N GLY A 1 -4.63 13.72 9.43
CA GLY A 1 -3.78 14.59 8.65
C GLY A 1 -2.32 14.14 8.66
N SER A 2 -1.42 15.08 8.90
CA SER A 2 0.01 14.77 8.93
C SER A 2 0.78 15.88 9.66
N SER A 3 1.96 15.53 10.16
CA SER A 3 2.80 16.48 10.87
C SER A 3 3.57 17.36 9.90
N GLY A 4 3.41 17.09 8.60
CA GLY A 4 4.09 17.86 7.59
C GLY A 4 3.19 18.25 6.44
N SER A 5 3.03 19.55 6.23
CA SER A 5 2.17 20.06 5.17
C SER A 5 2.25 19.16 3.94
N SER A 6 3.46 18.98 3.42
CA SER A 6 3.68 18.14 2.25
C SER A 6 3.59 16.66 2.60
N GLY A 7 3.48 15.82 1.58
CA GLY A 7 3.39 14.38 1.82
C GLY A 7 3.83 13.58 0.61
N MET A 8 3.99 12.27 0.80
CA MET A 8 4.41 11.40 -0.28
C MET A 8 3.21 10.76 -0.96
N GLU A 9 3.33 10.51 -2.27
CA GLU A 9 2.25 9.91 -3.04
C GLU A 9 2.59 8.47 -3.42
N LEU A 10 1.75 7.53 -2.98
CA LEU A 10 1.95 6.12 -3.27
C LEU A 10 1.04 5.66 -4.40
N LYS A 11 1.63 5.19 -5.48
CA LYS A 11 0.87 4.71 -6.63
C LYS A 11 0.73 3.19 -6.60
N VAL A 12 -0.51 2.72 -6.46
CA VAL A 12 -0.77 1.28 -6.42
C VAL A 12 -1.77 0.88 -7.49
N TRP A 13 -1.79 -0.41 -7.83
CA TRP A 13 -2.70 -0.92 -8.84
C TRP A 13 -3.85 -1.68 -8.20
N VAL A 14 -5.02 -1.04 -8.16
CA VAL A 14 -6.21 -1.66 -7.56
C VAL A 14 -7.21 -2.06 -8.64
N ASP A 15 -7.23 -3.35 -8.98
CA ASP A 15 -8.13 -3.85 -9.99
C ASP A 15 -7.85 -3.22 -11.36
N GLY A 16 -6.58 -2.98 -11.64
CA GLY A 16 -6.19 -2.37 -12.89
C GLY A 16 -6.37 -0.87 -12.89
N VAL A 17 -6.29 -0.27 -11.71
CA VAL A 17 -6.45 1.17 -11.57
C VAL A 17 -5.31 1.77 -10.74
N GLN A 18 -4.66 2.79 -11.27
CA GLN A 18 -3.56 3.45 -10.58
C GLN A 18 -4.09 4.45 -9.56
N ARG A 19 -4.40 3.96 -8.35
CA ARG A 19 -4.91 4.81 -7.28
C ARG A 19 -3.77 5.41 -6.47
N ILE A 20 -3.70 6.73 -6.43
CA ILE A 20 -2.65 7.42 -5.67
C ILE A 20 -3.13 7.76 -4.26
N VAL A 21 -2.35 7.35 -3.27
CA VAL A 21 -2.70 7.61 -1.87
C VAL A 21 -2.02 8.90 -1.38
N CYS A 22 -2.83 9.83 -0.88
CA CYS A 22 -2.32 11.10 -0.38
C CYS A 22 -2.19 11.07 1.14
N GLY A 23 -1.30 11.90 1.67
CA GLY A 23 -1.11 11.95 3.11
C GLY A 23 -0.30 10.78 3.63
N VAL A 24 0.69 10.35 2.86
CA VAL A 24 1.55 9.23 3.24
C VAL A 24 2.91 9.71 3.72
N THR A 25 3.25 9.36 4.96
CA THR A 25 4.53 9.76 5.53
C THR A 25 5.38 8.54 5.88
N GLU A 26 6.60 8.79 6.33
CA GLU A 26 7.52 7.71 6.69
C GLU A 26 7.04 6.99 7.95
N VAL A 27 6.63 7.78 8.95
CA VAL A 27 6.15 7.21 10.20
C VAL A 27 4.99 6.25 9.97
N THR A 28 4.15 6.57 8.99
CA THR A 28 3.00 5.74 8.66
C THR A 28 3.43 4.32 8.32
N THR A 29 2.93 3.35 9.09
CA THR A 29 3.27 1.95 8.88
C THR A 29 2.49 1.38 7.69
N CYS A 30 3.05 0.35 7.06
CA CYS A 30 2.42 -0.29 5.92
C CYS A 30 0.94 -0.52 6.18
N GLN A 31 0.62 -1.06 7.35
CA GLN A 31 -0.75 -1.34 7.73
C GLN A 31 -1.64 -0.10 7.54
N GLU A 32 -1.33 0.95 8.30
CA GLU A 32 -2.09 2.19 8.22
C GLU A 32 -2.50 2.49 6.78
N VAL A 33 -1.55 2.40 5.86
CA VAL A 33 -1.81 2.65 4.46
C VAL A 33 -2.93 1.75 3.93
N VAL A 34 -2.71 0.44 4.04
CA VAL A 34 -3.70 -0.52 3.57
C VAL A 34 -5.12 -0.07 3.91
N ILE A 35 -5.39 0.08 5.20
CA ILE A 35 -6.70 0.50 5.66
C ILE A 35 -7.23 1.66 4.80
N ALA A 36 -6.35 2.58 4.45
CA ALA A 36 -6.72 3.72 3.63
C ALA A 36 -7.38 3.28 2.33
N LEU A 37 -6.81 2.25 1.71
CA LEU A 37 -7.34 1.73 0.45
C LEU A 37 -8.74 1.14 0.64
N ALA A 38 -8.83 0.17 1.56
CA ALA A 38 -10.11 -0.47 1.84
C ALA A 38 -11.23 0.57 2.00
N GLN A 39 -10.93 1.64 2.72
CA GLN A 39 -11.90 2.71 2.94
C GLN A 39 -12.25 3.40 1.64
N ALA A 40 -11.26 3.52 0.75
CA ALA A 40 -11.48 4.18 -0.53
C ALA A 40 -12.33 3.31 -1.46
N ILE A 41 -11.96 2.04 -1.57
CA ILE A 41 -12.69 1.10 -2.41
C ILE A 41 -14.05 0.76 -1.81
N GLY A 42 -14.15 0.88 -0.49
CA GLY A 42 -15.40 0.58 0.18
C GLY A 42 -15.43 -0.82 0.76
N ARG A 43 -15.29 -1.82 -0.11
CA ARG A 43 -15.30 -3.21 0.31
C ARG A 43 -14.58 -3.37 1.66
N THR A 44 -15.11 -4.26 2.50
CA THR A 44 -14.54 -4.51 3.81
C THR A 44 -13.93 -5.91 3.89
N GLY A 45 -12.66 -5.97 4.27
CA GLY A 45 -11.98 -7.26 4.37
C GLY A 45 -10.51 -7.12 4.73
N ARG A 46 -9.67 -7.89 4.05
CA ARG A 46 -8.24 -7.84 4.29
C ARG A 46 -7.48 -7.58 3.00
N TYR A 47 -6.29 -6.99 3.13
CA TYR A 47 -5.46 -6.68 1.97
C TYR A 47 -3.97 -6.74 2.33
N THR A 48 -3.12 -6.59 1.32
CA THR A 48 -1.68 -6.63 1.53
C THR A 48 -0.94 -5.89 0.42
N LEU A 49 0.25 -5.40 0.73
CA LEU A 49 1.06 -4.69 -0.25
C LEU A 49 2.04 -5.62 -0.95
N ILE A 50 1.86 -5.81 -2.24
CA ILE A 50 2.74 -6.68 -3.02
C ILE A 50 3.59 -5.87 -4.00
N GLU A 51 4.90 -6.03 -3.90
CA GLU A 51 5.83 -5.32 -4.78
C GLU A 51 6.21 -6.18 -5.97
N LYS A 52 5.75 -5.80 -7.16
CA LYS A 52 6.04 -6.54 -8.38
C LYS A 52 7.29 -5.98 -9.05
N TRP A 53 8.27 -6.85 -9.30
CA TRP A 53 9.51 -6.45 -9.95
C TRP A 53 10.13 -7.62 -10.71
N ARG A 54 10.85 -7.29 -11.78
CA ARG A 54 11.49 -8.32 -12.59
C ARG A 54 10.63 -9.57 -12.68
N ASP A 55 9.32 -9.39 -12.67
CA ASP A 55 8.38 -10.50 -12.74
C ASP A 55 8.45 -11.35 -11.47
N THR A 56 8.43 -10.68 -10.32
CA THR A 56 8.49 -11.37 -9.04
C THR A 56 7.47 -10.79 -8.06
N GLU A 57 6.85 -11.68 -7.28
CA GLU A 57 5.86 -11.26 -6.30
C GLU A 57 6.35 -11.50 -4.88
N ARG A 58 6.45 -10.43 -4.10
CA ARG A 58 6.91 -10.53 -2.71
C ARG A 58 6.00 -9.74 -1.78
N HIS A 59 5.40 -10.43 -0.82
CA HIS A 59 4.51 -9.79 0.14
C HIS A 59 5.30 -9.02 1.18
N LEU A 60 4.80 -7.83 1.52
CA LEU A 60 5.47 -6.98 2.50
C LEU A 60 4.84 -7.15 3.89
N ALA A 61 5.59 -6.79 4.92
CA ALA A 61 5.12 -6.91 6.29
C ALA A 61 4.30 -5.68 6.70
N PRO A 62 3.35 -5.89 7.61
CA PRO A 62 2.48 -4.81 8.11
C PRO A 62 3.24 -3.80 8.97
N HIS A 63 4.20 -4.30 9.74
CA HIS A 63 5.00 -3.45 10.61
C HIS A 63 6.00 -2.64 9.81
N GLU A 64 6.31 -3.10 8.60
CA GLU A 64 7.25 -2.42 7.74
C GLU A 64 6.67 -1.12 7.20
N ASN A 65 7.44 -0.43 6.36
CA ASN A 65 6.99 0.84 5.79
C ASN A 65 7.06 0.80 4.27
N PRO A 66 6.10 1.46 3.61
CA PRO A 66 6.03 1.52 2.15
C PRO A 66 7.15 2.37 1.56
N ILE A 67 7.46 3.48 2.21
CA ILE A 67 8.50 4.38 1.75
C ILE A 67 9.88 3.72 1.85
N ILE A 68 10.30 3.42 3.08
CA ILE A 68 11.58 2.78 3.31
C ILE A 68 11.73 1.51 2.49
N SER A 69 10.63 0.77 2.35
CA SER A 69 10.62 -0.47 1.59
C SER A 69 11.09 -0.24 0.15
N LEU A 70 10.62 0.86 -0.44
CA LEU A 70 10.98 1.19 -1.81
C LEU A 70 12.37 1.83 -1.86
N ASN A 71 12.58 2.85 -1.05
CA ASN A 71 13.88 3.54 -1.00
C ASN A 71 15.02 2.56 -1.22
N LYS A 72 14.91 1.39 -0.60
CA LYS A 72 15.94 0.36 -0.73
C LYS A 72 16.52 0.35 -2.15
N TRP A 73 15.67 0.07 -3.13
CA TRP A 73 16.10 0.03 -4.52
C TRP A 73 16.72 1.35 -4.94
N GLY A 74 16.03 2.45 -4.65
CA GLY A 74 16.53 3.76 -5.00
C GLY A 74 16.64 3.96 -6.50
N GLN A 75 17.84 3.72 -7.04
CA GLN A 75 18.08 3.87 -8.46
C GLN A 75 16.96 3.21 -9.27
N TYR A 76 16.64 1.97 -8.94
CA TYR A 76 15.60 1.24 -9.64
C TYR A 76 14.31 1.21 -8.81
N ALA A 77 14.11 2.24 -8.02
CA ALA A 77 12.91 2.33 -7.17
C ALA A 77 11.68 2.68 -8.01
N SER A 78 11.92 3.14 -9.24
CA SER A 78 10.83 3.51 -10.13
C SER A 78 10.26 2.27 -10.83
N ASP A 79 11.06 1.23 -10.92
CA ASP A 79 10.64 -0.02 -11.56
C ASP A 79 9.65 -0.78 -10.68
N VAL A 80 9.82 -0.65 -9.37
CA VAL A 80 8.94 -1.33 -8.42
C VAL A 80 7.56 -0.69 -8.41
N GLN A 81 6.54 -1.54 -8.56
CA GLN A 81 5.15 -1.06 -8.56
C GLN A 81 4.36 -1.69 -7.43
N LEU A 82 3.47 -0.90 -6.83
CA LEU A 82 2.65 -1.39 -5.73
C LEU A 82 1.36 -2.02 -6.25
N ILE A 83 0.93 -3.09 -5.59
CA ILE A 83 -0.29 -3.78 -5.99
C ILE A 83 -1.08 -4.27 -4.77
N LEU A 84 -2.25 -3.68 -4.57
CA LEU A 84 -3.10 -4.04 -3.44
C LEU A 84 -3.97 -5.25 -3.78
N ARG A 85 -3.56 -6.43 -3.31
CA ARG A 85 -4.30 -7.65 -3.56
C ARG A 85 -4.95 -8.17 -2.28
N ARG A 86 -6.00 -8.96 -2.43
CA ARG A 86 -6.71 -9.51 -1.29
C ARG A 86 -6.14 -10.88 -0.90
N THR A 87 -5.84 -11.04 0.38
CA THR A 87 -5.28 -12.29 0.88
C THR A 87 -5.94 -12.71 2.19
N GLY A 88 -6.55 -13.89 2.19
CA GLY A 88 -7.21 -14.38 3.39
C GLY A 88 -8.73 -14.36 3.26
N PRO A 89 -9.41 -14.85 4.30
CA PRO A 89 -10.88 -14.88 4.33
C PRO A 89 -11.50 -13.50 4.43
N SER A 90 -12.67 -13.33 3.82
CA SER A 90 -13.36 -12.05 3.83
C SER A 90 -14.79 -12.22 4.35
N GLY A 91 -15.44 -11.09 4.64
CA GLY A 91 -16.81 -11.13 5.13
C GLY A 91 -17.38 -9.75 5.37
N PRO A 92 -17.90 -9.13 4.30
CA PRO A 92 -18.48 -7.79 4.36
C PRO A 92 -19.80 -7.77 5.13
N SER A 93 -20.02 -6.71 5.89
CA SER A 93 -21.24 -6.57 6.68
C SER A 93 -21.92 -5.23 6.40
N SER A 94 -23.23 -5.17 6.63
CA SER A 94 -23.99 -3.95 6.41
C SER A 94 -23.47 -2.81 7.28
N GLY A 95 -23.45 -1.60 6.73
CA GLY A 95 -22.97 -0.46 7.48
C GLY A 95 -23.85 0.76 7.30
N GLY A 1 -10.29 8.95 10.97
CA GLY A 1 -10.02 9.38 9.61
C GLY A 1 -8.54 9.55 9.33
N SER A 2 -8.22 10.40 8.36
CA SER A 2 -6.82 10.64 8.00
C SER A 2 -6.54 12.14 7.94
N SER A 3 -5.26 12.49 7.87
CA SER A 3 -4.84 13.89 7.82
C SER A 3 -3.36 13.99 7.45
N GLY A 4 -2.94 15.21 7.08
CA GLY A 4 -1.56 15.42 6.71
C GLY A 4 -1.41 15.79 5.25
N SER A 5 -1.78 17.02 4.90
CA SER A 5 -1.69 17.49 3.53
C SER A 5 -0.33 17.15 2.93
N SER A 6 0.74 17.44 3.68
CA SER A 6 2.10 17.17 3.21
C SER A 6 2.45 15.70 3.42
N GLY A 7 2.76 15.01 2.32
CA GLY A 7 3.12 13.61 2.40
C GLY A 7 3.71 13.10 1.11
N MET A 8 3.47 11.82 0.81
CA MET A 8 3.98 11.20 -0.40
C MET A 8 2.87 10.53 -1.19
N GLU A 9 3.15 10.20 -2.45
CA GLU A 9 2.15 9.55 -3.30
C GLU A 9 2.56 8.12 -3.61
N LEU A 10 1.83 7.16 -3.06
CA LEU A 10 2.11 5.75 -3.27
C LEU A 10 1.19 5.17 -4.35
N LYS A 11 1.78 4.77 -5.47
CA LYS A 11 1.02 4.20 -6.58
C LYS A 11 0.81 2.71 -6.36
N VAL A 12 -0.43 2.32 -6.04
CA VAL A 12 -0.76 0.93 -5.82
C VAL A 12 -1.85 0.47 -6.78
N TRP A 13 -1.51 -0.52 -7.62
CA TRP A 13 -2.46 -1.06 -8.58
C TRP A 13 -3.52 -1.91 -7.89
N VAL A 14 -4.68 -1.32 -7.65
CA VAL A 14 -5.77 -2.03 -7.00
C VAL A 14 -6.81 -2.49 -8.02
N ASP A 15 -6.76 -3.77 -8.38
CA ASP A 15 -7.70 -4.32 -9.36
C ASP A 15 -7.46 -3.75 -10.75
N GLY A 16 -6.19 -3.50 -11.07
CA GLY A 16 -5.85 -2.94 -12.37
C GLY A 16 -6.08 -1.45 -12.44
N VAL A 17 -6.10 -0.79 -11.28
CA VAL A 17 -6.32 0.64 -11.22
C VAL A 17 -5.28 1.32 -10.32
N GLN A 18 -4.69 2.39 -10.81
CA GLN A 18 -3.68 3.12 -10.05
C GLN A 18 -4.33 4.04 -9.02
N ARG A 19 -4.31 3.62 -7.76
CA ARG A 19 -4.90 4.40 -6.68
C ARG A 19 -3.83 5.18 -5.94
N ILE A 20 -3.95 6.51 -5.96
CA ILE A 20 -3.00 7.37 -5.29
C ILE A 20 -3.42 7.64 -3.84
N VAL A 21 -2.46 7.52 -2.93
CA VAL A 21 -2.72 7.74 -1.51
C VAL A 21 -1.73 8.74 -0.92
N CYS A 22 -2.22 9.94 -0.62
CA CYS A 22 -1.37 10.98 -0.04
C CYS A 22 -1.42 10.94 1.49
N GLY A 23 -0.53 11.70 2.12
CA GLY A 23 -0.49 11.74 3.57
C GLY A 23 0.52 10.76 4.14
N VAL A 24 0.59 9.57 3.55
CA VAL A 24 1.52 8.54 4.01
C VAL A 24 2.92 9.11 4.21
N THR A 25 3.36 9.17 5.46
CA THR A 25 4.68 9.69 5.78
C THR A 25 5.65 8.57 6.12
N GLU A 26 6.88 8.94 6.46
CA GLU A 26 7.91 7.96 6.80
C GLU A 26 7.51 7.17 8.05
N VAL A 27 6.98 7.87 9.04
CA VAL A 27 6.55 7.24 10.28
C VAL A 27 5.27 6.44 10.09
N THR A 28 4.78 6.42 8.85
CA THR A 28 3.55 5.70 8.52
C THR A 28 3.87 4.25 8.17
N THR A 29 2.98 3.34 8.57
CA THR A 29 3.14 1.93 8.29
C THR A 29 2.29 1.49 7.11
N CYS A 30 2.58 0.30 6.59
CA CYS A 30 1.82 -0.23 5.45
C CYS A 30 0.33 -0.33 5.77
N GLN A 31 0.03 -0.83 6.97
CA GLN A 31 -1.36 -0.97 7.40
C GLN A 31 -2.15 0.30 7.14
N GLU A 32 -1.60 1.43 7.58
CA GLU A 32 -2.25 2.72 7.40
C GLU A 32 -2.68 2.91 5.95
N VAL A 33 -1.72 2.87 5.04
CA VAL A 33 -2.01 3.03 3.61
C VAL A 33 -3.13 2.10 3.16
N VAL A 34 -3.00 0.82 3.50
CA VAL A 34 -4.01 -0.17 3.13
C VAL A 34 -5.40 0.29 3.53
N ILE A 35 -5.55 0.66 4.79
CA ILE A 35 -6.84 1.13 5.31
C ILE A 35 -7.47 2.15 4.36
N ALA A 36 -6.78 3.28 4.17
CA ALA A 36 -7.26 4.33 3.29
C ALA A 36 -7.86 3.75 2.02
N LEU A 37 -7.11 2.87 1.35
CA LEU A 37 -7.56 2.25 0.12
C LEU A 37 -8.82 1.42 0.36
N ALA A 38 -8.74 0.50 1.32
CA ALA A 38 -9.87 -0.35 1.65
C ALA A 38 -11.15 0.46 1.79
N GLN A 39 -11.05 1.62 2.43
CA GLN A 39 -12.19 2.49 2.63
C GLN A 39 -12.62 3.14 1.32
N ALA A 40 -11.67 3.78 0.64
CA ALA A 40 -11.95 4.45 -0.62
C ALA A 40 -12.70 3.53 -1.57
N ILE A 41 -12.28 2.27 -1.62
CA ILE A 41 -12.93 1.29 -2.50
C ILE A 41 -14.28 0.86 -1.93
N GLY A 42 -14.40 0.92 -0.61
CA GLY A 42 -15.65 0.54 0.03
C GLY A 42 -15.45 -0.53 1.10
N ARG A 43 -15.63 -1.78 0.71
CA ARG A 43 -15.47 -2.89 1.64
C ARG A 43 -14.22 -2.71 2.49
N THR A 44 -14.39 -2.80 3.80
CA THR A 44 -13.27 -2.64 4.73
C THR A 44 -12.73 -4.00 5.17
N GLY A 45 -11.43 -4.21 4.97
CA GLY A 45 -10.81 -5.47 5.34
C GLY A 45 -9.30 -5.37 5.42
N ARG A 46 -8.62 -6.50 5.26
CA ARG A 46 -7.16 -6.53 5.32
C ARG A 46 -6.57 -6.97 3.98
N TYR A 47 -5.78 -6.09 3.38
CA TYR A 47 -5.15 -6.38 2.09
C TYR A 47 -3.63 -6.28 2.20
N THR A 48 -2.95 -7.11 1.41
CA THR A 48 -1.49 -7.13 1.41
C THR A 48 -0.92 -6.30 0.26
N LEU A 49 0.25 -5.72 0.46
CA LEU A 49 0.89 -4.90 -0.56
C LEU A 49 2.01 -5.68 -1.24
N ILE A 50 1.81 -6.00 -2.52
CA ILE A 50 2.80 -6.74 -3.29
C ILE A 50 3.41 -5.86 -4.38
N GLU A 51 4.72 -5.64 -4.29
CA GLU A 51 5.43 -4.83 -5.27
C GLU A 51 6.07 -5.70 -6.35
N LYS A 52 5.70 -5.46 -7.60
CA LYS A 52 6.23 -6.22 -8.72
C LYS A 52 7.48 -5.54 -9.28
N TRP A 53 8.51 -6.33 -9.54
CA TRP A 53 9.76 -5.79 -10.08
C TRP A 53 10.51 -6.87 -10.85
N ARG A 54 10.61 -6.70 -12.16
CA ARG A 54 11.31 -7.66 -13.01
C ARG A 54 10.67 -9.04 -12.91
N ASP A 55 9.34 -9.08 -12.87
CA ASP A 55 8.61 -10.34 -12.77
C ASP A 55 8.89 -11.02 -11.44
N THR A 56 8.91 -10.23 -10.37
CA THR A 56 9.17 -10.76 -9.03
C THR A 56 8.15 -10.23 -8.03
N GLU A 57 7.87 -11.03 -7.00
CA GLU A 57 6.91 -10.64 -5.98
C GLU A 57 7.57 -10.57 -4.60
N ARG A 58 7.33 -9.48 -3.88
CA ARG A 58 7.90 -9.29 -2.56
C ARG A 58 6.83 -8.92 -1.54
N HIS A 59 6.47 -9.89 -0.69
CA HIS A 59 5.45 -9.67 0.32
C HIS A 59 5.95 -8.69 1.39
N LEU A 60 5.09 -7.76 1.78
CA LEU A 60 5.44 -6.76 2.78
C LEU A 60 4.67 -6.99 4.07
N ALA A 61 5.09 -6.33 5.14
CA ALA A 61 4.43 -6.47 6.44
C ALA A 61 3.67 -5.20 6.80
N PRO A 62 2.65 -5.35 7.65
CA PRO A 62 1.81 -4.23 8.09
C PRO A 62 2.57 -3.26 9.01
N HIS A 63 3.46 -3.81 9.83
CA HIS A 63 4.25 -3.00 10.75
C HIS A 63 5.26 -2.15 10.00
N GLU A 64 5.85 -2.71 8.96
CA GLU A 64 6.84 -2.01 8.15
C GLU A 64 6.23 -0.75 7.54
N ASN A 65 7.05 0.03 6.83
CA ASN A 65 6.59 1.26 6.19
C ASN A 65 6.71 1.17 4.68
N PRO A 66 5.75 1.76 3.97
CA PRO A 66 5.72 1.76 2.50
C PRO A 66 6.83 2.62 1.91
N ILE A 67 6.92 3.85 2.37
CA ILE A 67 7.94 4.78 1.88
C ILE A 67 9.34 4.22 2.11
N ILE A 68 9.60 3.78 3.34
CA ILE A 68 10.90 3.22 3.69
C ILE A 68 11.26 2.05 2.79
N SER A 69 10.41 1.01 2.81
CA SER A 69 10.64 -0.18 2.00
C SER A 69 11.07 0.21 0.59
N LEU A 70 10.25 1.02 -0.07
CA LEU A 70 10.55 1.46 -1.43
C LEU A 70 11.86 2.24 -1.48
N ASN A 71 12.00 3.21 -0.58
CA ASN A 71 13.20 4.02 -0.51
C ASN A 71 14.45 3.19 -0.77
N LYS A 72 14.49 2.00 -0.17
CA LYS A 72 15.62 1.10 -0.34
C LYS A 72 16.17 1.16 -1.75
N TRP A 73 15.32 0.87 -2.73
CA TRP A 73 15.71 0.89 -4.13
C TRP A 73 16.52 2.14 -4.45
N GLY A 74 15.93 3.30 -4.20
CA GLY A 74 16.61 4.56 -4.46
C GLY A 74 16.64 4.92 -5.93
N GLN A 75 17.37 4.13 -6.72
CA GLN A 75 17.48 4.36 -8.15
C GLN A 75 16.29 3.75 -8.89
N TYR A 76 16.01 2.48 -8.60
CA TYR A 76 14.91 1.78 -9.25
C TYR A 76 13.70 1.72 -8.32
N ALA A 77 13.47 2.80 -7.58
CA ALA A 77 12.33 2.87 -6.66
C ALA A 77 11.03 3.07 -7.42
N SER A 78 10.96 4.15 -8.21
CA SER A 78 9.77 4.46 -8.98
C SER A 78 9.31 3.25 -9.79
N ASP A 79 10.26 2.61 -10.47
CA ASP A 79 9.97 1.44 -11.28
C ASP A 79 9.11 0.44 -10.51
N VAL A 80 9.44 0.25 -9.23
CA VAL A 80 8.70 -0.68 -8.39
C VAL A 80 7.27 -0.20 -8.18
N GLN A 81 6.31 -1.04 -8.54
CA GLN A 81 4.89 -0.71 -8.38
C GLN A 81 4.23 -1.65 -7.39
N LEU A 82 3.50 -1.08 -6.43
CA LEU A 82 2.80 -1.87 -5.42
C LEU A 82 1.44 -2.33 -5.93
N ILE A 83 0.96 -3.44 -5.38
CA ILE A 83 -0.33 -3.98 -5.78
C ILE A 83 -1.13 -4.45 -4.57
N LEU A 84 -2.38 -3.99 -4.48
CA LEU A 84 -3.25 -4.36 -3.37
C LEU A 84 -3.89 -5.72 -3.62
N ARG A 85 -3.43 -6.73 -2.90
CA ARG A 85 -3.96 -8.08 -3.04
C ARG A 85 -4.78 -8.48 -1.81
N ARG A 86 -5.98 -8.98 -2.04
CA ARG A 86 -6.86 -9.39 -0.95
C ARG A 86 -6.56 -10.83 -0.53
N THR A 87 -5.95 -11.00 0.64
CA THR A 87 -5.61 -12.32 1.14
C THR A 87 -6.41 -12.64 2.40
N GLY A 88 -7.67 -13.03 2.22
CA GLY A 88 -8.52 -13.37 3.34
C GLY A 88 -9.62 -14.33 2.97
N PRO A 89 -10.04 -15.16 3.94
CA PRO A 89 -11.10 -16.15 3.73
C PRO A 89 -12.47 -15.51 3.57
N SER A 90 -13.49 -16.33 3.33
CA SER A 90 -14.85 -15.83 3.15
C SER A 90 -15.69 -16.13 4.39
N GLY A 91 -16.67 -15.27 4.64
CA GLY A 91 -17.54 -15.46 5.80
C GLY A 91 -17.31 -14.40 6.87
N PRO A 92 -17.97 -14.58 8.03
CA PRO A 92 -17.85 -13.66 9.15
C PRO A 92 -16.48 -13.71 9.81
N SER A 93 -15.58 -12.84 9.36
CA SER A 93 -14.23 -12.79 9.90
C SER A 93 -13.66 -11.38 9.83
N SER A 94 -12.49 -11.18 10.42
CA SER A 94 -11.83 -9.88 10.42
C SER A 94 -10.41 -9.99 9.88
N GLY A 95 -9.63 -10.90 10.44
CA GLY A 95 -8.25 -11.08 10.01
C GLY A 95 -7.25 -10.61 11.03
N GLY A 1 -9.51 6.89 8.49
CA GLY A 1 -8.83 7.44 7.34
C GLY A 1 -8.62 8.93 7.45
N SER A 2 -7.77 9.34 8.39
CA SER A 2 -7.48 10.76 8.59
C SER A 2 -6.58 11.31 7.49
N SER A 3 -7.10 12.28 6.74
CA SER A 3 -6.35 12.88 5.65
C SER A 3 -6.49 14.40 5.66
N GLY A 4 -5.60 15.07 4.95
CA GLY A 4 -5.65 16.52 4.89
C GLY A 4 -4.34 17.17 5.33
N SER A 5 -3.23 16.61 4.86
CA SER A 5 -1.92 17.14 5.22
C SER A 5 -0.87 16.74 4.18
N SER A 6 0.07 17.63 3.91
CA SER A 6 1.11 17.38 2.94
C SER A 6 1.92 16.13 3.31
N GLY A 7 2.16 15.28 2.32
CA GLY A 7 2.91 14.06 2.56
C GLY A 7 3.51 13.48 1.29
N MET A 8 3.74 12.17 1.30
CA MET A 8 4.32 11.50 0.14
C MET A 8 3.25 10.73 -0.63
N GLU A 9 3.45 10.59 -1.94
CA GLU A 9 2.50 9.87 -2.78
C GLU A 9 2.96 8.44 -3.03
N LEU A 10 2.01 7.52 -3.06
CA LEU A 10 2.31 6.10 -3.28
C LEU A 10 1.41 5.52 -4.37
N LYS A 11 2.02 5.01 -5.43
CA LYS A 11 1.28 4.41 -6.53
C LYS A 11 1.11 2.91 -6.32
N VAL A 12 -0.13 2.49 -6.07
CA VAL A 12 -0.43 1.08 -5.86
C VAL A 12 -1.59 0.62 -6.73
N TRP A 13 -1.31 -0.30 -7.65
CA TRP A 13 -2.33 -0.82 -8.55
C TRP A 13 -3.39 -1.59 -7.78
N VAL A 14 -4.65 -1.20 -7.97
CA VAL A 14 -5.76 -1.85 -7.29
C VAL A 14 -6.81 -2.32 -8.29
N ASP A 15 -7.00 -3.64 -8.37
CA ASP A 15 -7.97 -4.22 -9.29
C ASP A 15 -7.75 -3.71 -10.70
N GLY A 16 -6.49 -3.61 -11.11
CA GLY A 16 -6.17 -3.14 -12.45
C GLY A 16 -6.45 -1.65 -12.61
N VAL A 17 -6.37 -0.91 -11.51
CA VAL A 17 -6.60 0.53 -11.54
C VAL A 17 -5.60 1.26 -10.65
N GLN A 18 -4.88 2.20 -11.24
CA GLN A 18 -3.89 2.98 -10.51
C GLN A 18 -4.55 3.84 -9.44
N ARG A 19 -4.05 3.75 -8.21
CA ARG A 19 -4.61 4.51 -7.10
C ARG A 19 -3.49 5.15 -6.28
N ILE A 20 -3.49 6.48 -6.23
CA ILE A 20 -2.48 7.21 -5.47
C ILE A 20 -3.04 7.69 -4.13
N VAL A 21 -2.22 7.60 -3.09
CA VAL A 21 -2.62 8.03 -1.76
C VAL A 21 -1.88 9.29 -1.34
N CYS A 22 -2.63 10.28 -0.85
CA CYS A 22 -2.04 11.54 -0.41
C CYS A 22 -2.05 11.65 1.11
N GLY A 23 -1.01 12.26 1.67
CA GLY A 23 -0.92 12.41 3.10
C GLY A 23 -0.31 11.21 3.78
N VAL A 24 0.66 10.58 3.11
CA VAL A 24 1.33 9.40 3.66
C VAL A 24 2.72 9.76 4.20
N THR A 25 2.91 9.54 5.50
CA THR A 25 4.19 9.84 6.14
C THR A 25 4.99 8.57 6.38
N GLU A 26 6.31 8.68 6.34
CA GLU A 26 7.19 7.54 6.57
C GLU A 26 6.70 6.70 7.74
N VAL A 27 6.23 7.37 8.78
CA VAL A 27 5.73 6.69 9.97
C VAL A 27 4.62 5.70 9.61
N THR A 28 3.77 6.10 8.67
CA THR A 28 2.66 5.26 8.24
C THR A 28 3.15 3.85 7.88
N THR A 29 2.67 2.86 8.63
CA THR A 29 3.06 1.48 8.40
C THR A 29 2.40 0.93 7.14
N CYS A 30 2.94 -0.17 6.64
CA CYS A 30 2.40 -0.80 5.43
C CYS A 30 0.90 -1.01 5.55
N GLN A 31 0.45 -1.36 6.76
CA GLN A 31 -0.98 -1.59 7.00
C GLN A 31 -1.78 -0.31 6.79
N GLU A 32 -1.63 0.63 7.72
CA GLU A 32 -2.35 1.90 7.63
C GLU A 32 -2.50 2.35 6.19
N VAL A 33 -1.50 2.01 5.37
CA VAL A 33 -1.52 2.38 3.95
C VAL A 33 -2.70 1.73 3.23
N VAL A 34 -2.78 0.42 3.34
CA VAL A 34 -3.87 -0.33 2.70
C VAL A 34 -5.22 0.06 3.27
N ILE A 35 -5.22 0.50 4.52
CA ILE A 35 -6.46 0.92 5.18
C ILE A 35 -7.17 1.99 4.38
N ALA A 36 -6.47 3.09 4.12
CA ALA A 36 -7.04 4.19 3.36
C ALA A 36 -7.71 3.70 2.08
N LEU A 37 -7.05 2.77 1.40
CA LEU A 37 -7.58 2.21 0.16
C LEU A 37 -8.89 1.45 0.41
N ALA A 38 -8.86 0.53 1.36
CA ALA A 38 -10.05 -0.26 1.70
C ALA A 38 -11.23 0.65 2.02
N GLN A 39 -10.98 1.68 2.82
CA GLN A 39 -12.03 2.62 3.21
C GLN A 39 -12.61 3.32 1.98
N ALA A 40 -11.72 3.72 1.07
CA ALA A 40 -12.14 4.41 -0.15
C ALA A 40 -13.07 3.53 -0.98
N ILE A 41 -12.62 2.31 -1.26
CA ILE A 41 -13.41 1.38 -2.05
C ILE A 41 -14.61 0.87 -1.25
N GLY A 42 -14.53 0.97 0.06
CA GLY A 42 -15.61 0.52 0.91
C GLY A 42 -15.42 -0.91 1.39
N ARG A 43 -15.07 -1.80 0.47
CA ARG A 43 -14.86 -3.20 0.80
C ARG A 43 -13.92 -3.34 2.00
N THR A 44 -14.50 -3.73 3.14
CA THR A 44 -13.72 -3.90 4.37
C THR A 44 -13.02 -5.26 4.39
N GLY A 45 -11.87 -5.31 5.05
CA GLY A 45 -11.12 -6.54 5.14
C GLY A 45 -9.63 -6.31 5.30
N ARG A 46 -8.89 -7.36 5.65
CA ARG A 46 -7.46 -7.27 5.84
C ARG A 46 -6.72 -7.41 4.50
N TYR A 47 -5.98 -6.38 4.13
CA TYR A 47 -5.22 -6.38 2.88
C TYR A 47 -3.73 -6.26 3.14
N THR A 48 -2.93 -6.37 2.08
CA THR A 48 -1.49 -6.27 2.20
C THR A 48 -0.89 -5.62 0.96
N LEU A 49 0.38 -5.22 1.06
CA LEU A 49 1.08 -4.59 -0.05
C LEU A 49 2.03 -5.57 -0.73
N ILE A 50 2.01 -5.59 -2.05
CA ILE A 50 2.87 -6.47 -2.82
C ILE A 50 3.44 -5.77 -4.05
N GLU A 51 4.76 -5.56 -4.05
CA GLU A 51 5.42 -4.89 -5.17
C GLU A 51 5.98 -5.92 -6.15
N LYS A 52 5.65 -5.73 -7.43
CA LYS A 52 6.12 -6.63 -8.48
C LYS A 52 7.12 -5.93 -9.39
N TRP A 53 8.34 -6.47 -9.44
CA TRP A 53 9.39 -5.89 -10.28
C TRP A 53 10.16 -6.99 -11.00
N ARG A 54 10.46 -6.75 -12.28
CA ARG A 54 11.19 -7.72 -13.08
C ARG A 54 10.77 -9.14 -12.75
N ASP A 55 9.47 -9.33 -12.56
CA ASP A 55 8.92 -10.65 -12.24
C ASP A 55 9.30 -11.06 -10.82
N THR A 56 9.25 -10.09 -9.90
CA THR A 56 9.58 -10.35 -8.51
C THR A 56 8.55 -9.73 -7.57
N GLU A 57 7.68 -10.57 -7.02
CA GLU A 57 6.64 -10.11 -6.11
C GLU A 57 6.87 -10.66 -4.70
N ARG A 58 6.75 -9.78 -3.70
CA ARG A 58 6.95 -10.18 -2.31
C ARG A 58 5.97 -9.44 -1.40
N HIS A 59 5.35 -10.18 -0.50
CA HIS A 59 4.39 -9.60 0.44
C HIS A 59 5.11 -8.78 1.51
N LEU A 60 4.80 -7.50 1.57
CA LEU A 60 5.42 -6.60 2.54
C LEU A 60 5.00 -6.98 3.96
N ALA A 61 5.82 -6.59 4.93
CA ALA A 61 5.54 -6.89 6.33
C ALA A 61 4.60 -5.84 6.93
N PRO A 62 3.72 -6.28 7.85
CA PRO A 62 2.76 -5.40 8.51
C PRO A 62 3.43 -4.43 9.48
N HIS A 63 4.71 -4.65 9.73
CA HIS A 63 5.48 -3.80 10.64
C HIS A 63 6.53 -2.99 9.88
N GLU A 64 6.62 -3.23 8.57
CA GLU A 64 7.59 -2.54 7.73
C GLU A 64 6.96 -1.29 7.11
N ASN A 65 7.74 -0.60 6.29
CA ASN A 65 7.26 0.62 5.62
C ASN A 65 7.49 0.53 4.11
N PRO A 66 6.52 1.05 3.34
CA PRO A 66 6.60 1.05 1.88
C PRO A 66 7.67 2.01 1.35
N ILE A 67 7.63 3.24 1.82
CA ILE A 67 8.60 4.25 1.39
C ILE A 67 10.03 3.75 1.57
N ILE A 68 10.27 3.05 2.68
CA ILE A 68 11.59 2.52 2.97
C ILE A 68 11.88 1.28 2.13
N SER A 69 10.83 0.55 1.79
CA SER A 69 10.95 -0.67 0.99
C SER A 69 11.38 -0.34 -0.43
N LEU A 70 10.84 0.76 -0.96
CA LEU A 70 11.16 1.18 -2.32
C LEU A 70 12.54 1.85 -2.37
N ASN A 71 12.87 2.59 -1.32
CA ASN A 71 14.16 3.27 -1.25
C ASN A 71 15.30 2.29 -1.43
N LYS A 72 15.02 1.02 -1.21
CA LYS A 72 16.02 -0.03 -1.34
C LYS A 72 16.59 -0.06 -2.77
N TRP A 73 15.71 -0.24 -3.74
CA TRP A 73 16.11 -0.28 -5.15
C TRP A 73 17.02 0.90 -5.48
N GLY A 74 16.60 2.10 -5.07
CA GLY A 74 17.38 3.29 -5.34
C GLY A 74 17.37 3.66 -6.81
N GLN A 75 18.19 2.96 -7.60
CA GLN A 75 18.27 3.23 -9.03
C GLN A 75 17.11 2.59 -9.77
N TYR A 76 16.46 1.62 -9.13
CA TYR A 76 15.33 0.93 -9.73
C TYR A 76 14.13 0.93 -8.80
N ALA A 77 13.88 2.09 -8.18
CA ALA A 77 12.75 2.23 -7.27
C ALA A 77 11.45 2.49 -8.03
N SER A 78 11.48 3.50 -8.90
CA SER A 78 10.30 3.85 -9.69
C SER A 78 9.80 2.64 -10.49
N ASP A 79 10.70 2.04 -11.26
CA ASP A 79 10.35 0.88 -12.07
C ASP A 79 9.43 -0.06 -11.31
N VAL A 80 9.69 -0.22 -10.02
CA VAL A 80 8.89 -1.09 -9.17
C VAL A 80 7.45 -0.61 -9.08
N GLN A 81 6.52 -1.54 -9.08
CA GLN A 81 5.10 -1.20 -8.99
C GLN A 81 4.43 -1.93 -7.84
N LEU A 82 3.71 -1.18 -7.01
CA LEU A 82 3.02 -1.76 -5.86
C LEU A 82 1.62 -2.23 -6.24
N ILE A 83 1.15 -3.28 -5.58
CA ILE A 83 -0.17 -3.82 -5.85
C ILE A 83 -0.88 -4.22 -4.56
N LEU A 84 -2.12 -3.76 -4.40
CA LEU A 84 -2.90 -4.07 -3.21
C LEU A 84 -3.71 -5.34 -3.41
N ARG A 85 -3.60 -6.26 -2.45
CA ARG A 85 -4.32 -7.53 -2.52
C ARG A 85 -4.84 -7.93 -1.15
N ARG A 86 -5.91 -8.72 -1.14
CA ARG A 86 -6.52 -9.17 0.11
C ARG A 86 -5.69 -10.28 0.75
N THR A 87 -5.53 -10.22 2.06
CA THR A 87 -4.76 -11.21 2.80
C THR A 87 -5.62 -11.91 3.84
N GLY A 88 -6.86 -12.22 3.48
CA GLY A 88 -7.76 -12.89 4.40
C GLY A 88 -9.16 -13.05 3.83
N PRO A 89 -9.84 -14.13 4.24
CA PRO A 89 -11.20 -14.42 3.77
C PRO A 89 -12.23 -13.44 4.33
N SER A 90 -12.55 -12.41 3.56
CA SER A 90 -13.51 -11.40 3.97
C SER A 90 -13.22 -10.94 5.40
N GLY A 91 -11.95 -10.83 5.75
CA GLY A 91 -11.56 -10.41 7.08
C GLY A 91 -11.75 -11.51 8.11
N PRO A 92 -10.86 -11.54 9.11
CA PRO A 92 -10.90 -12.53 10.19
C PRO A 92 -12.09 -12.33 11.11
N SER A 93 -12.38 -11.07 11.44
CA SER A 93 -13.48 -10.74 12.33
C SER A 93 -14.61 -10.06 11.55
N SER A 94 -15.75 -9.87 12.22
CA SER A 94 -16.90 -9.24 11.60
C SER A 94 -16.59 -7.80 11.21
N GLY A 95 -17.35 -7.28 10.24
CA GLY A 95 -17.14 -5.92 9.79
C GLY A 95 -17.30 -5.77 8.29
N GLY A 1 -6.46 7.07 13.34
CA GLY A 1 -6.15 8.42 13.80
C GLY A 1 -5.82 9.36 12.66
N SER A 2 -4.63 9.93 12.70
CA SER A 2 -4.19 10.86 11.65
C SER A 2 -2.98 10.32 10.92
N SER A 3 -2.66 10.93 9.78
CA SER A 3 -1.52 10.50 8.97
C SER A 3 -0.59 11.68 8.69
N GLY A 4 -1.16 12.76 8.15
CA GLY A 4 -0.36 13.94 7.84
C GLY A 4 -0.72 14.54 6.50
N SER A 5 -0.47 15.83 6.35
CA SER A 5 -0.77 16.53 5.10
C SER A 5 0.46 16.61 4.20
N SER A 6 1.49 17.31 4.68
CA SER A 6 2.72 17.48 3.92
C SER A 6 3.56 16.20 3.98
N GLY A 7 3.35 15.32 3.01
CA GLY A 7 4.09 14.07 2.96
C GLY A 7 4.37 13.61 1.55
N MET A 8 4.11 12.35 1.27
CA MET A 8 4.33 11.79 -0.05
C MET A 8 3.15 10.93 -0.49
N GLU A 9 3.22 10.40 -1.71
CA GLU A 9 2.16 9.57 -2.25
C GLU A 9 2.71 8.21 -2.71
N LEU A 10 1.87 7.19 -2.64
CA LEU A 10 2.27 5.84 -3.03
C LEU A 10 1.37 5.31 -4.15
N LYS A 11 1.99 4.89 -5.24
CA LYS A 11 1.25 4.37 -6.39
C LYS A 11 1.00 2.87 -6.22
N VAL A 12 -0.27 2.50 -6.10
CA VAL A 12 -0.65 1.10 -5.95
C VAL A 12 -1.70 0.69 -6.97
N TRP A 13 -1.78 -0.60 -7.24
CA TRP A 13 -2.74 -1.13 -8.20
C TRP A 13 -3.84 -1.91 -7.50
N VAL A 14 -5.02 -1.32 -7.42
CA VAL A 14 -6.16 -1.97 -6.77
C VAL A 14 -7.15 -2.51 -7.80
N ASP A 15 -7.10 -3.81 -8.04
CA ASP A 15 -8.00 -4.45 -9.00
C ASP A 15 -7.75 -3.91 -10.41
N GLY A 16 -6.48 -3.77 -10.77
CA GLY A 16 -6.13 -3.26 -12.09
C GLY A 16 -6.40 -1.77 -12.22
N VAL A 17 -6.49 -1.08 -11.09
CA VAL A 17 -6.76 0.35 -11.09
C VAL A 17 -5.73 1.09 -10.22
N GLN A 18 -5.01 2.02 -10.85
CA GLN A 18 -4.00 2.80 -10.13
C GLN A 18 -4.65 3.75 -9.14
N ARG A 19 -4.36 3.56 -7.87
CA ARG A 19 -4.92 4.41 -6.82
C ARG A 19 -3.81 5.14 -6.06
N ILE A 20 -3.70 6.44 -6.29
CA ILE A 20 -2.68 7.25 -5.63
C ILE A 20 -3.16 7.73 -4.26
N VAL A 21 -2.33 7.53 -3.25
CA VAL A 21 -2.67 7.95 -1.89
C VAL A 21 -1.60 8.87 -1.31
N CYS A 22 -1.87 10.17 -1.35
CA CYS A 22 -0.94 11.16 -0.83
C CYS A 22 -1.20 11.44 0.65
N GLY A 23 -0.16 11.91 1.34
CA GLY A 23 -0.31 12.21 2.76
C GLY A 23 0.37 11.17 3.63
N VAL A 24 0.86 10.11 3.01
CA VAL A 24 1.53 9.04 3.74
C VAL A 24 3.03 9.32 3.88
N THR A 25 3.51 9.35 5.12
CA THR A 25 4.92 9.61 5.39
C THR A 25 5.65 8.33 5.78
N GLU A 26 6.92 8.47 6.12
CA GLU A 26 7.73 7.31 6.53
C GLU A 26 7.25 6.74 7.86
N VAL A 27 6.75 7.61 8.72
CA VAL A 27 6.25 7.19 10.03
C VAL A 27 5.04 6.29 9.89
N THR A 28 4.41 6.33 8.71
CA THR A 28 3.23 5.52 8.44
C THR A 28 3.61 4.09 8.08
N THR A 29 2.90 3.13 8.65
CA THR A 29 3.17 1.72 8.38
C THR A 29 2.38 1.23 7.16
N CYS A 30 2.64 0.00 6.76
CA CYS A 30 1.96 -0.59 5.61
C CYS A 30 0.46 -0.73 5.88
N GLN A 31 0.12 -1.43 6.97
CA GLN A 31 -1.27 -1.64 7.33
C GLN A 31 -2.09 -0.36 7.13
N GLU A 32 -1.67 0.70 7.80
CA GLU A 32 -2.37 1.98 7.71
C GLU A 32 -2.70 2.30 6.25
N VAL A 33 -1.68 2.51 5.44
CA VAL A 33 -1.86 2.82 4.03
C VAL A 33 -3.01 2.01 3.44
N VAL A 34 -2.95 0.69 3.60
CA VAL A 34 -3.98 -0.19 3.08
C VAL A 34 -5.37 0.27 3.51
N ILE A 35 -5.50 0.64 4.79
CA ILE A 35 -6.78 1.10 5.31
C ILE A 35 -7.45 2.09 4.36
N ALA A 36 -6.72 3.15 4.03
CA ALA A 36 -7.24 4.17 3.11
C ALA A 36 -7.89 3.53 1.89
N LEU A 37 -7.08 2.83 1.10
CA LEU A 37 -7.59 2.17 -0.10
C LEU A 37 -8.78 1.28 0.22
N ALA A 38 -8.68 0.54 1.31
CA ALA A 38 -9.75 -0.36 1.74
C ALA A 38 -11.06 0.40 1.91
N GLN A 39 -10.96 1.67 2.30
CA GLN A 39 -12.14 2.51 2.50
C GLN A 39 -12.57 3.16 1.19
N ALA A 40 -11.63 3.31 0.27
CA ALA A 40 -11.91 3.91 -1.02
C ALA A 40 -12.48 2.90 -1.99
N ILE A 41 -12.34 1.62 -1.66
CA ILE A 41 -12.84 0.55 -2.50
C ILE A 41 -14.24 0.11 -2.07
N GLY A 42 -14.51 0.23 -0.77
CA GLY A 42 -15.81 -0.16 -0.25
C GLY A 42 -15.71 -1.29 0.75
N ARG A 43 -16.52 -1.22 1.81
CA ARG A 43 -16.53 -2.25 2.84
C ARG A 43 -15.11 -2.61 3.24
N THR A 44 -14.33 -1.61 3.63
CA THR A 44 -12.95 -1.82 4.05
C THR A 44 -12.79 -3.16 4.76
N GLY A 45 -11.62 -3.77 4.61
CA GLY A 45 -11.36 -5.05 5.25
C GLY A 45 -9.91 -5.24 5.61
N ARG A 46 -9.19 -5.99 4.78
CA ARG A 46 -7.76 -6.25 5.02
C ARG A 46 -7.08 -6.73 3.74
N TYR A 47 -6.09 -5.95 3.29
CA TYR A 47 -5.35 -6.30 2.08
C TYR A 47 -3.85 -6.26 2.33
N THR A 48 -3.10 -6.98 1.49
CA THR A 48 -1.65 -7.03 1.63
C THR A 48 -0.97 -6.23 0.53
N LEU A 49 0.20 -5.68 0.83
CA LEU A 49 0.96 -4.90 -0.14
C LEU A 49 2.05 -5.73 -0.79
N ILE A 50 2.09 -5.71 -2.12
CA ILE A 50 3.09 -6.46 -2.86
C ILE A 50 3.77 -5.59 -3.91
N GLU A 51 5.09 -5.62 -3.93
CA GLU A 51 5.85 -4.83 -4.89
C GLU A 51 6.31 -5.70 -6.07
N LYS A 52 5.87 -5.35 -7.27
CA LYS A 52 6.24 -6.09 -8.47
C LYS A 52 7.32 -5.34 -9.25
N TRP A 53 8.39 -6.05 -9.59
CA TRP A 53 9.49 -5.47 -10.34
C TRP A 53 10.29 -6.55 -11.06
N ARG A 54 10.69 -6.27 -12.29
CA ARG A 54 11.47 -7.21 -13.08
C ARG A 54 11.05 -8.65 -12.78
N ASP A 55 9.74 -8.86 -12.65
CA ASP A 55 9.21 -10.19 -12.36
C ASP A 55 9.64 -10.65 -10.96
N THR A 56 9.42 -9.79 -9.97
CA THR A 56 9.77 -10.10 -8.60
C THR A 56 8.67 -9.69 -7.64
N GLU A 57 7.97 -10.69 -7.09
CA GLU A 57 6.88 -10.42 -6.15
C GLU A 57 7.33 -10.67 -4.71
N ARG A 58 7.16 -9.65 -3.86
CA ARG A 58 7.56 -9.77 -2.47
C ARG A 58 6.43 -9.28 -1.55
N HIS A 59 6.16 -10.05 -0.50
CA HIS A 59 5.12 -9.70 0.45
C HIS A 59 5.66 -8.80 1.57
N LEU A 60 4.94 -7.72 1.86
CA LEU A 60 5.35 -6.79 2.89
C LEU A 60 4.59 -7.05 4.19
N ALA A 61 5.27 -6.84 5.32
CA ALA A 61 4.67 -7.04 6.63
C ALA A 61 3.77 -5.87 7.01
N PRO A 62 2.70 -6.17 7.74
CA PRO A 62 1.73 -5.15 8.19
C PRO A 62 2.32 -4.23 9.26
N HIS A 63 3.50 -4.60 9.76
CA HIS A 63 4.18 -3.80 10.79
C HIS A 63 5.31 -2.99 10.17
N GLU A 64 5.77 -3.40 9.00
CA GLU A 64 6.86 -2.71 8.32
C GLU A 64 6.36 -1.46 7.61
N ASN A 65 7.26 -0.78 6.92
CA ASN A 65 6.91 0.44 6.20
C ASN A 65 7.18 0.30 4.70
N PRO A 66 6.32 0.90 3.88
CA PRO A 66 6.45 0.85 2.42
C PRO A 66 7.65 1.66 1.92
N ILE A 67 7.81 2.86 2.47
CA ILE A 67 8.91 3.73 2.09
C ILE A 67 10.26 3.16 2.54
N ILE A 68 10.36 2.83 3.82
CA ILE A 68 11.59 2.27 4.38
C ILE A 68 12.00 1.00 3.63
N SER A 69 11.02 0.32 3.05
CA SER A 69 11.27 -0.91 2.30
C SER A 69 11.66 -0.60 0.87
N LEU A 70 10.72 0.00 0.13
CA LEU A 70 10.96 0.35 -1.27
C LEU A 70 12.23 1.20 -1.40
N ASN A 71 12.52 1.99 -0.38
CA ASN A 71 13.69 2.86 -0.40
C ASN A 71 14.93 2.07 -0.81
N LYS A 72 15.02 0.82 -0.36
CA LYS A 72 16.15 -0.03 -0.68
C LYS A 72 16.55 0.13 -2.14
N TRP A 73 15.55 0.20 -3.02
CA TRP A 73 15.80 0.36 -4.45
C TRP A 73 16.53 1.66 -4.74
N GLY A 74 15.97 2.77 -4.26
CA GLY A 74 16.59 4.07 -4.48
C GLY A 74 16.59 4.47 -5.94
N GLN A 75 17.61 4.03 -6.68
CA GLN A 75 17.73 4.34 -8.09
C GLN A 75 16.53 3.83 -8.87
N TYR A 76 16.14 2.58 -8.60
CA TYR A 76 15.02 1.96 -9.27
C TYR A 76 13.83 1.81 -8.34
N ALA A 77 13.57 2.86 -7.55
CA ALA A 77 12.47 2.85 -6.60
C ALA A 77 11.14 3.13 -7.30
N SER A 78 11.07 4.25 -8.00
CA SER A 78 9.87 4.64 -8.72
C SER A 78 9.38 3.50 -9.61
N ASP A 79 10.28 2.96 -10.42
CA ASP A 79 9.94 1.86 -11.32
C ASP A 79 9.05 0.84 -10.62
N VAL A 80 9.36 0.58 -9.35
CA VAL A 80 8.59 -0.39 -8.57
C VAL A 80 7.16 0.10 -8.34
N GLN A 81 6.19 -0.79 -8.55
CA GLN A 81 4.79 -0.45 -8.37
C GLN A 81 4.14 -1.35 -7.32
N LEU A 82 3.26 -0.77 -6.52
CA LEU A 82 2.57 -1.52 -5.46
C LEU A 82 1.28 -2.12 -5.99
N ILE A 83 0.86 -3.23 -5.40
CA ILE A 83 -0.38 -3.91 -5.80
C ILE A 83 -1.17 -4.37 -4.59
N LEU A 84 -2.37 -3.81 -4.43
CA LEU A 84 -3.24 -4.16 -3.31
C LEU A 84 -3.95 -5.48 -3.57
N ARG A 85 -3.53 -6.54 -2.88
CA ARG A 85 -4.14 -7.85 -3.04
C ARG A 85 -4.99 -8.20 -1.83
N ARG A 86 -5.83 -9.23 -1.98
CA ARG A 86 -6.70 -9.66 -0.90
C ARG A 86 -6.31 -11.06 -0.42
N THR A 87 -6.55 -11.33 0.86
CA THR A 87 -6.22 -12.62 1.44
C THR A 87 -7.46 -13.31 1.98
N GLY A 88 -8.22 -12.60 2.82
CA GLY A 88 -9.43 -13.16 3.39
C GLY A 88 -9.85 -12.47 4.67
N PRO A 89 -11.17 -12.39 4.90
CA PRO A 89 -11.71 -11.75 6.10
C PRO A 89 -11.43 -12.54 7.36
N SER A 90 -11.09 -11.82 8.44
CA SER A 90 -10.79 -12.47 9.71
C SER A 90 -11.80 -12.05 10.78
N GLY A 91 -12.03 -10.75 10.89
CA GLY A 91 -12.97 -10.25 11.87
C GLY A 91 -12.82 -8.75 12.11
N PRO A 92 -13.17 -7.95 11.09
CA PRO A 92 -13.08 -6.49 11.17
C PRO A 92 -14.11 -5.90 12.12
N SER A 93 -13.76 -4.77 12.74
CA SER A 93 -14.65 -4.11 13.68
C SER A 93 -14.80 -2.63 13.34
N SER A 94 -16.02 -2.11 13.45
CA SER A 94 -16.29 -0.71 13.15
C SER A 94 -15.36 0.20 13.94
N GLY A 95 -15.15 1.41 13.43
CA GLY A 95 -14.29 2.37 14.10
C GLY A 95 -12.83 2.17 13.74
N GLY A 1 -12.93 13.70 4.56
CA GLY A 1 -12.63 14.94 3.86
C GLY A 1 -11.50 15.69 4.50
N SER A 2 -10.54 16.13 3.70
CA SER A 2 -9.39 16.87 4.19
C SER A 2 -8.95 17.93 3.19
N SER A 3 -8.89 19.18 3.65
CA SER A 3 -8.49 20.30 2.78
C SER A 3 -6.99 20.57 2.93
N GLY A 4 -6.25 20.38 1.85
CA GLY A 4 -4.83 20.61 1.86
C GLY A 4 -4.08 19.57 2.66
N SER A 5 -3.46 18.62 1.94
CA SER A 5 -2.70 17.55 2.59
C SER A 5 -1.31 17.43 2.00
N SER A 6 -0.29 17.59 2.84
CA SER A 6 1.09 17.51 2.39
C SER A 6 1.69 16.16 2.75
N GLY A 7 2.25 15.49 1.75
CA GLY A 7 2.86 14.18 1.99
C GLY A 7 3.48 13.61 0.72
N MET A 8 3.64 12.28 0.70
CA MET A 8 4.22 11.60 -0.45
C MET A 8 3.13 11.07 -1.38
N GLU A 9 3.55 10.39 -2.44
CA GLU A 9 2.60 9.83 -3.41
C GLU A 9 2.92 8.37 -3.68
N LEU A 10 2.01 7.48 -3.29
CA LEU A 10 2.21 6.05 -3.50
C LEU A 10 1.33 5.55 -4.65
N LYS A 11 1.97 5.06 -5.70
CA LYS A 11 1.26 4.54 -6.86
C LYS A 11 1.01 3.05 -6.72
N VAL A 12 -0.27 2.68 -6.62
CA VAL A 12 -0.65 1.28 -6.48
C VAL A 12 -1.73 0.90 -7.50
N TRP A 13 -1.71 -0.34 -7.94
CA TRP A 13 -2.68 -0.83 -8.92
C TRP A 13 -3.89 -1.45 -8.22
N VAL A 14 -5.00 -0.72 -8.22
CA VAL A 14 -6.22 -1.20 -7.59
C VAL A 14 -7.35 -1.32 -8.61
N ASP A 15 -7.79 -2.55 -8.84
CA ASP A 15 -8.86 -2.82 -9.79
C ASP A 15 -8.51 -2.29 -11.18
N GLY A 16 -7.23 -2.37 -11.52
CA GLY A 16 -6.78 -1.90 -12.82
C GLY A 16 -6.76 -0.38 -12.91
N VAL A 17 -6.61 0.27 -11.76
CA VAL A 17 -6.58 1.72 -11.71
C VAL A 17 -5.55 2.22 -10.71
N GLN A 18 -4.68 3.12 -11.15
CA GLN A 18 -3.63 3.67 -10.29
C GLN A 18 -4.24 4.59 -9.22
N ARG A 19 -4.22 4.11 -7.98
CA ARG A 19 -4.77 4.88 -6.86
C ARG A 19 -3.66 5.53 -6.05
N ILE A 20 -3.56 6.85 -6.14
CA ILE A 20 -2.53 7.59 -5.41
C ILE A 20 -3.06 8.09 -4.08
N VAL A 21 -2.24 7.99 -3.04
CA VAL A 21 -2.63 8.43 -1.71
C VAL A 21 -1.65 9.47 -1.17
N CYS A 22 -2.12 10.70 -1.01
CA CYS A 22 -1.28 11.78 -0.50
C CYS A 22 -1.40 11.89 1.01
N GLY A 23 -0.37 12.45 1.64
CA GLY A 23 -0.37 12.60 3.09
C GLY A 23 0.41 11.51 3.78
N VAL A 24 0.59 10.38 3.11
CA VAL A 24 1.32 9.25 3.67
C VAL A 24 2.79 9.61 3.89
N THR A 25 3.24 9.48 5.13
CA THR A 25 4.63 9.78 5.48
C THR A 25 5.34 8.57 6.07
N GLU A 26 6.65 8.69 6.26
CA GLU A 26 7.43 7.60 6.81
C GLU A 26 6.70 6.94 7.98
N VAL A 27 6.16 7.76 8.87
CA VAL A 27 5.44 7.26 10.03
C VAL A 27 4.36 6.26 9.62
N THR A 28 3.48 6.69 8.72
CA THR A 28 2.40 5.83 8.25
C THR A 28 2.93 4.46 7.84
N THR A 29 2.51 3.43 8.57
CA THR A 29 2.93 2.06 8.27
C THR A 29 2.05 1.42 7.22
N CYS A 30 2.60 0.45 6.50
CA CYS A 30 1.86 -0.25 5.46
C CYS A 30 0.41 -0.46 5.87
N GLN A 31 0.20 -1.13 6.99
CA GLN A 31 -1.14 -1.40 7.49
C GLN A 31 -2.02 -0.16 7.37
N GLU A 32 -1.55 0.95 7.93
CA GLU A 32 -2.30 2.19 7.88
C GLU A 32 -2.68 2.55 6.44
N VAL A 33 -1.75 2.30 5.52
CA VAL A 33 -1.99 2.60 4.10
C VAL A 33 -2.92 1.56 3.48
N VAL A 34 -2.43 0.33 3.38
CA VAL A 34 -3.22 -0.75 2.80
C VAL A 34 -4.66 -0.71 3.29
N ILE A 35 -4.84 -0.39 4.57
CA ILE A 35 -6.16 -0.32 5.16
C ILE A 35 -6.93 0.89 4.64
N ALA A 36 -6.20 1.98 4.38
CA ALA A 36 -6.83 3.19 3.87
C ALA A 36 -7.49 2.96 2.52
N LEU A 37 -6.92 2.06 1.74
CA LEU A 37 -7.46 1.74 0.42
C LEU A 37 -8.74 0.91 0.55
N ALA A 38 -8.65 -0.21 1.25
CA ALA A 38 -9.79 -1.09 1.45
C ALA A 38 -11.01 -0.29 1.92
N GLN A 39 -10.78 0.66 2.82
CA GLN A 39 -11.86 1.48 3.35
C GLN A 39 -12.43 2.39 2.27
N ALA A 40 -11.54 3.02 1.51
CA ALA A 40 -11.95 3.92 0.44
C ALA A 40 -12.83 3.20 -0.58
N ILE A 41 -12.35 2.07 -1.08
CA ILE A 41 -13.09 1.28 -2.06
C ILE A 41 -14.40 0.77 -1.47
N GLY A 42 -14.40 0.55 -0.15
CA GLY A 42 -15.60 0.06 0.50
C GLY A 42 -15.36 -1.24 1.25
N ARG A 43 -15.05 -2.30 0.51
CA ARG A 43 -14.80 -3.61 1.10
C ARG A 43 -13.99 -3.47 2.38
N THR A 44 -14.46 -4.10 3.46
CA THR A 44 -13.77 -4.05 4.74
C THR A 44 -13.15 -5.40 5.08
N GLY A 45 -12.07 -5.37 5.85
CA GLY A 45 -11.40 -6.59 6.24
C GLY A 45 -9.91 -6.41 6.40
N ARG A 46 -9.13 -7.27 5.73
CA ARG A 46 -7.68 -7.20 5.79
C ARG A 46 -7.07 -7.24 4.40
N TYR A 47 -5.98 -6.50 4.22
CA TYR A 47 -5.30 -6.44 2.94
C TYR A 47 -3.78 -6.48 3.11
N THR A 48 -3.06 -6.63 2.00
CA THR A 48 -1.60 -6.68 2.04
C THR A 48 -1.00 -6.00 0.80
N LEU A 49 0.17 -5.42 0.98
CA LEU A 49 0.86 -4.75 -0.12
C LEU A 49 1.87 -5.67 -0.79
N ILE A 50 1.78 -5.80 -2.10
CA ILE A 50 2.70 -6.66 -2.85
C ILE A 50 3.50 -5.84 -3.86
N GLU A 51 4.83 -5.91 -3.75
CA GLU A 51 5.71 -5.18 -4.65
C GLU A 51 6.20 -6.09 -5.78
N LYS A 52 5.80 -5.77 -7.01
CA LYS A 52 6.19 -6.55 -8.17
C LYS A 52 7.43 -5.95 -8.83
N TRP A 53 8.43 -6.79 -9.07
CA TRP A 53 9.67 -6.34 -9.70
C TRP A 53 10.37 -7.50 -10.40
N ARG A 54 10.91 -7.22 -11.59
CA ARG A 54 11.60 -8.24 -12.37
C ARG A 54 10.93 -9.60 -12.21
N ASP A 55 9.60 -9.60 -12.26
CA ASP A 55 8.84 -10.83 -12.12
C ASP A 55 9.06 -11.46 -10.75
N THR A 56 9.03 -10.64 -9.71
CA THR A 56 9.24 -11.12 -8.35
C THR A 56 8.24 -10.48 -7.38
N GLU A 57 7.28 -11.28 -6.92
CA GLU A 57 6.27 -10.79 -5.99
C GLU A 57 6.64 -11.14 -4.55
N ARG A 58 6.48 -10.17 -3.65
CA ARG A 58 6.79 -10.38 -2.25
C ARG A 58 5.79 -9.66 -1.35
N HIS A 59 5.37 -10.33 -0.29
CA HIS A 59 4.40 -9.76 0.65
C HIS A 59 5.12 -9.06 1.80
N LEU A 60 4.74 -7.81 2.06
CA LEU A 60 5.35 -7.03 3.14
C LEU A 60 4.55 -7.18 4.43
N ALA A 61 5.20 -6.94 5.55
CA ALA A 61 4.54 -7.04 6.85
C ALA A 61 3.88 -5.72 7.24
N PRO A 62 2.87 -5.80 8.12
CA PRO A 62 2.15 -4.62 8.58
C PRO A 62 2.99 -3.72 9.47
N HIS A 63 4.20 -4.17 9.78
CA HIS A 63 5.11 -3.40 10.62
C HIS A 63 6.16 -2.68 9.78
N GLU A 64 6.06 -2.83 8.46
CA GLU A 64 7.00 -2.20 7.54
C GLU A 64 6.39 -0.93 6.95
N ASN A 65 7.24 -0.15 6.27
CA ASN A 65 6.79 1.09 5.65
C ASN A 65 6.80 0.98 4.13
N PRO A 66 5.76 1.54 3.49
CA PRO A 66 5.62 1.52 2.03
C PRO A 66 6.66 2.40 1.34
N ILE A 67 7.06 3.48 2.01
CA ILE A 67 8.04 4.40 1.46
C ILE A 67 9.45 3.82 1.53
N ILE A 68 9.91 3.56 2.76
CA ILE A 68 11.23 2.99 2.97
C ILE A 68 11.39 1.66 2.24
N SER A 69 10.43 0.77 2.43
CA SER A 69 10.46 -0.54 1.80
C SER A 69 10.98 -0.44 0.36
N LEU A 70 10.67 0.68 -0.29
CA LEU A 70 11.10 0.91 -1.66
C LEU A 70 12.46 1.60 -1.70
N ASN A 71 12.61 2.67 -0.92
CA ASN A 71 13.85 3.41 -0.86
C ASN A 71 15.05 2.48 -1.02
N LYS A 72 14.92 1.27 -0.50
CA LYS A 72 16.00 0.28 -0.58
C LYS A 72 16.56 0.20 -1.99
N TRP A 73 15.67 -0.02 -2.96
CA TRP A 73 16.08 -0.12 -4.35
C TRP A 73 16.78 1.17 -4.80
N GLY A 74 16.15 2.31 -4.52
CA GLY A 74 16.73 3.58 -4.91
C GLY A 74 16.79 3.77 -6.41
N GLN A 75 17.93 3.46 -7.01
CA GLN A 75 18.10 3.61 -8.44
C GLN A 75 16.99 2.88 -9.20
N TYR A 76 16.55 1.75 -8.65
CA TYR A 76 15.49 0.97 -9.27
C TYR A 76 14.23 0.97 -8.41
N ALA A 77 13.93 2.11 -7.81
CA ALA A 77 12.76 2.24 -6.95
C ALA A 77 11.49 2.36 -7.79
N SER A 78 11.54 3.21 -8.81
CA SER A 78 10.39 3.43 -9.69
C SER A 78 9.97 2.12 -10.37
N ASP A 79 10.97 1.38 -10.85
CA ASP A 79 10.71 0.10 -11.53
C ASP A 79 9.71 -0.74 -10.74
N VAL A 80 9.85 -0.72 -9.41
CA VAL A 80 8.96 -1.47 -8.54
C VAL A 80 7.52 -0.95 -8.63
N GLN A 81 6.57 -1.88 -8.73
CA GLN A 81 5.17 -1.51 -8.82
C GLN A 81 4.36 -2.14 -7.68
N LEU A 82 3.58 -1.32 -6.99
CA LEU A 82 2.77 -1.80 -5.88
C LEU A 82 1.42 -2.33 -6.38
N ILE A 83 0.86 -3.28 -5.64
CA ILE A 83 -0.42 -3.87 -6.01
C ILE A 83 -1.23 -4.23 -4.77
N LEU A 84 -2.38 -3.58 -4.60
CA LEU A 84 -3.24 -3.84 -3.46
C LEU A 84 -4.07 -5.10 -3.67
N ARG A 85 -3.76 -6.15 -2.93
CA ARG A 85 -4.47 -7.42 -3.04
C ARG A 85 -5.26 -7.72 -1.77
N ARG A 86 -6.22 -8.61 -1.87
CA ARG A 86 -7.06 -8.99 -0.72
C ARG A 86 -6.78 -10.43 -0.30
N THR A 87 -6.28 -10.60 0.91
CA THR A 87 -5.97 -11.92 1.44
C THR A 87 -7.10 -12.91 1.16
N GLY A 88 -8.33 -12.48 1.46
CA GLY A 88 -9.48 -13.33 1.23
C GLY A 88 -10.79 -12.61 1.45
N PRO A 89 -11.82 -12.97 0.67
CA PRO A 89 -13.15 -12.37 0.76
C PRO A 89 -13.87 -12.75 2.05
N SER A 90 -13.82 -11.85 3.04
CA SER A 90 -14.46 -12.10 4.32
C SER A 90 -15.09 -10.82 4.87
N GLY A 91 -16.41 -10.83 5.01
CA GLY A 91 -17.10 -9.66 5.53
C GLY A 91 -18.04 -9.06 4.50
N PRO A 92 -19.16 -8.48 4.99
CA PRO A 92 -20.16 -7.84 4.12
C PRO A 92 -19.65 -6.56 3.49
N SER A 93 -20.52 -5.89 2.73
CA SER A 93 -20.15 -4.65 2.06
C SER A 93 -20.73 -3.45 2.80
N SER A 94 -20.04 -2.32 2.71
CA SER A 94 -20.49 -1.10 3.38
C SER A 94 -20.26 0.12 2.49
N GLY A 95 -20.83 1.26 2.89
CA GLY A 95 -20.68 2.47 2.12
C GLY A 95 -21.76 3.49 2.43
N GLY A 1 -4.15 6.52 10.76
CA GLY A 1 -4.74 7.82 11.07
C GLY A 1 -3.91 8.97 10.54
N SER A 2 -4.54 9.83 9.75
CA SER A 2 -3.85 10.98 9.18
C SER A 2 -4.69 12.25 9.33
N SER A 3 -4.08 13.39 9.03
CA SER A 3 -4.78 14.68 9.14
C SER A 3 -3.99 15.78 8.44
N GLY A 4 -4.58 16.36 7.41
CA GLY A 4 -3.92 17.42 6.67
C GLY A 4 -3.98 17.20 5.16
N SER A 5 -3.31 18.07 4.42
CA SER A 5 -3.29 17.98 2.96
C SER A 5 -1.87 18.11 2.42
N SER A 6 -0.92 17.47 3.11
CA SER A 6 0.48 17.52 2.71
C SER A 6 1.21 16.24 3.13
N GLY A 7 1.89 15.62 2.18
CA GLY A 7 2.63 14.40 2.48
C GLY A 7 3.32 13.83 1.25
N MET A 8 3.39 12.50 1.19
CA MET A 8 4.03 11.83 0.06
C MET A 8 3.01 11.06 -0.76
N GLU A 9 3.33 10.82 -2.03
CA GLU A 9 2.43 10.09 -2.92
C GLU A 9 2.92 8.65 -3.12
N LEU A 10 1.97 7.73 -3.20
CA LEU A 10 2.29 6.32 -3.40
C LEU A 10 1.39 5.69 -4.45
N LYS A 11 2.00 5.09 -5.46
CA LYS A 11 1.25 4.44 -6.54
C LYS A 11 1.06 2.96 -6.25
N VAL A 12 -0.18 2.58 -5.92
CA VAL A 12 -0.50 1.20 -5.63
C VAL A 12 -1.67 0.71 -6.48
N TRP A 13 -1.38 -0.21 -7.40
CA TRP A 13 -2.40 -0.76 -8.27
C TRP A 13 -3.51 -1.45 -7.47
N VAL A 14 -4.66 -0.80 -7.39
CA VAL A 14 -5.79 -1.35 -6.65
C VAL A 14 -6.88 -1.83 -7.59
N ASP A 15 -6.95 -3.14 -7.79
CA ASP A 15 -7.95 -3.73 -8.67
C ASP A 15 -7.68 -3.38 -10.13
N GLY A 16 -6.40 -3.38 -10.50
CA GLY A 16 -6.02 -3.05 -11.86
C GLY A 16 -6.18 -1.57 -12.17
N VAL A 17 -6.15 -0.74 -11.13
CA VAL A 17 -6.29 0.69 -11.29
C VAL A 17 -5.27 1.45 -10.44
N GLN A 18 -4.65 2.46 -11.03
CA GLN A 18 -3.65 3.26 -10.32
C GLN A 18 -4.32 4.17 -9.30
N ARG A 19 -3.82 4.14 -8.06
CA ARG A 19 -4.38 4.96 -7.00
C ARG A 19 -3.26 5.63 -6.20
N ILE A 20 -3.18 6.95 -6.32
CA ILE A 20 -2.16 7.71 -5.61
C ILE A 20 -2.68 8.21 -4.26
N VAL A 21 -2.05 7.74 -3.18
CA VAL A 21 -2.45 8.15 -1.83
C VAL A 21 -1.57 9.28 -1.32
N CYS A 22 -2.14 10.47 -1.24
CA CYS A 22 -1.42 11.64 -0.75
C CYS A 22 -1.63 11.84 0.74
N GLY A 23 -0.55 12.12 1.47
CA GLY A 23 -0.65 12.34 2.89
C GLY A 23 0.18 11.34 3.69
N VAL A 24 0.30 10.13 3.15
CA VAL A 24 1.08 9.09 3.82
C VAL A 24 2.53 9.52 4.04
N THR A 25 2.94 9.54 5.30
CA THR A 25 4.30 9.94 5.65
C THR A 25 5.13 8.74 6.08
N GLU A 26 6.43 8.97 6.31
CA GLU A 26 7.32 7.91 6.73
C GLU A 26 6.75 7.14 7.91
N VAL A 27 6.22 7.87 8.88
CA VAL A 27 5.62 7.26 10.06
C VAL A 27 4.59 6.20 9.68
N THR A 28 3.81 6.49 8.65
CA THR A 28 2.79 5.57 8.18
C THR A 28 3.38 4.22 7.81
N THR A 29 2.68 3.15 8.17
CA THR A 29 3.16 1.80 7.87
C THR A 29 2.43 1.22 6.67
N CYS A 30 2.76 -0.02 6.32
CA CYS A 30 2.14 -0.69 5.18
C CYS A 30 0.70 -1.07 5.49
N GLN A 31 0.40 -1.28 6.77
CA GLN A 31 -0.94 -1.66 7.20
C GLN A 31 -1.85 -0.43 7.26
N GLU A 32 -1.25 0.72 7.54
CA GLU A 32 -2.01 1.97 7.64
C GLU A 32 -2.43 2.46 6.26
N VAL A 33 -1.69 2.04 5.23
CA VAL A 33 -1.99 2.43 3.86
C VAL A 33 -3.13 1.58 3.28
N VAL A 34 -2.90 0.28 3.21
CA VAL A 34 -3.91 -0.64 2.68
C VAL A 34 -5.31 -0.27 3.18
N ILE A 35 -5.40 0.00 4.48
CA ILE A 35 -6.68 0.37 5.08
C ILE A 35 -7.30 1.56 4.37
N ALA A 36 -6.59 2.67 4.35
CA ALA A 36 -7.07 3.89 3.69
C ALA A 36 -7.64 3.58 2.31
N LEU A 37 -7.04 2.60 1.64
CA LEU A 37 -7.48 2.20 0.31
C LEU A 37 -8.79 1.41 0.37
N ALA A 38 -8.82 0.43 1.27
CA ALA A 38 -10.00 -0.41 1.44
C ALA A 38 -11.21 0.43 1.85
N GLN A 39 -10.99 1.33 2.80
CA GLN A 39 -12.06 2.20 3.29
C GLN A 39 -12.68 3.00 2.15
N ALA A 40 -11.84 3.39 1.19
CA ALA A 40 -12.31 4.16 0.04
C ALA A 40 -13.16 3.30 -0.89
N ILE A 41 -12.57 2.22 -1.38
CA ILE A 41 -13.27 1.30 -2.28
C ILE A 41 -14.47 0.67 -1.59
N GLY A 42 -14.42 0.62 -0.27
CA GLY A 42 -15.52 0.04 0.49
C GLY A 42 -15.41 -1.46 0.61
N ARG A 43 -14.28 -1.93 1.14
CA ARG A 43 -14.05 -3.36 1.31
C ARG A 43 -13.31 -3.65 2.61
N THR A 44 -13.12 -4.92 2.91
CA THR A 44 -12.43 -5.33 4.12
C THR A 44 -11.10 -4.60 4.29
N GLY A 45 -10.65 -4.46 5.52
CA GLY A 45 -9.40 -3.77 5.79
C GLY A 45 -8.20 -4.69 5.63
N ARG A 46 -8.37 -5.96 5.98
CA ARG A 46 -7.30 -6.93 5.88
C ARG A 46 -6.78 -7.03 4.44
N TYR A 47 -5.57 -6.53 4.22
CA TYR A 47 -4.97 -6.56 2.89
C TYR A 47 -3.45 -6.49 2.99
N THR A 48 -2.78 -6.91 1.92
CA THR A 48 -1.32 -6.91 1.88
C THR A 48 -0.81 -6.17 0.64
N LEU A 49 0.35 -5.55 0.79
CA LEU A 49 0.96 -4.80 -0.32
C LEU A 49 2.05 -5.62 -1.01
N ILE A 50 1.76 -6.07 -2.23
CA ILE A 50 2.71 -6.86 -3.00
C ILE A 50 3.48 -6.00 -3.99
N GLU A 51 4.80 -5.98 -3.86
CA GLU A 51 5.64 -5.19 -4.74
C GLU A 51 6.12 -6.03 -5.93
N LYS A 52 5.51 -5.83 -7.09
CA LYS A 52 5.87 -6.56 -8.29
C LYS A 52 6.90 -5.80 -9.11
N TRP A 53 8.07 -6.40 -9.30
CA TRP A 53 9.14 -5.77 -10.07
C TRP A 53 9.90 -6.80 -10.88
N ARG A 54 10.23 -6.45 -12.12
CA ARG A 54 10.96 -7.34 -13.01
C ARG A 54 10.56 -8.80 -12.75
N ASP A 55 9.27 -9.03 -12.57
CA ASP A 55 8.75 -10.37 -12.32
C ASP A 55 9.20 -10.87 -10.96
N THR A 56 9.07 -10.03 -9.95
CA THR A 56 9.47 -10.39 -8.58
C THR A 56 8.38 -10.03 -7.59
N GLU A 57 7.64 -11.04 -7.13
CA GLU A 57 6.56 -10.82 -6.16
C GLU A 57 7.05 -11.10 -4.74
N ARG A 58 6.66 -10.24 -3.81
CA ARG A 58 7.05 -10.38 -2.41
C ARG A 58 6.04 -9.71 -1.50
N HIS A 59 5.68 -10.41 -0.41
CA HIS A 59 4.72 -9.87 0.55
C HIS A 59 5.43 -9.03 1.61
N LEU A 60 5.02 -7.77 1.73
CA LEU A 60 5.61 -6.87 2.71
C LEU A 60 4.90 -6.98 4.05
N ALA A 61 5.69 -6.99 5.12
CA ALA A 61 5.14 -7.09 6.47
C ALA A 61 4.33 -5.85 6.82
N PRO A 62 3.26 -6.04 7.61
CA PRO A 62 2.39 -4.94 8.04
C PRO A 62 3.08 -4.01 9.03
N HIS A 63 4.29 -4.38 9.45
CA HIS A 63 5.05 -3.57 10.39
C HIS A 63 6.11 -2.74 9.67
N GLU A 64 6.39 -3.10 8.42
CA GLU A 64 7.38 -2.39 7.62
C GLU A 64 6.78 -1.12 7.00
N ASN A 65 7.60 -0.38 6.28
CA ASN A 65 7.16 0.85 5.64
C ASN A 65 7.35 0.78 4.13
N PRO A 66 6.36 1.30 3.38
CA PRO A 66 6.41 1.31 1.92
C PRO A 66 7.45 2.27 1.37
N ILE A 67 7.42 3.51 1.85
CA ILE A 67 8.37 4.53 1.42
C ILE A 67 9.80 4.09 1.69
N ILE A 68 10.00 3.39 2.80
CA ILE A 68 11.33 2.91 3.17
C ILE A 68 11.68 1.64 2.42
N SER A 69 10.70 0.75 2.27
CA SER A 69 10.90 -0.52 1.57
C SER A 69 11.21 -0.28 0.10
N LEU A 70 10.56 0.72 -0.49
CA LEU A 70 10.76 1.04 -1.89
C LEU A 70 12.04 1.85 -2.08
N ASN A 71 12.33 2.74 -1.13
CA ASN A 71 13.52 3.57 -1.19
C ASN A 71 14.77 2.72 -1.46
N LYS A 72 14.90 1.63 -0.70
CA LYS A 72 16.03 0.73 -0.85
C LYS A 72 16.45 0.64 -2.32
N TRP A 73 15.54 0.17 -3.16
CA TRP A 73 15.82 0.03 -4.59
C TRP A 73 16.51 1.27 -5.14
N GLY A 74 15.93 2.44 -4.86
CA GLY A 74 16.51 3.68 -5.34
C GLY A 74 16.66 3.72 -6.84
N GLN A 75 17.80 3.24 -7.34
CA GLN A 75 18.06 3.23 -8.78
C GLN A 75 16.90 2.60 -9.53
N TYR A 76 16.43 1.46 -9.05
CA TYR A 76 15.32 0.76 -9.68
C TYR A 76 14.07 0.80 -8.80
N ALA A 77 13.86 1.93 -8.14
CA ALA A 77 12.71 2.10 -7.26
C ALA A 77 11.44 2.29 -8.08
N SER A 78 11.42 3.33 -8.90
CA SER A 78 10.26 3.63 -9.73
C SER A 78 9.74 2.36 -10.43
N ASP A 79 10.67 1.61 -11.01
CA ASP A 79 10.32 0.38 -11.71
C ASP A 79 9.39 -0.48 -10.85
N VAL A 80 9.64 -0.50 -9.54
CA VAL A 80 8.84 -1.28 -8.62
C VAL A 80 7.39 -0.79 -8.60
N GLN A 81 6.45 -1.71 -8.80
CA GLN A 81 5.04 -1.37 -8.79
C GLN A 81 4.30 -2.12 -7.69
N LEU A 82 3.55 -1.37 -6.88
CA LEU A 82 2.80 -1.96 -5.78
C LEU A 82 1.42 -2.43 -6.26
N ILE A 83 0.94 -3.53 -5.69
CA ILE A 83 -0.36 -4.07 -6.05
C ILE A 83 -1.15 -4.48 -4.81
N LEU A 84 -2.31 -3.85 -4.62
CA LEU A 84 -3.17 -4.14 -3.48
C LEU A 84 -4.03 -5.37 -3.74
N ARG A 85 -3.80 -6.44 -2.98
CA ARG A 85 -4.57 -7.67 -3.13
C ARG A 85 -4.65 -8.42 -1.81
N ARG A 86 -5.84 -8.96 -1.53
CA ARG A 86 -6.06 -9.71 -0.29
C ARG A 86 -5.26 -11.00 -0.29
N THR A 87 -4.93 -11.49 0.90
CA THR A 87 -4.17 -12.72 1.04
C THR A 87 -4.77 -13.62 2.11
N GLY A 88 -5.75 -14.44 1.72
CA GLY A 88 -6.39 -15.33 2.65
C GLY A 88 -7.50 -14.65 3.45
N PRO A 89 -8.69 -14.56 2.86
CA PRO A 89 -9.85 -13.94 3.49
C PRO A 89 -10.38 -14.75 4.66
N SER A 90 -10.50 -14.11 5.82
CA SER A 90 -10.99 -14.78 7.02
C SER A 90 -11.40 -13.77 8.09
N GLY A 91 -12.36 -14.15 8.91
CA GLY A 91 -12.82 -13.26 9.96
C GLY A 91 -14.23 -12.73 9.72
N PRO A 92 -14.74 -11.91 10.65
CA PRO A 92 -16.08 -11.32 10.54
C PRO A 92 -16.16 -10.28 9.44
N SER A 93 -17.38 -9.88 9.09
CA SER A 93 -17.60 -8.89 8.04
C SER A 93 -16.98 -7.55 8.42
N SER A 94 -16.58 -6.78 7.41
CA SER A 94 -15.96 -5.49 7.64
C SER A 94 -16.99 -4.37 7.48
N GLY A 95 -17.78 -4.44 6.41
CA GLY A 95 -18.79 -3.43 6.17
C GLY A 95 -19.34 -3.49 4.76
N GLY A 1 -6.08 29.09 12.12
CA GLY A 1 -6.95 28.14 12.76
C GLY A 1 -7.38 27.01 11.83
N SER A 2 -6.39 26.37 11.20
CA SER A 2 -6.66 25.28 10.27
C SER A 2 -5.40 24.46 10.02
N SER A 3 -5.52 23.14 10.17
CA SER A 3 -4.39 22.25 9.95
C SER A 3 -4.11 22.06 8.46
N GLY A 4 -3.05 21.33 8.16
CA GLY A 4 -2.68 21.09 6.77
C GLY A 4 -1.88 19.82 6.59
N SER A 5 -2.38 18.92 5.75
CA SER A 5 -1.70 17.65 5.50
C SER A 5 -0.60 17.83 4.45
N SER A 6 0.44 17.02 4.55
CA SER A 6 1.55 17.08 3.62
C SER A 6 2.44 15.84 3.73
N GLY A 7 2.72 15.21 2.61
CA GLY A 7 3.55 14.02 2.60
C GLY A 7 3.89 13.55 1.20
N MET A 8 4.53 12.39 1.11
CA MET A 8 4.91 11.83 -0.19
C MET A 8 3.72 11.15 -0.86
N GLU A 9 3.94 10.65 -2.07
CA GLU A 9 2.89 9.98 -2.83
C GLU A 9 3.23 8.51 -3.06
N LEU A 10 2.20 7.67 -3.18
CA LEU A 10 2.41 6.24 -3.41
C LEU A 10 1.44 5.73 -4.47
N LYS A 11 1.98 5.01 -5.45
CA LYS A 11 1.16 4.45 -6.53
C LYS A 11 0.92 2.97 -6.30
N VAL A 12 -0.31 2.62 -5.92
CA VAL A 12 -0.67 1.23 -5.68
C VAL A 12 -1.82 0.80 -6.59
N TRP A 13 -1.68 -0.38 -7.18
CA TRP A 13 -2.71 -0.92 -8.08
C TRP A 13 -3.84 -1.55 -7.28
N VAL A 14 -5.07 -1.26 -7.69
CA VAL A 14 -6.25 -1.81 -7.03
C VAL A 14 -7.31 -2.25 -8.03
N ASP A 15 -7.49 -3.56 -8.15
CA ASP A 15 -8.47 -4.12 -9.08
C ASP A 15 -8.26 -3.56 -10.49
N GLY A 16 -6.99 -3.35 -10.84
CA GLY A 16 -6.69 -2.83 -12.17
C GLY A 16 -6.84 -1.32 -12.24
N VAL A 17 -6.71 -0.67 -11.09
CA VAL A 17 -6.83 0.79 -11.02
C VAL A 17 -5.74 1.40 -10.15
N GLN A 18 -5.01 2.36 -10.71
CA GLN A 18 -3.93 3.01 -9.98
C GLN A 18 -4.49 4.04 -9.00
N ARG A 19 -4.10 3.91 -7.73
CA ARG A 19 -4.57 4.83 -6.70
C ARG A 19 -3.40 5.54 -6.05
N ILE A 20 -3.28 6.84 -6.31
CA ILE A 20 -2.19 7.64 -5.75
C ILE A 20 -2.61 8.25 -4.42
N VAL A 21 -2.00 7.76 -3.34
CA VAL A 21 -2.31 8.27 -2.00
C VAL A 21 -1.43 9.46 -1.65
N CYS A 22 -1.99 10.66 -1.76
CA CYS A 22 -1.26 11.89 -1.45
C CYS A 22 -1.51 12.32 -0.02
N GLY A 23 -0.46 12.29 0.79
CA GLY A 23 -0.58 12.67 2.19
C GLY A 23 -0.07 11.61 3.13
N VAL A 24 0.92 10.84 2.70
CA VAL A 24 1.49 9.79 3.51
C VAL A 24 2.83 10.20 4.11
N THR A 25 3.13 9.69 5.30
CA THR A 25 4.38 10.02 5.97
C THR A 25 5.20 8.76 6.25
N GLU A 26 6.35 8.94 6.89
CA GLU A 26 7.23 7.82 7.22
C GLU A 26 6.58 6.91 8.26
N VAL A 27 6.05 7.52 9.31
CA VAL A 27 5.40 6.77 10.38
C VAL A 27 4.29 5.88 9.83
N THR A 28 3.80 6.21 8.64
CA THR A 28 2.75 5.43 8.00
C THR A 28 3.24 4.06 7.59
N THR A 29 2.73 3.02 8.27
CA THR A 29 3.13 1.66 7.97
C THR A 29 2.30 1.09 6.82
N CYS A 30 2.63 -0.13 6.41
CA CYS A 30 1.92 -0.80 5.32
C CYS A 30 0.43 -0.87 5.62
N GLN A 31 0.07 -1.45 6.75
CA GLN A 31 -1.32 -1.58 7.15
C GLN A 31 -2.04 -0.24 7.05
N GLU A 32 -1.55 0.74 7.78
CA GLU A 32 -2.15 2.07 7.78
C GLU A 32 -2.61 2.45 6.38
N VAL A 33 -1.73 2.33 5.40
CA VAL A 33 -2.05 2.65 4.02
C VAL A 33 -3.12 1.72 3.47
N VAL A 34 -2.82 0.43 3.43
CA VAL A 34 -3.76 -0.57 2.92
C VAL A 34 -5.17 -0.28 3.41
N ILE A 35 -5.30 0.01 4.70
CA ILE A 35 -6.60 0.32 5.29
C ILE A 35 -7.30 1.46 4.54
N ALA A 36 -6.55 2.52 4.26
CA ALA A 36 -7.08 3.67 3.55
C ALA A 36 -7.74 3.25 2.24
N LEU A 37 -6.97 2.56 1.40
CA LEU A 37 -7.48 2.10 0.12
C LEU A 37 -8.77 1.30 0.29
N ALA A 38 -8.73 0.29 1.14
CA ALA A 38 -9.89 -0.55 1.40
C ALA A 38 -11.10 0.30 1.81
N GLN A 39 -10.90 1.16 2.81
CA GLN A 39 -11.96 2.02 3.28
C GLN A 39 -12.52 2.88 2.15
N ALA A 40 -11.66 3.22 1.20
CA ALA A 40 -12.06 4.05 0.06
C ALA A 40 -12.92 3.25 -0.91
N ILE A 41 -12.43 2.08 -1.33
CA ILE A 41 -13.17 1.24 -2.26
C ILE A 41 -14.43 0.66 -1.60
N GLY A 42 -14.38 0.50 -0.28
CA GLY A 42 -15.52 -0.03 0.44
C GLY A 42 -15.44 -1.53 0.61
N ARG A 43 -14.47 -1.99 1.42
CA ARG A 43 -14.30 -3.41 1.67
C ARG A 43 -13.72 -3.65 3.06
N THR A 44 -14.31 -4.60 3.79
CA THR A 44 -13.85 -4.93 5.13
C THR A 44 -13.24 -6.31 5.19
N GLY A 45 -11.92 -6.38 5.03
CA GLY A 45 -11.23 -7.66 5.07
C GLY A 45 -9.73 -7.50 5.11
N ARG A 46 -9.02 -8.63 4.97
CA ARG A 46 -7.55 -8.61 4.99
C ARG A 46 -7.00 -8.12 3.66
N TYR A 47 -5.86 -7.44 3.71
CA TYR A 47 -5.23 -6.91 2.51
C TYR A 47 -3.74 -6.64 2.75
N THR A 48 -2.93 -6.86 1.72
CA THR A 48 -1.49 -6.63 1.82
C THR A 48 -0.94 -6.02 0.53
N LEU A 49 0.29 -5.54 0.60
CA LEU A 49 0.94 -4.93 -0.56
C LEU A 49 1.96 -5.87 -1.18
N ILE A 50 2.13 -5.77 -2.49
CA ILE A 50 3.07 -6.62 -3.21
C ILE A 50 3.80 -5.83 -4.31
N GLU A 51 5.12 -5.76 -4.20
CA GLU A 51 5.92 -5.04 -5.18
C GLU A 51 6.37 -5.97 -6.30
N LYS A 52 5.70 -5.87 -7.45
CA LYS A 52 6.03 -6.71 -8.60
C LYS A 52 7.05 -6.01 -9.50
N TRP A 53 8.29 -6.45 -9.42
CA TRP A 53 9.36 -5.88 -10.24
C TRP A 53 10.07 -6.95 -11.04
N ARG A 54 10.33 -6.66 -12.31
CA ARG A 54 11.00 -7.61 -13.20
C ARG A 54 10.50 -9.03 -12.96
N ASP A 55 9.19 -9.18 -12.85
CA ASP A 55 8.58 -10.48 -12.62
C ASP A 55 8.98 -11.04 -11.26
N THR A 56 8.99 -10.17 -10.26
CA THR A 56 9.35 -10.56 -8.90
C THR A 56 8.35 -10.02 -7.88
N GLU A 57 7.61 -10.92 -7.25
CA GLU A 57 6.62 -10.53 -6.25
C GLU A 57 7.12 -10.83 -4.84
N ARG A 58 6.86 -9.91 -3.92
CA ARG A 58 7.28 -10.08 -2.54
C ARG A 58 6.31 -9.39 -1.58
N HIS A 59 5.84 -10.13 -0.59
CA HIS A 59 4.90 -9.60 0.39
C HIS A 59 5.64 -8.86 1.51
N LEU A 60 5.07 -7.74 1.95
CA LEU A 60 5.68 -6.94 3.01
C LEU A 60 5.01 -7.22 4.35
N ALA A 61 5.74 -7.01 5.44
CA ALA A 61 5.21 -7.24 6.78
C ALA A 61 4.17 -6.18 7.13
N PRO A 62 3.19 -6.57 7.95
CA PRO A 62 2.11 -5.69 8.38
C PRO A 62 2.60 -4.60 9.34
N HIS A 63 3.85 -4.74 9.77
CA HIS A 63 4.44 -3.78 10.70
C HIS A 63 5.57 -2.99 10.02
N GLU A 64 5.84 -3.32 8.76
CA GLU A 64 6.89 -2.65 8.00
C GLU A 64 6.31 -1.49 7.19
N ASN A 65 7.13 -0.46 6.99
CA ASN A 65 6.71 0.71 6.22
C ASN A 65 7.02 0.53 4.74
N PRO A 66 6.12 1.05 3.88
CA PRO A 66 6.29 0.96 2.42
C PRO A 66 7.43 1.83 1.92
N ILE A 67 7.43 3.10 2.32
CA ILE A 67 8.47 4.03 1.90
C ILE A 67 9.86 3.49 2.23
N ILE A 68 10.02 3.00 3.45
CA ILE A 68 11.30 2.46 3.90
C ILE A 68 11.69 1.25 3.05
N SER A 69 10.80 0.27 2.98
CA SER A 69 11.07 -0.94 2.20
C SER A 69 11.40 -0.59 0.75
N LEU A 70 10.67 0.37 0.20
CA LEU A 70 10.88 0.80 -1.18
C LEU A 70 12.22 1.50 -1.33
N ASN A 71 12.53 2.40 -0.39
CA ASN A 71 13.78 3.15 -0.42
C ASN A 71 14.94 2.25 -0.83
N LYS A 72 15.03 1.08 -0.19
CA LYS A 72 16.10 0.13 -0.49
C LYS A 72 16.43 0.14 -1.98
N TRP A 73 15.42 -0.05 -2.81
CA TRP A 73 15.62 -0.06 -4.26
C TRP A 73 16.44 1.14 -4.71
N GLY A 74 15.97 2.34 -4.36
CA GLY A 74 16.69 3.54 -4.74
C GLY A 74 16.79 3.72 -6.23
N GLN A 75 17.78 3.08 -6.84
CA GLN A 75 17.99 3.16 -8.28
C GLN A 75 16.81 2.58 -9.04
N TYR A 76 16.30 1.44 -8.55
CA TYR A 76 15.17 0.78 -9.19
C TYR A 76 13.94 0.85 -8.29
N ALA A 77 13.70 2.02 -7.70
CA ALA A 77 12.56 2.21 -6.82
C ALA A 77 11.30 2.52 -7.62
N SER A 78 11.37 3.56 -8.45
CA SER A 78 10.23 3.95 -9.28
C SER A 78 9.68 2.76 -10.05
N ASP A 79 10.57 2.03 -10.72
CA ASP A 79 10.17 0.87 -11.50
C ASP A 79 9.23 -0.03 -10.70
N VAL A 80 9.51 -0.15 -9.40
CA VAL A 80 8.69 -0.98 -8.52
C VAL A 80 7.30 -0.38 -8.34
N GLN A 81 6.28 -1.23 -8.43
CA GLN A 81 4.90 -0.79 -8.27
C GLN A 81 4.21 -1.57 -7.17
N LEU A 82 3.34 -0.89 -6.41
CA LEU A 82 2.60 -1.53 -5.34
C LEU A 82 1.33 -2.18 -5.85
N ILE A 83 0.88 -3.23 -5.17
CA ILE A 83 -0.34 -3.93 -5.55
C ILE A 83 -1.14 -4.35 -4.33
N LEU A 84 -2.41 -3.94 -4.30
CA LEU A 84 -3.28 -4.27 -3.18
C LEU A 84 -4.00 -5.59 -3.44
N ARG A 85 -3.45 -6.68 -2.92
CA ARG A 85 -4.03 -8.00 -3.09
C ARG A 85 -4.81 -8.42 -1.84
N ARG A 86 -5.69 -9.39 -1.99
CA ARG A 86 -6.50 -9.88 -0.88
C ARG A 86 -6.07 -11.29 -0.47
N THR A 87 -5.69 -11.44 0.79
CA THR A 87 -5.26 -12.74 1.31
C THR A 87 -5.63 -12.90 2.78
N GLY A 88 -6.56 -13.80 3.05
CA GLY A 88 -7.00 -14.03 4.41
C GLY A 88 -8.44 -14.50 4.49
N PRO A 89 -8.75 -15.29 5.54
CA PRO A 89 -10.09 -15.82 5.75
C PRO A 89 -11.09 -14.74 6.15
N SER A 90 -12.28 -14.80 5.58
CA SER A 90 -13.32 -13.82 5.87
C SER A 90 -14.26 -14.33 6.95
N GLY A 91 -14.20 -13.70 8.12
CA GLY A 91 -15.06 -14.10 9.24
C GLY A 91 -16.54 -14.00 8.89
N PRO A 92 -17.34 -14.89 9.50
CA PRO A 92 -18.79 -14.91 9.29
C PRO A 92 -19.49 -13.70 9.88
N SER A 93 -20.43 -13.14 9.12
CA SER A 93 -21.17 -11.97 9.58
C SER A 93 -22.58 -12.36 10.03
N SER A 94 -23.19 -11.51 10.85
CA SER A 94 -24.54 -11.77 11.34
C SER A 94 -25.59 -11.35 10.32
N GLY A 95 -25.94 -12.26 9.43
CA GLY A 95 -26.93 -11.97 8.41
C GLY A 95 -26.44 -12.29 7.01
N GLY A 1 1.02 9.45 16.23
CA GLY A 1 0.45 10.69 15.74
C GLY A 1 -0.05 10.57 14.32
N SER A 2 -1.36 10.36 14.17
CA SER A 2 -1.95 10.23 12.84
C SER A 2 -1.63 11.44 11.98
N SER A 3 -1.93 12.63 12.49
CA SER A 3 -1.67 13.86 11.76
C SER A 3 -0.18 14.05 11.51
N GLY A 4 0.15 14.68 10.39
CA GLY A 4 1.54 14.92 10.04
C GLY A 4 1.70 15.96 8.95
N SER A 5 2.92 16.47 8.81
CA SER A 5 3.21 17.49 7.80
C SER A 5 3.15 16.89 6.40
N SER A 6 3.31 17.73 5.39
CA SER A 6 3.26 17.29 4.00
C SER A 6 3.86 15.89 3.86
N GLY A 7 3.03 14.94 3.45
CA GLY A 7 3.50 13.58 3.28
C GLY A 7 3.97 13.30 1.86
N MET A 8 3.82 12.05 1.43
CA MET A 8 4.24 11.65 0.09
C MET A 8 3.11 10.92 -0.64
N GLU A 9 3.30 10.72 -1.93
CA GLU A 9 2.29 10.03 -2.75
C GLU A 9 2.76 8.63 -3.13
N LEU A 10 1.88 7.65 -2.95
CA LEU A 10 2.20 6.27 -3.28
C LEU A 10 1.31 5.75 -4.40
N LYS A 11 1.94 5.18 -5.43
CA LYS A 11 1.19 4.63 -6.57
C LYS A 11 1.00 3.13 -6.42
N VAL A 12 -0.21 2.73 -6.04
CA VAL A 12 -0.53 1.32 -5.86
C VAL A 12 -1.74 0.92 -6.71
N TRP A 13 -1.57 -0.15 -7.49
CA TRP A 13 -2.64 -0.63 -8.35
C TRP A 13 -3.84 -1.11 -7.52
N VAL A 14 -5.01 -0.58 -7.83
CA VAL A 14 -6.23 -0.95 -7.11
C VAL A 14 -7.31 -1.45 -8.07
N ASP A 15 -7.49 -2.76 -8.10
CA ASP A 15 -8.49 -3.37 -8.98
C ASP A 15 -8.22 -3.01 -10.44
N GLY A 16 -6.95 -2.91 -10.80
CA GLY A 16 -6.58 -2.58 -12.16
C GLY A 16 -6.37 -1.09 -12.36
N VAL A 17 -6.84 -0.30 -11.40
CA VAL A 17 -6.70 1.14 -11.46
C VAL A 17 -5.90 1.68 -10.28
N GLN A 18 -4.80 2.37 -10.57
CA GLN A 18 -3.94 2.92 -9.53
C GLN A 18 -4.66 4.05 -8.79
N ARG A 19 -4.46 4.10 -7.47
CA ARG A 19 -5.09 5.13 -6.66
C ARG A 19 -4.06 5.82 -5.77
N ILE A 20 -3.78 7.09 -6.07
CA ILE A 20 -2.81 7.85 -5.30
C ILE A 20 -3.39 8.28 -3.96
N VAL A 21 -2.61 8.09 -2.89
CA VAL A 21 -3.04 8.45 -1.56
C VAL A 21 -2.15 9.55 -0.97
N CYS A 22 -2.75 10.71 -0.73
CA CYS A 22 -2.02 11.84 -0.16
C CYS A 22 -1.89 11.72 1.35
N GLY A 23 -0.75 12.14 1.89
CA GLY A 23 -0.52 12.06 3.31
C GLY A 23 0.38 10.91 3.70
N VAL A 24 0.48 9.92 2.83
CA VAL A 24 1.32 8.75 3.08
C VAL A 24 2.79 9.14 3.19
N THR A 25 3.31 9.12 4.42
CA THR A 25 4.69 9.48 4.67
C THR A 25 5.50 8.27 5.13
N GLU A 26 6.82 8.43 5.20
CA GLU A 26 7.69 7.35 5.63
C GLU A 26 7.37 6.91 7.06
N VAL A 27 6.60 7.75 7.76
CA VAL A 27 6.22 7.44 9.13
C VAL A 27 5.01 6.50 9.18
N THR A 28 4.12 6.67 8.21
CA THR A 28 2.92 5.83 8.13
C THR A 28 3.28 4.40 7.78
N THR A 29 2.82 3.46 8.61
CA THR A 29 3.08 2.04 8.40
C THR A 29 2.28 1.51 7.22
N CYS A 30 2.64 0.32 6.74
CA CYS A 30 1.96 -0.30 5.62
C CYS A 30 0.50 -0.57 5.96
N GLN A 31 0.26 -1.16 7.14
CA GLN A 31 -1.09 -1.48 7.58
C GLN A 31 -2.00 -0.27 7.45
N GLU A 32 -1.46 0.91 7.74
CA GLU A 32 -2.23 2.15 7.66
C GLU A 32 -2.53 2.51 6.21
N VAL A 33 -1.73 1.97 5.30
CA VAL A 33 -1.92 2.23 3.87
C VAL A 33 -2.84 1.20 3.24
N VAL A 34 -2.47 -0.07 3.37
CA VAL A 34 -3.27 -1.16 2.81
C VAL A 34 -4.74 -0.99 3.16
N ILE A 35 -5.01 -0.54 4.38
CA ILE A 35 -6.37 -0.33 4.83
C ILE A 35 -6.98 0.94 4.24
N ALA A 36 -6.16 1.98 4.11
CA ALA A 36 -6.60 3.24 3.56
C ALA A 36 -7.17 3.05 2.15
N LEU A 37 -6.60 2.11 1.41
CA LEU A 37 -7.04 1.82 0.05
C LEU A 37 -8.42 1.17 0.05
N ALA A 38 -8.54 0.05 0.78
CA ALA A 38 -9.80 -0.66 0.86
C ALA A 38 -10.96 0.29 1.15
N GLN A 39 -10.75 1.19 2.09
CA GLN A 39 -11.78 2.16 2.46
C GLN A 39 -12.07 3.12 1.30
N ALA A 40 -11.00 3.65 0.72
CA ALA A 40 -11.12 4.58 -0.41
C ALA A 40 -11.98 3.98 -1.52
N ILE A 41 -11.79 2.69 -1.78
CA ILE A 41 -12.53 2.00 -2.82
C ILE A 41 -13.94 1.66 -2.35
N GLY A 42 -14.11 1.55 -1.03
CA GLY A 42 -15.41 1.22 -0.47
C GLY A 42 -15.45 -0.16 0.13
N ARG A 43 -14.99 -1.15 -0.63
CA ARG A 43 -14.98 -2.54 -0.16
C ARG A 43 -14.10 -2.69 1.08
N THR A 44 -14.73 -2.81 2.23
CA THR A 44 -14.00 -2.96 3.49
C THR A 44 -13.60 -4.41 3.71
N GLY A 45 -12.41 -4.59 4.30
CA GLY A 45 -11.93 -5.94 4.57
C GLY A 45 -10.45 -5.96 4.90
N ARG A 46 -9.83 -7.13 4.76
CA ARG A 46 -8.41 -7.28 5.04
C ARG A 46 -7.62 -7.48 3.75
N TYR A 47 -6.69 -6.58 3.48
CA TYR A 47 -5.87 -6.65 2.29
C TYR A 47 -4.39 -6.70 2.64
N THR A 48 -3.53 -6.74 1.62
CA THR A 48 -2.10 -6.79 1.82
C THR A 48 -1.35 -6.07 0.70
N LEU A 49 -0.14 -5.63 0.99
CA LEU A 49 0.68 -4.92 0.00
C LEU A 49 1.75 -5.84 -0.58
N ILE A 50 1.89 -5.82 -1.90
CA ILE A 50 2.87 -6.65 -2.58
C ILE A 50 3.70 -5.83 -3.56
N GLU A 51 5.02 -5.85 -3.38
CA GLU A 51 5.92 -5.10 -4.25
C GLU A 51 6.35 -5.96 -5.44
N LYS A 52 5.78 -5.68 -6.61
CA LYS A 52 6.10 -6.42 -7.82
C LYS A 52 7.16 -5.69 -8.63
N TRP A 53 8.37 -6.25 -8.65
CA TRP A 53 9.47 -5.64 -9.39
C TRP A 53 10.31 -6.72 -10.08
N ARG A 54 10.74 -6.43 -11.30
CA ARG A 54 11.55 -7.37 -12.07
C ARG A 54 10.98 -8.79 -11.97
N ASP A 55 9.67 -8.91 -12.15
CA ASP A 55 9.00 -10.20 -12.08
C ASP A 55 9.20 -10.84 -10.71
N THR A 56 9.33 -10.00 -9.69
CA THR A 56 9.53 -10.48 -8.33
C THR A 56 8.53 -9.84 -7.37
N GLU A 57 7.51 -10.61 -6.97
CA GLU A 57 6.49 -10.13 -6.06
C GLU A 57 6.53 -10.90 -4.74
N ARG A 58 6.43 -10.17 -3.62
CA ARG A 58 6.45 -10.78 -2.31
C ARG A 58 5.62 -9.97 -1.32
N HIS A 59 4.97 -10.67 -0.39
CA HIS A 59 4.13 -10.01 0.60
C HIS A 59 4.98 -9.17 1.55
N LEU A 60 4.43 -8.03 1.97
CA LEU A 60 5.16 -7.13 2.88
C LEU A 60 4.61 -7.26 4.29
N ALA A 61 5.35 -6.72 5.25
CA ALA A 61 4.94 -6.75 6.65
C ALA A 61 4.02 -5.59 6.99
N PRO A 62 3.05 -5.84 7.89
CA PRO A 62 2.08 -4.83 8.30
C PRO A 62 2.71 -3.73 9.16
N HIS A 63 3.85 -4.06 9.77
CA HIS A 63 4.56 -3.10 10.62
C HIS A 63 5.57 -2.31 9.80
N GLU A 64 6.01 -2.88 8.68
CA GLU A 64 6.98 -2.22 7.82
C GLU A 64 6.36 -1.00 7.14
N ASN A 65 7.18 -0.27 6.40
CA ASN A 65 6.72 0.92 5.69
C ASN A 65 7.00 0.81 4.21
N PRO A 66 6.07 1.34 3.38
CA PRO A 66 6.20 1.32 1.92
C PRO A 66 7.31 2.23 1.43
N ILE A 67 7.35 3.45 1.96
CA ILE A 67 8.36 4.42 1.56
C ILE A 67 9.77 3.84 1.68
N ILE A 68 9.97 3.02 2.71
CA ILE A 68 11.26 2.39 2.94
C ILE A 68 11.60 1.40 1.83
N SER A 69 10.63 0.55 1.49
CA SER A 69 10.83 -0.44 0.44
C SER A 69 11.54 0.17 -0.77
N LEU A 70 11.00 1.27 -1.27
CA LEU A 70 11.57 1.95 -2.42
C LEU A 70 12.94 2.54 -2.07
N ASN A 71 13.00 3.27 -0.96
CA ASN A 71 14.23 3.89 -0.51
C ASN A 71 15.41 2.92 -0.66
N LYS A 72 15.17 1.65 -0.35
CA LYS A 72 16.20 0.62 -0.44
C LYS A 72 16.60 0.39 -1.90
N TRP A 73 15.61 0.33 -2.78
CA TRP A 73 15.87 0.12 -4.20
C TRP A 73 16.57 1.31 -4.82
N GLY A 74 16.16 2.52 -4.40
CA GLY A 74 16.77 3.72 -4.93
C GLY A 74 16.86 3.73 -6.44
N GLN A 75 17.97 3.25 -6.97
CA GLN A 75 18.18 3.20 -8.41
C GLN A 75 16.98 2.57 -9.11
N TYR A 76 16.42 1.53 -8.51
CA TYR A 76 15.28 0.84 -9.07
C TYR A 76 14.07 0.96 -8.15
N ALA A 77 13.88 2.15 -7.58
CA ALA A 77 12.75 2.40 -6.68
C ALA A 77 11.47 2.63 -7.47
N SER A 78 11.51 3.56 -8.40
CA SER A 78 10.33 3.88 -9.22
C SER A 78 9.81 2.64 -9.93
N ASP A 79 10.72 1.92 -10.59
CA ASP A 79 10.37 0.71 -11.31
C ASP A 79 9.46 -0.18 -10.46
N VAL A 80 9.70 -0.17 -9.15
CA VAL A 80 8.91 -0.98 -8.22
C VAL A 80 7.45 -0.54 -8.22
N GLN A 81 6.55 -1.48 -8.51
CA GLN A 81 5.12 -1.20 -8.54
C GLN A 81 4.40 -1.92 -7.42
N LEU A 82 3.49 -1.22 -6.75
CA LEU A 82 2.72 -1.80 -5.66
C LEU A 82 1.38 -2.34 -6.16
N ILE A 83 0.93 -3.44 -5.55
CA ILE A 83 -0.34 -4.05 -5.94
C ILE A 83 -1.16 -4.44 -4.70
N LEU A 84 -2.36 -3.90 -4.60
CA LEU A 84 -3.23 -4.19 -3.47
C LEU A 84 -3.94 -5.52 -3.67
N ARG A 85 -3.52 -6.54 -2.92
CA ARG A 85 -4.12 -7.86 -3.01
C ARG A 85 -4.91 -8.19 -1.74
N ARG A 86 -5.96 -8.98 -1.90
CA ARG A 86 -6.80 -9.36 -0.77
C ARG A 86 -6.56 -10.82 -0.39
N THR A 87 -6.27 -11.05 0.89
CA THR A 87 -6.01 -12.40 1.38
C THR A 87 -7.30 -13.19 1.52
N GLY A 88 -8.32 -12.56 2.09
CA GLY A 88 -9.60 -13.22 2.27
C GLY A 88 -10.69 -12.26 2.71
N PRO A 89 -11.95 -12.67 2.53
CA PRO A 89 -13.12 -11.86 2.90
C PRO A 89 -13.27 -11.73 4.42
N SER A 90 -13.22 -10.50 4.91
CA SER A 90 -13.35 -10.25 6.34
C SER A 90 -14.29 -9.06 6.60
N GLY A 91 -15.23 -9.25 7.50
CA GLY A 91 -16.17 -8.18 7.83
C GLY A 91 -17.03 -7.80 6.64
N PRO A 92 -18.12 -8.56 6.42
CA PRO A 92 -19.04 -8.32 5.31
C PRO A 92 -19.86 -7.05 5.51
N SER A 93 -20.09 -6.69 6.78
CA SER A 93 -20.86 -5.51 7.11
C SER A 93 -20.72 -5.15 8.58
N SER A 94 -20.84 -3.86 8.90
CA SER A 94 -20.73 -3.41 10.28
C SER A 94 -21.15 -1.94 10.40
N GLY A 95 -22.04 -1.67 11.35
CA GLY A 95 -22.50 -0.31 11.55
C GLY A 95 -23.90 -0.08 10.98
N GLY A 1 -6.18 16.11 4.21
CA GLY A 1 -5.17 16.00 5.25
C GLY A 1 -4.52 17.33 5.56
N SER A 2 -4.14 18.05 4.51
CA SER A 2 -3.48 19.35 4.67
C SER A 2 -3.34 20.06 3.33
N SER A 3 -3.18 21.37 3.38
CA SER A 3 -3.04 22.18 2.16
C SER A 3 -2.20 21.46 1.13
N GLY A 4 -2.76 21.27 -0.06
CA GLY A 4 -2.04 20.59 -1.13
C GLY A 4 -1.36 19.33 -0.65
N SER A 5 -0.27 18.96 -1.29
CA SER A 5 0.48 17.76 -0.94
C SER A 5 1.52 18.07 0.14
N SER A 6 1.63 17.18 1.11
CA SER A 6 2.58 17.35 2.20
C SER A 6 3.57 16.19 2.26
N GLY A 7 3.06 14.99 2.06
CA GLY A 7 3.90 13.80 2.09
C GLY A 7 4.29 13.33 0.71
N MET A 8 4.77 12.09 0.61
CA MET A 8 5.18 11.52 -0.67
C MET A 8 3.96 11.04 -1.46
N GLU A 9 4.21 10.51 -2.66
CA GLU A 9 3.14 10.01 -3.50
C GLU A 9 3.32 8.52 -3.80
N LEU A 10 2.57 7.69 -3.08
CA LEU A 10 2.65 6.25 -3.26
C LEU A 10 1.64 5.77 -4.30
N LYS A 11 2.06 4.81 -5.12
CA LYS A 11 1.19 4.26 -6.15
C LYS A 11 0.90 2.79 -5.90
N VAL A 12 -0.39 2.45 -5.80
CA VAL A 12 -0.80 1.07 -5.57
C VAL A 12 -1.97 0.68 -6.47
N TRP A 13 -1.79 -0.42 -7.19
CA TRP A 13 -2.84 -0.91 -8.09
C TRP A 13 -4.00 -1.50 -7.32
N VAL A 14 -5.12 -0.77 -7.29
CA VAL A 14 -6.31 -1.23 -6.59
C VAL A 14 -7.44 -1.55 -7.56
N ASP A 15 -7.60 -2.84 -7.85
CA ASP A 15 -8.64 -3.30 -8.77
C ASP A 15 -8.38 -2.79 -10.18
N GLY A 16 -7.10 -2.71 -10.55
CA GLY A 16 -6.75 -2.24 -11.87
C GLY A 16 -6.75 -0.72 -11.97
N VAL A 17 -6.60 -0.07 -10.84
CA VAL A 17 -6.59 1.39 -10.79
C VAL A 17 -5.49 1.90 -9.86
N GLN A 18 -4.56 2.68 -10.41
CA GLN A 18 -3.47 3.23 -9.64
C GLN A 18 -3.92 4.45 -8.84
N ARG A 19 -4.27 4.23 -7.58
CA ARG A 19 -4.73 5.31 -6.72
C ARG A 19 -3.57 5.90 -5.92
N ILE A 20 -3.20 7.15 -6.24
CA ILE A 20 -2.11 7.82 -5.57
C ILE A 20 -2.56 8.39 -4.23
N VAL A 21 -2.05 7.83 -3.14
CA VAL A 21 -2.39 8.29 -1.80
C VAL A 21 -1.52 9.47 -1.37
N CYS A 22 -2.10 10.65 -1.34
CA CYS A 22 -1.39 11.86 -0.95
C CYS A 22 -1.49 12.09 0.56
N GLY A 23 -0.38 12.52 1.16
CA GLY A 23 -0.37 12.77 2.59
C GLY A 23 0.18 11.60 3.38
N VAL A 24 1.16 10.90 2.80
CA VAL A 24 1.78 9.76 3.45
C VAL A 24 3.17 10.12 3.97
N THR A 25 3.46 9.70 5.20
CA THR A 25 4.74 9.98 5.82
C THR A 25 5.44 8.69 6.25
N GLU A 26 6.74 8.78 6.53
CA GLU A 26 7.51 7.61 6.94
C GLU A 26 6.77 6.83 8.01
N VAL A 27 6.29 7.52 9.04
CA VAL A 27 5.55 6.88 10.12
C VAL A 27 4.45 5.98 9.58
N THR A 28 3.77 6.45 8.54
CA THR A 28 2.68 5.69 7.93
C THR A 28 3.14 4.28 7.57
N THR A 29 2.60 3.29 8.26
CA THR A 29 2.95 1.89 8.02
C THR A 29 2.12 1.32 6.88
N CYS A 30 2.52 0.15 6.39
CA CYS A 30 1.81 -0.52 5.30
C CYS A 30 0.35 -0.76 5.68
N GLN A 31 0.10 -0.98 6.98
CA GLN A 31 -1.24 -1.24 7.46
C GLN A 31 -2.13 -0.01 7.29
N GLU A 32 -1.64 1.14 7.74
CA GLU A 32 -2.38 2.39 7.63
C GLU A 32 -2.71 2.70 6.18
N VAL A 33 -2.01 2.05 5.26
CA VAL A 33 -2.23 2.25 3.84
C VAL A 33 -3.34 1.36 3.31
N VAL A 34 -3.07 0.05 3.24
CA VAL A 34 -4.05 -0.91 2.77
C VAL A 34 -5.44 -0.60 3.32
N ILE A 35 -5.47 -0.02 4.51
CA ILE A 35 -6.74 0.34 5.15
C ILE A 35 -7.44 1.47 4.40
N ALA A 36 -6.66 2.44 3.96
CA ALA A 36 -7.21 3.57 3.23
C ALA A 36 -7.77 3.15 1.88
N LEU A 37 -7.10 2.19 1.25
CA LEU A 37 -7.54 1.68 -0.05
C LEU A 37 -8.78 0.81 0.09
N ALA A 38 -8.87 0.10 1.21
CA ALA A 38 -10.01 -0.78 1.47
C ALA A 38 -11.24 0.03 1.88
N GLN A 39 -11.03 1.09 2.64
CA GLN A 39 -12.12 1.94 3.09
C GLN A 39 -12.89 2.51 1.91
N ALA A 40 -12.18 2.74 0.81
CA ALA A 40 -12.79 3.28 -0.40
C ALA A 40 -13.71 2.25 -1.06
N ILE A 41 -13.17 1.07 -1.33
CA ILE A 41 -13.93 0.01 -1.96
C ILE A 41 -15.02 -0.50 -1.04
N GLY A 42 -14.78 -0.44 0.27
CA GLY A 42 -15.75 -0.89 1.23
C GLY A 42 -15.40 -2.25 1.81
N ARG A 43 -15.15 -3.22 0.94
CA ARG A 43 -14.81 -4.57 1.37
C ARG A 43 -13.83 -4.53 2.53
N THR A 44 -14.05 -5.40 3.51
CA THR A 44 -13.18 -5.47 4.69
C THR A 44 -11.71 -5.41 4.29
N GLY A 45 -10.92 -4.70 5.09
CA GLY A 45 -9.50 -4.58 4.80
C GLY A 45 -8.81 -5.92 4.70
N ARG A 46 -7.92 -6.20 5.64
CA ARG A 46 -7.18 -7.45 5.64
C ARG A 46 -6.51 -7.70 4.30
N TYR A 47 -5.77 -6.71 3.83
CA TYR A 47 -5.07 -6.81 2.55
C TYR A 47 -3.56 -6.86 2.75
N THR A 48 -2.83 -7.08 1.66
CA THR A 48 -1.38 -7.16 1.72
C THR A 48 -0.75 -6.35 0.59
N LEU A 49 0.33 -5.65 0.90
CA LEU A 49 1.04 -4.84 -0.09
C LEU A 49 2.12 -5.65 -0.78
N ILE A 50 1.86 -6.01 -2.03
CA ILE A 50 2.81 -6.79 -2.81
C ILE A 50 3.43 -5.95 -3.93
N GLU A 51 4.75 -5.88 -3.95
CA GLU A 51 5.46 -5.11 -4.95
C GLU A 51 6.06 -6.02 -6.03
N LYS A 52 5.78 -5.71 -7.29
CA LYS A 52 6.29 -6.50 -8.40
C LYS A 52 7.29 -5.71 -9.23
N TRP A 53 8.45 -6.29 -9.49
CA TRP A 53 9.49 -5.64 -10.26
C TRP A 53 10.38 -6.66 -10.96
N ARG A 54 10.48 -6.56 -12.27
CA ARG A 54 11.30 -7.48 -13.06
C ARG A 54 10.89 -8.93 -12.80
N ASP A 55 9.59 -9.17 -12.81
CA ASP A 55 9.06 -10.51 -12.58
C ASP A 55 9.41 -11.00 -11.18
N THR A 56 9.39 -10.08 -10.21
CA THR A 56 9.71 -10.41 -8.84
C THR A 56 8.70 -9.80 -7.88
N GLU A 57 7.79 -10.63 -7.37
CA GLU A 57 6.76 -10.17 -6.44
C GLU A 57 6.89 -10.88 -5.10
N ARG A 58 6.61 -10.15 -4.02
CA ARG A 58 6.69 -10.71 -2.68
C ARG A 58 5.66 -10.05 -1.76
N HIS A 59 5.42 -10.68 -0.61
CA HIS A 59 4.46 -10.16 0.36
C HIS A 59 5.17 -9.30 1.40
N LEU A 60 4.54 -8.18 1.76
CA LEU A 60 5.11 -7.27 2.75
C LEU A 60 4.45 -7.46 4.11
N ALA A 61 5.06 -6.89 5.15
CA ALA A 61 4.52 -7.00 6.50
C ALA A 61 3.74 -5.74 6.88
N PRO A 62 2.72 -5.93 7.73
CA PRO A 62 1.87 -4.82 8.19
C PRO A 62 2.61 -3.87 9.12
N HIS A 63 3.60 -4.40 9.85
CA HIS A 63 4.39 -3.60 10.78
C HIS A 63 5.52 -2.89 10.04
N GLU A 64 5.64 -3.13 8.75
CA GLU A 64 6.67 -2.51 7.94
C GLU A 64 6.21 -1.18 7.38
N ASN A 65 7.07 -0.54 6.59
CA ASN A 65 6.74 0.75 5.99
C ASN A 65 6.89 0.70 4.47
N PRO A 66 5.95 1.34 3.77
CA PRO A 66 5.94 1.39 2.30
C PRO A 66 7.08 2.24 1.75
N ILE A 67 7.26 3.42 2.33
CA ILE A 67 8.31 4.33 1.89
C ILE A 67 9.68 3.66 1.94
N ILE A 68 10.08 3.23 3.14
CA ILE A 68 11.37 2.57 3.32
C ILE A 68 11.49 1.34 2.43
N SER A 69 10.48 0.46 2.51
CA SER A 69 10.47 -0.76 1.70
C SER A 69 10.82 -0.45 0.25
N LEU A 70 10.32 0.67 -0.25
CA LEU A 70 10.58 1.07 -1.63
C LEU A 70 11.96 1.70 -1.77
N ASN A 71 12.28 2.63 -0.87
CA ASN A 71 13.57 3.30 -0.88
C ASN A 71 14.69 2.33 -1.29
N LYS A 72 14.65 1.13 -0.71
CA LYS A 72 15.65 0.11 -1.00
C LYS A 72 16.07 0.17 -2.46
N TRP A 73 15.10 0.15 -3.36
CA TRP A 73 15.38 0.21 -4.79
C TRP A 73 16.12 1.48 -5.16
N GLY A 74 15.59 2.62 -4.73
CA GLY A 74 16.24 3.89 -5.02
C GLY A 74 16.28 4.19 -6.50
N GLN A 75 17.41 3.88 -7.13
CA GLN A 75 17.58 4.13 -8.56
C GLN A 75 16.38 3.59 -9.35
N TYR A 76 16.01 2.35 -9.07
CA TYR A 76 14.88 1.71 -9.76
C TYR A 76 13.67 1.62 -8.84
N ALA A 77 13.39 2.71 -8.12
CA ALA A 77 12.26 2.76 -7.20
C ALA A 77 10.96 3.03 -7.96
N SER A 78 10.93 4.14 -8.68
CA SER A 78 9.74 4.52 -9.45
C SER A 78 9.22 3.35 -10.27
N ASP A 79 10.14 2.69 -10.98
CA ASP A 79 9.78 1.55 -11.82
C ASP A 79 8.96 0.53 -11.02
N VAL A 80 9.32 0.34 -9.76
CA VAL A 80 8.61 -0.60 -8.90
C VAL A 80 7.17 -0.16 -8.67
N GLN A 81 6.25 -1.12 -8.74
CA GLN A 81 4.83 -0.84 -8.54
C GLN A 81 4.23 -1.77 -7.49
N LEU A 82 3.38 -1.21 -6.64
CA LEU A 82 2.73 -2.00 -5.59
C LEU A 82 1.41 -2.58 -6.09
N ILE A 83 0.98 -3.67 -5.45
CA ILE A 83 -0.27 -4.32 -5.82
C ILE A 83 -1.08 -4.71 -4.59
N LEU A 84 -2.22 -4.06 -4.41
CA LEU A 84 -3.09 -4.33 -3.26
C LEU A 84 -3.88 -5.61 -3.49
N ARG A 85 -3.54 -6.66 -2.74
CA ARG A 85 -4.23 -7.93 -2.85
C ARG A 85 -4.81 -8.36 -1.51
N ARG A 86 -5.94 -9.06 -1.55
CA ARG A 86 -6.60 -9.53 -0.33
C ARG A 86 -5.98 -10.83 0.16
N THR A 87 -6.05 -11.07 1.46
CA THR A 87 -5.50 -12.27 2.05
C THR A 87 -6.57 -13.08 2.77
N GLY A 88 -6.89 -14.26 2.22
CA GLY A 88 -7.90 -15.10 2.82
C GLY A 88 -9.30 -14.57 2.61
N PRO A 89 -10.27 -15.48 2.45
CA PRO A 89 -11.67 -15.12 2.24
C PRO A 89 -12.32 -14.51 3.49
N SER A 90 -12.37 -13.19 3.54
CA SER A 90 -12.96 -12.49 4.68
C SER A 90 -12.68 -13.25 5.98
N GLY A 91 -11.43 -13.64 6.17
CA GLY A 91 -11.05 -14.37 7.37
C GLY A 91 -10.79 -13.44 8.54
N PRO A 92 -11.08 -13.93 9.76
CA PRO A 92 -10.88 -13.16 10.99
C PRO A 92 -9.41 -12.96 11.31
N SER A 93 -9.01 -11.70 11.49
CA SER A 93 -7.63 -11.37 11.80
C SER A 93 -7.55 -10.25 12.83
N SER A 94 -6.86 -10.52 13.93
CA SER A 94 -6.72 -9.53 15.00
C SER A 94 -5.25 -9.22 15.25
N GLY A 95 -4.79 -8.09 14.71
CA GLY A 95 -3.40 -7.70 14.89
C GLY A 95 -3.05 -6.45 14.11
N GLY A 1 -6.95 21.09 -1.59
CA GLY A 1 -7.40 20.86 -0.23
C GLY A 1 -7.01 21.98 0.72
N SER A 2 -7.99 22.51 1.44
CA SER A 2 -7.73 23.61 2.38
C SER A 2 -6.82 23.14 3.51
N SER A 3 -7.26 22.10 4.22
CA SER A 3 -6.49 21.57 5.34
C SER A 3 -5.03 21.40 4.96
N GLY A 4 -4.79 20.77 3.81
CA GLY A 4 -3.43 20.56 3.34
C GLY A 4 -3.06 19.09 3.28
N SER A 5 -2.76 18.60 2.08
CA SER A 5 -2.41 17.21 1.89
C SER A 5 -0.93 17.06 1.52
N SER A 6 -0.08 17.83 2.20
CA SER A 6 1.36 17.80 1.94
C SER A 6 1.97 16.51 2.48
N GLY A 7 2.33 15.61 1.56
CA GLY A 7 2.93 14.36 1.96
C GLY A 7 3.47 13.57 0.78
N MET A 8 3.84 12.32 1.03
CA MET A 8 4.38 11.46 -0.03
C MET A 8 3.27 10.68 -0.72
N GLU A 9 3.44 10.43 -2.01
CA GLU A 9 2.44 9.70 -2.79
C GLU A 9 2.93 8.28 -3.08
N LEU A 10 2.01 7.31 -3.01
CA LEU A 10 2.35 5.92 -3.28
C LEU A 10 1.51 5.37 -4.44
N LYS A 11 2.19 4.91 -5.49
CA LYS A 11 1.51 4.36 -6.66
C LYS A 11 1.20 2.88 -6.46
N VAL A 12 -0.07 2.56 -6.28
CA VAL A 12 -0.49 1.18 -6.07
C VAL A 12 -1.62 0.80 -7.04
N TRP A 13 -1.41 -0.27 -7.79
CA TRP A 13 -2.41 -0.74 -8.75
C TRP A 13 -3.52 -1.52 -8.05
N VAL A 14 -4.68 -0.90 -7.90
CA VAL A 14 -5.81 -1.54 -7.26
C VAL A 14 -6.91 -1.87 -8.27
N ASP A 15 -7.34 -3.12 -8.27
CA ASP A 15 -8.39 -3.57 -9.17
C ASP A 15 -8.05 -3.20 -10.62
N GLY A 16 -6.77 -3.31 -10.97
CA GLY A 16 -6.33 -2.97 -12.31
C GLY A 16 -6.43 -1.49 -12.60
N VAL A 17 -6.45 -0.68 -11.54
CA VAL A 17 -6.54 0.77 -11.69
C VAL A 17 -5.54 1.47 -10.80
N GLN A 18 -4.92 2.53 -11.32
CA GLN A 18 -3.94 3.29 -10.57
C GLN A 18 -4.61 4.15 -9.50
N ARG A 19 -4.08 4.10 -8.29
CA ARG A 19 -4.63 4.87 -7.17
C ARG A 19 -3.51 5.60 -6.42
N ILE A 20 -3.53 6.93 -6.49
CA ILE A 20 -2.53 7.74 -5.81
C ILE A 20 -2.99 8.12 -4.40
N VAL A 21 -2.27 7.63 -3.40
CA VAL A 21 -2.60 7.93 -2.01
C VAL A 21 -1.91 9.21 -1.55
N CYS A 22 -2.66 10.04 -0.84
CA CYS A 22 -2.13 11.31 -0.33
C CYS A 22 -2.08 11.30 1.19
N GLY A 23 -1.19 12.11 1.75
CA GLY A 23 -1.05 12.18 3.19
C GLY A 23 -0.34 10.96 3.77
N VAL A 24 0.67 10.48 3.05
CA VAL A 24 1.44 9.32 3.50
C VAL A 24 2.81 9.73 4.02
N THR A 25 3.05 9.49 5.30
CA THR A 25 4.32 9.83 5.92
C THR A 25 5.15 8.59 6.20
N GLU A 26 6.39 8.80 6.63
CA GLU A 26 7.30 7.70 6.92
C GLU A 26 6.82 6.92 8.16
N VAL A 27 6.35 7.66 9.16
CA VAL A 27 5.86 7.05 10.39
C VAL A 27 4.73 6.07 10.10
N THR A 28 4.12 6.19 8.93
CA THR A 28 3.03 5.31 8.53
C THR A 28 3.53 3.91 8.25
N THR A 29 2.70 2.91 8.54
CA THR A 29 3.06 1.52 8.32
C THR A 29 2.37 0.97 7.08
N CYS A 30 2.91 -0.13 6.54
CA CYS A 30 2.34 -0.75 5.36
C CYS A 30 0.86 -1.06 5.55
N GLN A 31 0.43 -1.14 6.81
CA GLN A 31 -0.96 -1.42 7.13
C GLN A 31 -1.81 -0.18 7.00
N GLU A 32 -1.61 0.79 7.89
CA GLU A 32 -2.36 2.03 7.86
C GLU A 32 -2.55 2.53 6.43
N VAL A 33 -1.63 2.15 5.56
CA VAL A 33 -1.69 2.56 4.15
C VAL A 33 -2.86 1.90 3.45
N VAL A 34 -2.95 0.58 3.55
CA VAL A 34 -4.03 -0.17 2.92
C VAL A 34 -5.37 0.18 3.54
N ILE A 35 -5.35 0.56 4.82
CA ILE A 35 -6.56 0.92 5.53
C ILE A 35 -7.37 1.96 4.76
N ALA A 36 -6.69 3.01 4.31
CA ALA A 36 -7.33 4.08 3.55
C ALA A 36 -8.02 3.52 2.30
N LEU A 37 -7.28 2.73 1.54
CA LEU A 37 -7.82 2.13 0.31
C LEU A 37 -9.10 1.37 0.60
N ALA A 38 -9.02 0.41 1.51
CA ALA A 38 -10.18 -0.40 1.88
C ALA A 38 -11.40 0.49 2.16
N GLN A 39 -11.17 1.58 2.88
CA GLN A 39 -12.24 2.51 3.22
C GLN A 39 -12.80 3.17 1.97
N ALA A 40 -11.93 3.46 1.01
CA ALA A 40 -12.33 4.10 -0.23
C ALA A 40 -13.20 3.16 -1.07
N ILE A 41 -12.68 1.97 -1.35
CA ILE A 41 -13.40 0.98 -2.14
C ILE A 41 -14.58 0.41 -1.36
N GLY A 42 -14.49 0.45 -0.04
CA GLY A 42 -15.55 -0.06 0.80
C GLY A 42 -15.51 -1.57 0.93
N ARG A 43 -14.34 -2.10 1.30
CA ARG A 43 -14.17 -3.54 1.46
C ARG A 43 -13.30 -3.85 2.67
N THR A 44 -13.09 -5.14 2.94
CA THR A 44 -12.29 -5.57 4.07
C THR A 44 -11.00 -4.76 4.16
N GLY A 45 -10.63 -4.39 5.39
CA GLY A 45 -9.42 -3.62 5.60
C GLY A 45 -8.17 -4.47 5.53
N ARG A 46 -8.30 -5.74 5.89
CA ARG A 46 -7.17 -6.66 5.87
C ARG A 46 -6.59 -6.80 4.47
N TYR A 47 -5.50 -6.08 4.21
CA TYR A 47 -4.86 -6.13 2.90
C TYR A 47 -3.35 -5.96 3.04
N THR A 48 -2.61 -6.45 2.04
CA THR A 48 -1.16 -6.35 2.04
C THR A 48 -0.65 -5.72 0.75
N LEU A 49 0.51 -5.08 0.84
CA LEU A 49 1.11 -4.44 -0.32
C LEU A 49 2.23 -5.29 -0.90
N ILE A 50 2.09 -5.65 -2.18
CA ILE A 50 3.09 -6.47 -2.86
C ILE A 50 3.79 -5.67 -3.96
N GLU A 51 5.10 -5.89 -4.09
CA GLU A 51 5.89 -5.20 -5.10
C GLU A 51 6.21 -6.12 -6.27
N LYS A 52 5.88 -5.68 -7.48
CA LYS A 52 6.15 -6.47 -8.68
C LYS A 52 7.29 -5.88 -9.49
N TRP A 53 8.35 -6.65 -9.65
CA TRP A 53 9.52 -6.21 -10.40
C TRP A 53 10.19 -7.38 -11.11
N ARG A 54 10.30 -7.29 -12.43
CA ARG A 54 10.93 -8.34 -13.23
C ARG A 54 10.40 -9.71 -12.82
N ASP A 55 9.08 -9.79 -12.63
CA ASP A 55 8.45 -11.05 -12.24
C ASP A 55 8.88 -11.47 -10.84
N THR A 56 8.89 -10.52 -9.91
CA THR A 56 9.29 -10.79 -8.54
C THR A 56 8.34 -10.15 -7.55
N GLU A 57 7.49 -10.95 -6.93
CA GLU A 57 6.52 -10.45 -5.95
C GLU A 57 7.02 -10.66 -4.53
N ARG A 58 7.17 -9.57 -3.79
CA ARG A 58 7.64 -9.64 -2.41
C ARG A 58 6.65 -8.97 -1.46
N HIS A 59 6.04 -9.78 -0.60
CA HIS A 59 5.08 -9.27 0.37
C HIS A 59 5.76 -8.39 1.41
N LEU A 60 5.07 -7.33 1.83
CA LEU A 60 5.61 -6.41 2.83
C LEU A 60 5.05 -6.72 4.21
N ALA A 61 5.89 -6.54 5.23
CA ALA A 61 5.47 -6.80 6.61
C ALA A 61 4.58 -5.69 7.13
N PRO A 62 3.60 -6.06 7.96
CA PRO A 62 2.65 -5.11 8.55
C PRO A 62 3.31 -4.21 9.59
N HIS A 63 4.59 -4.45 9.84
CA HIS A 63 5.33 -3.65 10.81
C HIS A 63 6.42 -2.84 10.13
N GLU A 64 6.45 -2.89 8.80
CA GLU A 64 7.45 -2.16 8.03
C GLU A 64 6.84 -0.91 7.40
N ASN A 65 7.65 -0.19 6.63
CA ASN A 65 7.19 1.03 5.98
C ASN A 65 7.36 0.93 4.47
N PRO A 66 6.38 1.46 3.73
CA PRO A 66 6.39 1.44 2.26
C PRO A 66 7.47 2.37 1.68
N ILE A 67 7.47 3.61 2.14
CA ILE A 67 8.44 4.60 1.67
C ILE A 67 9.86 4.06 1.78
N ILE A 68 10.10 3.22 2.78
CA ILE A 68 11.41 2.63 2.99
C ILE A 68 11.61 1.39 2.12
N SER A 69 10.81 0.37 2.39
CA SER A 69 10.90 -0.88 1.63
C SER A 69 11.18 -0.60 0.15
N LEU A 70 10.53 0.43 -0.38
CA LEU A 70 10.72 0.80 -1.79
C LEU A 70 12.04 1.53 -1.98
N ASN A 71 12.23 2.60 -1.22
CA ASN A 71 13.47 3.38 -1.32
C ASN A 71 14.68 2.48 -1.48
N LYS A 72 14.70 1.39 -0.73
CA LYS A 72 15.81 0.43 -0.78
C LYS A 72 16.31 0.27 -2.21
N TRP A 73 15.39 -0.06 -3.12
CA TRP A 73 15.74 -0.25 -4.52
C TRP A 73 16.57 0.92 -5.03
N GLY A 74 16.06 2.13 -4.84
CA GLY A 74 16.76 3.31 -5.30
C GLY A 74 16.86 3.39 -6.80
N GLN A 75 17.84 2.69 -7.37
CA GLN A 75 18.03 2.69 -8.82
C GLN A 75 16.81 2.09 -9.53
N TYR A 76 16.38 0.92 -9.07
CA TYR A 76 15.24 0.24 -9.66
C TYR A 76 13.99 0.41 -8.78
N ALA A 77 13.79 1.63 -8.27
CA ALA A 77 12.64 1.91 -7.43
C ALA A 77 11.38 2.12 -8.27
N SER A 78 11.44 3.04 -9.22
CA SER A 78 10.31 3.33 -10.08
C SER A 78 9.77 2.06 -10.72
N ASP A 79 10.68 1.25 -11.27
CA ASP A 79 10.30 0.01 -11.92
C ASP A 79 9.37 -0.81 -11.02
N VAL A 80 9.63 -0.78 -9.72
CA VAL A 80 8.82 -1.51 -8.76
C VAL A 80 7.41 -0.94 -8.68
N GLN A 81 6.42 -1.80 -8.89
CA GLN A 81 5.02 -1.38 -8.85
C GLN A 81 4.29 -2.06 -7.70
N LEU A 82 3.52 -1.29 -6.95
CA LEU A 82 2.76 -1.82 -5.83
C LEU A 82 1.41 -2.38 -6.29
N ILE A 83 0.95 -3.41 -5.59
CA ILE A 83 -0.33 -4.04 -5.93
C ILE A 83 -1.09 -4.46 -4.68
N LEU A 84 -2.28 -3.89 -4.51
CA LEU A 84 -3.12 -4.20 -3.36
C LEU A 84 -3.90 -5.49 -3.57
N ARG A 85 -3.52 -6.53 -2.83
CA ARG A 85 -4.17 -7.83 -2.93
C ARG A 85 -4.71 -8.28 -1.58
N ARG A 86 -5.86 -8.95 -1.59
CA ARG A 86 -6.49 -9.43 -0.36
C ARG A 86 -5.91 -10.78 0.03
N THR A 87 -5.81 -11.01 1.34
CA THR A 87 -5.28 -12.28 1.85
C THR A 87 -6.09 -12.77 3.04
N GLY A 88 -6.66 -13.97 2.91
CA GLY A 88 -7.45 -14.52 3.99
C GLY A 88 -8.71 -15.22 3.49
N PRO A 89 -9.27 -16.10 4.33
CA PRO A 89 -10.48 -16.87 3.98
C PRO A 89 -11.71 -15.98 3.92
N SER A 90 -12.75 -16.46 3.24
CA SER A 90 -13.99 -15.71 3.10
C SER A 90 -15.16 -16.47 3.73
N GLY A 91 -16.13 -15.74 4.26
CA GLY A 91 -17.28 -16.36 4.88
C GLY A 91 -18.57 -15.62 4.59
N PRO A 92 -19.59 -15.81 5.45
CA PRO A 92 -20.89 -15.17 5.31
C PRO A 92 -20.82 -13.67 5.59
N SER A 93 -20.59 -12.88 4.55
CA SER A 93 -20.50 -11.44 4.67
C SER A 93 -21.73 -10.76 4.09
N SER A 94 -21.97 -9.52 4.51
CA SER A 94 -23.13 -8.76 4.03
C SER A 94 -24.42 -9.50 4.32
N GLY A 95 -24.48 -10.14 5.50
CA GLY A 95 -25.67 -10.88 5.87
C GLY A 95 -25.46 -11.73 7.11
N GLY A 1 -2.34 14.47 17.45
CA GLY A 1 -1.24 13.74 16.84
C GLY A 1 -0.55 14.54 15.74
N SER A 2 0.47 13.95 15.13
CA SER A 2 1.21 14.61 14.07
C SER A 2 0.25 15.21 13.03
N SER A 3 0.72 16.23 12.33
CA SER A 3 -0.08 16.89 11.31
C SER A 3 0.74 17.18 10.06
N GLY A 4 0.08 17.68 9.03
CA GLY A 4 0.77 18.00 7.78
C GLY A 4 0.00 17.54 6.56
N SER A 5 -0.75 18.45 5.96
CA SER A 5 -1.54 18.14 4.78
C SER A 5 -0.68 17.48 3.71
N SER A 6 0.46 18.08 3.42
CA SER A 6 1.38 17.55 2.41
C SER A 6 1.94 16.20 2.85
N GLY A 7 2.27 15.37 1.87
CA GLY A 7 2.82 14.05 2.17
C GLY A 7 3.40 13.38 0.95
N MET A 8 3.23 12.06 0.86
CA MET A 8 3.73 11.29 -0.27
C MET A 8 2.61 10.54 -0.96
N GLU A 9 2.77 10.31 -2.26
CA GLU A 9 1.76 9.60 -3.04
C GLU A 9 2.20 8.17 -3.32
N LEU A 10 1.34 7.21 -2.98
CA LEU A 10 1.63 5.80 -3.20
C LEU A 10 0.84 5.25 -4.38
N LYS A 11 1.54 4.67 -5.34
CA LYS A 11 0.90 4.10 -6.52
C LYS A 11 0.67 2.61 -6.35
N VAL A 12 -0.58 2.23 -6.07
CA VAL A 12 -0.93 0.83 -5.89
C VAL A 12 -2.01 0.40 -6.87
N TRP A 13 -1.69 -0.61 -7.67
CA TRP A 13 -2.64 -1.12 -8.66
C TRP A 13 -3.73 -1.95 -7.99
N VAL A 14 -4.88 -1.33 -7.75
CA VAL A 14 -6.00 -2.02 -7.12
C VAL A 14 -6.98 -2.54 -8.17
N ASP A 15 -6.77 -3.78 -8.60
CA ASP A 15 -7.63 -4.40 -9.59
C ASP A 15 -7.43 -3.76 -10.97
N GLY A 16 -6.21 -3.30 -11.23
CA GLY A 16 -5.90 -2.68 -12.50
C GLY A 16 -6.23 -1.20 -12.51
N VAL A 17 -6.25 -0.59 -11.34
CA VAL A 17 -6.55 0.83 -11.22
C VAL A 17 -5.52 1.54 -10.34
N GLN A 18 -4.94 2.61 -10.87
CA GLN A 18 -3.94 3.38 -10.13
C GLN A 18 -4.59 4.23 -9.06
N ARG A 19 -4.61 3.72 -7.83
CA ARG A 19 -5.21 4.43 -6.71
C ARG A 19 -4.15 5.15 -5.89
N ILE A 20 -4.15 6.48 -5.95
CA ILE A 20 -3.18 7.29 -5.22
C ILE A 20 -3.73 7.70 -3.86
N VAL A 21 -2.85 7.76 -2.87
CA VAL A 21 -3.24 8.16 -1.52
C VAL A 21 -2.31 9.22 -0.95
N CYS A 22 -2.74 10.47 -1.02
CA CYS A 22 -1.94 11.58 -0.51
C CYS A 22 -2.02 11.66 1.01
N GLY A 23 -0.93 12.10 1.63
CA GLY A 23 -0.89 12.21 3.08
C GLY A 23 -0.03 11.13 3.72
N VAL A 24 0.36 10.13 2.93
CA VAL A 24 1.18 9.04 3.43
C VAL A 24 2.59 9.53 3.77
N THR A 25 3.04 9.19 4.98
CA THR A 25 4.37 9.59 5.43
C THR A 25 5.19 8.39 5.85
N GLU A 26 6.51 8.54 5.81
CA GLU A 26 7.41 7.45 6.17
C GLU A 26 7.02 6.86 7.52
N VAL A 27 6.63 7.72 8.46
CA VAL A 27 6.23 7.28 9.79
C VAL A 27 5.13 6.22 9.71
N THR A 28 4.35 6.27 8.63
CA THR A 28 3.26 5.32 8.45
C THR A 28 3.80 3.94 8.07
N THR A 29 3.02 2.91 8.36
CA THR A 29 3.40 1.55 8.04
C THR A 29 2.51 0.94 6.97
N CYS A 30 2.86 -0.25 6.50
CA CYS A 30 2.09 -0.94 5.47
C CYS A 30 0.63 -1.06 5.89
N GLN A 31 0.40 -1.65 7.06
CA GLN A 31 -0.96 -1.83 7.57
C GLN A 31 -1.78 -0.55 7.42
N GLU A 32 -1.28 0.53 8.02
CA GLU A 32 -1.97 1.82 7.96
C GLU A 32 -2.32 2.18 6.52
N VAL A 33 -1.33 2.09 5.63
CA VAL A 33 -1.54 2.40 4.23
C VAL A 33 -2.71 1.60 3.65
N VAL A 34 -2.70 0.30 3.90
CA VAL A 34 -3.75 -0.59 3.41
C VAL A 34 -5.13 -0.03 3.75
N ILE A 35 -5.35 0.25 5.03
CA ILE A 35 -6.63 0.79 5.47
C ILE A 35 -7.00 2.06 4.70
N ALA A 36 -6.00 2.88 4.41
CA ALA A 36 -6.21 4.12 3.67
C ALA A 36 -6.77 3.84 2.29
N LEU A 37 -6.38 2.71 1.72
CA LEU A 37 -6.85 2.32 0.38
C LEU A 37 -8.33 1.96 0.40
N ALA A 38 -8.70 1.05 1.31
CA ALA A 38 -10.08 0.63 1.44
C ALA A 38 -11.02 1.82 1.57
N GLN A 39 -10.58 2.84 2.29
CA GLN A 39 -11.37 4.04 2.49
C GLN A 39 -11.64 4.75 1.17
N ALA A 40 -10.76 4.53 0.20
CA ALA A 40 -10.90 5.14 -1.12
C ALA A 40 -11.78 4.29 -2.03
N ILE A 41 -11.30 3.09 -2.35
CA ILE A 41 -12.04 2.17 -3.21
C ILE A 41 -13.33 1.73 -2.55
N GLY A 42 -13.44 1.95 -1.24
CA GLY A 42 -14.63 1.56 -0.51
C GLY A 42 -14.73 0.06 -0.32
N ARG A 43 -13.63 -0.55 0.12
CA ARG A 43 -13.60 -1.99 0.34
C ARG A 43 -13.48 -2.30 1.84
N THR A 44 -13.42 -3.59 2.16
CA THR A 44 -13.31 -4.02 3.55
C THR A 44 -12.10 -3.39 4.23
N GLY A 45 -10.91 -3.83 3.84
CA GLY A 45 -9.70 -3.30 4.42
C GLY A 45 -8.61 -4.35 4.57
N ARG A 46 -9.03 -5.61 4.65
CA ARG A 46 -8.09 -6.71 4.79
C ARG A 46 -7.40 -7.02 3.47
N TYR A 47 -6.36 -6.25 3.14
CA TYR A 47 -5.62 -6.44 1.91
C TYR A 47 -4.13 -6.41 2.16
N THR A 48 -3.37 -7.10 1.31
CA THR A 48 -1.91 -7.15 1.44
C THR A 48 -1.24 -6.34 0.34
N LEU A 49 -0.02 -5.89 0.62
CA LEU A 49 0.74 -5.10 -0.35
C LEU A 49 1.89 -5.91 -0.93
N ILE A 50 1.98 -5.95 -2.26
CA ILE A 50 3.04 -6.68 -2.93
C ILE A 50 3.85 -5.77 -3.85
N GLU A 51 5.14 -5.66 -3.57
CA GLU A 51 6.03 -4.82 -4.38
C GLU A 51 6.60 -5.60 -5.55
N LYS A 52 6.05 -5.34 -6.74
CA LYS A 52 6.52 -6.02 -7.95
C LYS A 52 7.53 -5.17 -8.70
N TRP A 53 8.65 -5.79 -9.07
CA TRP A 53 9.70 -5.09 -9.79
C TRP A 53 10.57 -6.07 -10.57
N ARG A 54 10.76 -5.79 -11.87
CA ARG A 54 11.57 -6.64 -12.72
C ARG A 54 11.16 -8.11 -12.57
N ASP A 55 9.86 -8.35 -12.64
CA ASP A 55 9.33 -9.71 -12.52
C ASP A 55 9.65 -10.29 -11.15
N THR A 56 9.83 -9.42 -10.17
CA THR A 56 10.14 -9.85 -8.81
C THR A 56 9.18 -9.22 -7.80
N GLU A 57 8.28 -10.03 -7.26
CA GLU A 57 7.31 -9.55 -6.28
C GLU A 57 7.47 -10.27 -4.95
N ARG A 58 7.34 -9.53 -3.86
CA ARG A 58 7.47 -10.10 -2.53
C ARG A 58 6.46 -9.48 -1.57
N HIS A 59 5.75 -10.34 -0.82
CA HIS A 59 4.75 -9.87 0.13
C HIS A 59 5.40 -9.00 1.20
N LEU A 60 4.66 -7.99 1.66
CA LEU A 60 5.16 -7.08 2.68
C LEU A 60 4.44 -7.31 4.00
N ALA A 61 5.09 -6.94 5.10
CA ALA A 61 4.52 -7.10 6.43
C ALA A 61 3.75 -5.84 6.85
N PRO A 62 2.81 -6.00 7.79
CA PRO A 62 2.00 -4.90 8.30
C PRO A 62 2.81 -3.92 9.14
N HIS A 63 3.82 -4.44 9.83
CA HIS A 63 4.67 -3.61 10.68
C HIS A 63 5.67 -2.82 9.84
N GLU A 64 6.11 -3.43 8.74
CA GLU A 64 7.07 -2.78 7.84
C GLU A 64 6.49 -1.49 7.27
N ASN A 65 7.35 -0.69 6.65
CA ASN A 65 6.93 0.57 6.05
C ASN A 65 7.26 0.60 4.55
N PRO A 66 6.31 1.13 3.76
CA PRO A 66 6.47 1.23 2.30
C PRO A 66 7.52 2.27 1.91
N ILE A 67 7.45 3.44 2.53
CA ILE A 67 8.40 4.51 2.25
C ILE A 67 9.84 4.03 2.39
N ILE A 68 10.08 3.24 3.44
CA ILE A 68 11.42 2.72 3.69
C ILE A 68 11.77 1.61 2.70
N SER A 69 10.99 0.53 2.73
CA SER A 69 11.23 -0.60 1.84
C SER A 69 11.46 -0.12 0.41
N LEU A 70 10.58 0.75 -0.07
CA LEU A 70 10.69 1.28 -1.43
C LEU A 70 11.94 2.15 -1.57
N ASN A 71 12.21 2.96 -0.54
CA ASN A 71 13.38 3.84 -0.55
C ASN A 71 14.65 3.05 -0.86
N LYS A 72 14.71 1.81 -0.39
CA LYS A 72 15.86 0.96 -0.62
C LYS A 72 16.34 1.06 -2.06
N TRP A 73 15.45 0.75 -3.00
CA TRP A 73 15.79 0.80 -4.41
C TRP A 73 16.33 2.19 -4.79
N GLY A 74 15.61 3.22 -4.37
CA GLY A 74 16.03 4.58 -4.67
C GLY A 74 16.11 4.85 -6.16
N GLN A 75 17.25 4.52 -6.76
CA GLN A 75 17.45 4.73 -8.19
C GLN A 75 16.35 4.06 -9.00
N TYR A 76 15.92 2.88 -8.54
CA TYR A 76 14.86 2.14 -9.22
C TYR A 76 13.57 2.14 -8.40
N ALA A 77 13.52 3.00 -7.39
CA ALA A 77 12.36 3.11 -6.53
C ALA A 77 11.09 3.36 -7.36
N SER A 78 11.27 3.96 -8.53
CA SER A 78 10.15 4.27 -9.41
C SER A 78 9.69 3.02 -10.16
N ASP A 79 10.66 2.21 -10.59
CA ASP A 79 10.35 0.99 -11.32
C ASP A 79 9.57 0.01 -10.45
N VAL A 80 9.66 0.20 -9.13
CA VAL A 80 8.96 -0.66 -8.18
C VAL A 80 7.49 -0.29 -8.09
N GLN A 81 6.62 -1.21 -8.51
CA GLN A 81 5.19 -0.97 -8.47
C GLN A 81 4.52 -1.82 -7.38
N LEU A 82 3.51 -1.27 -6.73
CA LEU A 82 2.80 -1.97 -5.68
C LEU A 82 1.51 -2.60 -6.21
N ILE A 83 1.06 -3.66 -5.55
CA ILE A 83 -0.16 -4.35 -5.95
C ILE A 83 -0.99 -4.76 -4.75
N LEU A 84 -2.23 -4.28 -4.70
CA LEU A 84 -3.12 -4.60 -3.59
C LEU A 84 -3.90 -5.88 -3.88
N ARG A 85 -3.57 -6.93 -3.15
CA ARG A 85 -4.23 -8.23 -3.32
C ARG A 85 -5.15 -8.52 -2.13
N ARG A 86 -6.09 -9.44 -2.33
CA ARG A 86 -7.02 -9.82 -1.28
C ARG A 86 -6.69 -11.21 -0.73
N THR A 87 -6.77 -11.36 0.59
CA THR A 87 -6.47 -12.63 1.24
C THR A 87 -6.86 -12.60 2.72
N GLY A 88 -7.79 -13.46 3.09
CA GLY A 88 -8.24 -13.51 4.48
C GLY A 88 -9.74 -13.72 4.60
N PRO A 89 -10.30 -13.36 5.76
CA PRO A 89 -11.73 -13.50 6.02
C PRO A 89 -12.57 -12.53 5.19
N SER A 90 -13.61 -13.06 4.54
CA SER A 90 -14.48 -12.24 3.71
C SER A 90 -15.26 -11.25 4.56
N GLY A 91 -15.88 -11.73 5.62
CA GLY A 91 -16.64 -10.88 6.51
C GLY A 91 -16.09 -10.85 7.92
N PRO A 92 -15.02 -10.06 8.12
CA PRO A 92 -14.37 -9.93 9.43
C PRO A 92 -15.24 -9.17 10.43
N SER A 93 -16.19 -8.40 9.91
CA SER A 93 -17.08 -7.61 10.76
C SER A 93 -17.52 -8.42 11.98
N SER A 94 -17.41 -7.82 13.15
CA SER A 94 -17.79 -8.49 14.40
C SER A 94 -19.13 -9.19 14.25
N GLY A 95 -19.10 -10.52 14.14
CA GLY A 95 -20.31 -11.28 13.98
C GLY A 95 -21.13 -11.33 15.26
N GLY A 1 0.43 20.96 7.53
CA GLY A 1 0.01 22.21 6.91
C GLY A 1 -1.41 22.14 6.40
N SER A 2 -1.61 21.49 5.26
CA SER A 2 -2.93 21.36 4.66
C SER A 2 -3.07 20.03 3.94
N SER A 3 -4.10 19.27 4.30
CA SER A 3 -4.34 17.97 3.69
C SER A 3 -4.42 18.10 2.16
N GLY A 4 -3.69 17.23 1.47
CA GLY A 4 -3.70 17.26 0.02
C GLY A 4 -2.30 17.35 -0.57
N SER A 5 -1.67 18.52 -0.40
CA SER A 5 -0.32 18.74 -0.91
C SER A 5 0.73 18.12 0.02
N SER A 6 0.69 18.53 1.29
CA SER A 6 1.64 18.04 2.28
C SER A 6 1.60 16.51 2.34
N GLY A 7 2.73 15.88 2.03
CA GLY A 7 2.79 14.42 2.07
C GLY A 7 3.24 13.84 0.74
N MET A 8 3.88 12.67 0.80
CA MET A 8 4.38 12.01 -0.40
C MET A 8 3.24 11.26 -1.10
N GLU A 9 3.57 10.62 -2.22
CA GLU A 9 2.57 9.87 -2.99
C GLU A 9 3.08 8.48 -3.31
N LEU A 10 2.17 7.50 -3.31
CA LEU A 10 2.53 6.13 -3.60
C LEU A 10 1.83 5.63 -4.87
N LYS A 11 2.42 4.66 -5.53
CA LYS A 11 1.85 4.10 -6.76
C LYS A 11 1.46 2.65 -6.56
N VAL A 12 0.16 2.40 -6.43
CA VAL A 12 -0.35 1.04 -6.23
C VAL A 12 -1.44 0.72 -7.25
N TRP A 13 -1.73 -0.56 -7.41
CA TRP A 13 -2.76 -1.01 -8.34
C TRP A 13 -3.90 -1.71 -7.62
N VAL A 14 -5.05 -1.04 -7.54
CA VAL A 14 -6.21 -1.60 -6.87
C VAL A 14 -7.27 -2.02 -7.88
N ASP A 15 -7.40 -3.33 -8.09
CA ASP A 15 -8.37 -3.87 -9.02
C ASP A 15 -8.00 -3.51 -10.46
N GLY A 16 -6.71 -3.59 -10.78
CA GLY A 16 -6.25 -3.26 -12.11
C GLY A 16 -6.37 -1.78 -12.42
N VAL A 17 -6.37 -0.96 -11.38
CA VAL A 17 -6.49 0.49 -11.55
C VAL A 17 -5.49 1.22 -10.66
N GLN A 18 -4.85 2.25 -11.21
CA GLN A 18 -3.87 3.03 -10.47
C GLN A 18 -4.55 3.87 -9.39
N ARG A 19 -4.02 3.80 -8.18
CA ARG A 19 -4.56 4.56 -7.06
C ARG A 19 -3.46 5.25 -6.28
N ILE A 20 -3.46 6.58 -6.30
CA ILE A 20 -2.47 7.36 -5.60
C ILE A 20 -2.91 7.66 -4.16
N VAL A 21 -1.95 7.65 -3.24
CA VAL A 21 -2.25 7.93 -1.84
C VAL A 21 -1.57 9.21 -1.37
N CYS A 22 -2.39 10.17 -0.94
CA CYS A 22 -1.87 11.45 -0.47
C CYS A 22 -1.98 11.57 1.05
N GLY A 23 -1.04 12.29 1.66
CA GLY A 23 -1.06 12.46 3.10
C GLY A 23 -0.32 11.34 3.81
N VAL A 24 0.63 10.74 3.13
CA VAL A 24 1.41 9.64 3.71
C VAL A 24 2.75 10.15 4.25
N THR A 25 3.22 9.53 5.33
CA THR A 25 4.48 9.92 5.95
C THR A 25 5.27 8.70 6.39
N GLU A 26 6.53 8.91 6.76
CA GLU A 26 7.39 7.82 7.21
C GLU A 26 6.67 6.94 8.22
N VAL A 27 5.97 7.58 9.16
CA VAL A 27 5.24 6.85 10.18
C VAL A 27 4.23 5.89 9.56
N THR A 28 3.46 6.39 8.60
CA THR A 28 2.45 5.58 7.92
C THR A 28 3.05 4.25 7.45
N THR A 29 2.71 3.17 8.15
CA THR A 29 3.22 1.85 7.80
C THR A 29 2.41 1.25 6.66
N CYS A 30 2.93 0.16 6.09
CA CYS A 30 2.25 -0.51 4.98
C CYS A 30 0.78 -0.72 5.29
N GLN A 31 0.48 -1.13 6.52
CA GLN A 31 -0.89 -1.38 6.95
C GLN A 31 -1.70 -0.08 6.93
N GLU A 32 -1.10 0.99 7.46
CA GLU A 32 -1.78 2.29 7.50
C GLU A 32 -2.10 2.78 6.10
N VAL A 33 -1.49 2.15 5.10
CA VAL A 33 -1.72 2.52 3.71
C VAL A 33 -2.88 1.75 3.11
N VAL A 34 -2.81 0.41 3.20
CA VAL A 34 -3.85 -0.44 2.66
C VAL A 34 -5.20 -0.14 3.32
N ILE A 35 -5.17 0.26 4.58
CA ILE A 35 -6.38 0.59 5.31
C ILE A 35 -7.10 1.77 4.68
N ALA A 36 -6.34 2.81 4.33
CA ALA A 36 -6.90 4.01 3.73
C ALA A 36 -7.64 3.67 2.43
N LEU A 37 -7.22 2.59 1.79
CA LEU A 37 -7.84 2.14 0.54
C LEU A 37 -9.11 1.34 0.81
N ALA A 38 -8.99 0.35 1.70
CA ALA A 38 -10.12 -0.49 2.06
C ALA A 38 -11.23 0.32 2.72
N GLN A 39 -10.83 1.31 3.52
CA GLN A 39 -11.79 2.16 4.21
C GLN A 39 -12.60 2.99 3.22
N ALA A 40 -11.93 3.49 2.18
CA ALA A 40 -12.58 4.30 1.16
C ALA A 40 -13.58 3.47 0.36
N ILE A 41 -13.14 2.30 -0.10
CA ILE A 41 -14.00 1.42 -0.88
C ILE A 41 -15.03 0.73 0.01
N GLY A 42 -14.66 0.50 1.27
CA GLY A 42 -15.57 -0.15 2.20
C GLY A 42 -15.70 -1.64 1.94
N ARG A 43 -15.92 -2.01 0.69
CA ARG A 43 -16.07 -3.40 0.31
C ARG A 43 -15.17 -4.29 1.17
N THR A 44 -13.95 -3.83 1.42
CA THR A 44 -13.00 -4.58 2.22
C THR A 44 -12.31 -3.69 3.23
N GLY A 45 -11.79 -4.29 4.30
CA GLY A 45 -11.11 -3.52 5.33
C GLY A 45 -9.60 -3.76 5.32
N ARG A 46 -9.21 -5.03 5.22
CA ARG A 46 -7.79 -5.38 5.21
C ARG A 46 -7.37 -5.86 3.83
N TYR A 47 -6.22 -5.37 3.37
CA TYR A 47 -5.70 -5.74 2.06
C TYR A 47 -4.25 -6.20 2.16
N THR A 48 -3.67 -6.55 1.01
CA THR A 48 -2.28 -7.01 0.97
C THR A 48 -1.46 -6.19 -0.02
N LEU A 49 -0.17 -6.05 0.26
CA LEU A 49 0.72 -5.29 -0.61
C LEU A 49 1.77 -6.20 -1.24
N ILE A 50 2.11 -5.91 -2.49
CA ILE A 50 3.10 -6.70 -3.22
C ILE A 50 3.90 -5.83 -4.19
N GLU A 51 5.22 -5.93 -4.11
CA GLU A 51 6.09 -5.15 -4.99
C GLU A 51 6.66 -6.02 -6.11
N LYS A 52 6.07 -5.90 -7.30
CA LYS A 52 6.51 -6.67 -8.45
C LYS A 52 7.59 -5.91 -9.23
N TRP A 53 8.80 -6.44 -9.24
CA TRP A 53 9.90 -5.82 -9.97
C TRP A 53 10.77 -6.87 -10.65
N ARG A 54 11.19 -6.58 -11.87
CA ARG A 54 12.02 -7.51 -12.63
C ARG A 54 11.57 -8.94 -12.43
N ASP A 55 10.26 -9.17 -12.49
CA ASP A 55 9.70 -10.50 -12.31
C ASP A 55 9.95 -11.01 -10.89
N THR A 56 9.93 -10.09 -9.93
CA THR A 56 10.15 -10.45 -8.54
C THR A 56 9.10 -9.81 -7.62
N GLU A 57 8.16 -10.62 -7.16
CA GLU A 57 7.10 -10.13 -6.28
C GLU A 57 7.13 -10.86 -4.94
N ARG A 58 6.81 -10.14 -3.87
CA ARG A 58 6.81 -10.71 -2.53
C ARG A 58 5.95 -9.87 -1.59
N HIS A 59 5.15 -10.54 -0.76
CA HIS A 59 4.28 -9.87 0.19
C HIS A 59 5.09 -9.00 1.14
N LEU A 60 4.52 -7.86 1.53
CA LEU A 60 5.19 -6.94 2.45
C LEU A 60 4.62 -7.07 3.86
N ALA A 61 5.43 -6.70 4.85
CA ALA A 61 5.00 -6.76 6.25
C ALA A 61 4.12 -5.57 6.61
N PRO A 62 3.14 -5.81 7.48
CA PRO A 62 2.21 -4.76 7.93
C PRO A 62 2.89 -3.73 8.81
N HIS A 63 4.06 -4.08 9.35
CA HIS A 63 4.82 -3.18 10.21
C HIS A 63 5.80 -2.35 9.40
N GLU A 64 6.27 -2.91 8.29
CA GLU A 64 7.22 -2.22 7.43
C GLU A 64 6.60 -0.97 6.82
N ASN A 65 7.42 -0.21 6.10
CA ASN A 65 6.94 1.02 5.46
C ASN A 65 7.23 0.99 3.96
N PRO A 66 6.29 1.54 3.17
CA PRO A 66 6.41 1.60 1.71
C PRO A 66 7.50 2.56 1.26
N ILE A 67 7.46 3.78 1.77
CA ILE A 67 8.44 4.81 1.42
C ILE A 67 9.86 4.28 1.62
N ILE A 68 10.14 3.76 2.80
CA ILE A 68 11.46 3.22 3.12
C ILE A 68 11.80 2.06 2.21
N SER A 69 10.90 1.08 2.14
CA SER A 69 11.11 -0.10 1.32
C SER A 69 11.73 0.28 -0.03
N LEU A 70 11.16 1.31 -0.66
CA LEU A 70 11.65 1.78 -1.95
C LEU A 70 13.02 2.44 -1.80
N ASN A 71 13.15 3.31 -0.81
CA ASN A 71 14.39 4.01 -0.56
C ASN A 71 15.58 3.06 -0.64
N LYS A 72 15.38 1.82 -0.18
CA LYS A 72 16.43 0.81 -0.19
C LYS A 72 16.83 0.47 -1.63
N TRP A 73 15.83 0.21 -2.47
CA TRP A 73 16.07 -0.13 -3.86
C TRP A 73 16.98 0.90 -4.52
N GLY A 74 16.83 2.16 -4.11
CA GLY A 74 17.64 3.23 -4.68
C GLY A 74 17.17 3.62 -6.07
N GLN A 75 17.44 2.76 -7.05
CA GLN A 75 17.05 3.04 -8.43
C GLN A 75 15.82 2.23 -8.82
N TYR A 76 15.82 0.95 -8.44
CA TYR A 76 14.69 0.07 -8.76
C TYR A 76 13.44 0.51 -8.01
N ALA A 77 13.62 1.33 -6.99
CA ALA A 77 12.50 1.83 -6.20
C ALA A 77 11.34 2.24 -7.08
N SER A 78 11.55 3.25 -7.92
CA SER A 78 10.51 3.73 -8.82
C SER A 78 9.97 2.60 -9.68
N ASP A 79 10.83 1.66 -10.02
CA ASP A 79 10.43 0.52 -10.83
C ASP A 79 9.56 -0.45 -10.04
N VAL A 80 9.68 -0.40 -8.72
CA VAL A 80 8.89 -1.26 -7.85
C VAL A 80 7.46 -0.76 -7.72
N GLN A 81 6.53 -1.43 -8.40
CA GLN A 81 5.13 -1.04 -8.35
C GLN A 81 4.38 -1.86 -7.31
N LEU A 82 3.57 -1.18 -6.51
CA LEU A 82 2.78 -1.85 -5.47
C LEU A 82 1.44 -2.32 -6.02
N ILE A 83 0.90 -3.38 -5.42
CA ILE A 83 -0.37 -3.93 -5.84
C ILE A 83 -1.24 -4.32 -4.65
N LEU A 84 -2.43 -3.75 -4.57
CA LEU A 84 -3.36 -4.04 -3.48
C LEU A 84 -4.13 -5.32 -3.75
N ARG A 85 -3.63 -6.44 -3.24
CA ARG A 85 -4.28 -7.72 -3.43
C ARG A 85 -5.23 -8.03 -2.26
N ARG A 86 -6.47 -8.34 -2.59
CA ARG A 86 -7.48 -8.65 -1.58
C ARG A 86 -7.19 -10.00 -0.93
N THR A 87 -7.47 -10.10 0.37
CA THR A 87 -7.25 -11.34 1.11
C THR A 87 -8.27 -11.51 2.22
N GLY A 88 -8.89 -12.69 2.27
CA GLY A 88 -9.89 -12.96 3.28
C GLY A 88 -11.31 -12.71 2.79
N PRO A 89 -12.29 -13.02 3.64
CA PRO A 89 -13.71 -12.83 3.32
C PRO A 89 -14.10 -11.36 3.26
N SER A 90 -15.18 -11.08 2.55
CA SER A 90 -15.67 -9.70 2.40
C SER A 90 -17.09 -9.57 2.93
N GLY A 91 -17.36 -8.46 3.62
CA GLY A 91 -18.68 -8.24 4.16
C GLY A 91 -19.29 -6.92 3.69
N PRO A 92 -20.62 -6.84 3.74
CA PRO A 92 -21.35 -5.63 3.32
C PRO A 92 -21.14 -4.46 4.27
N SER A 93 -20.45 -3.43 3.79
CA SER A 93 -20.17 -2.25 4.59
C SER A 93 -21.47 -1.64 5.13
N SER A 94 -21.65 -1.72 6.44
CA SER A 94 -22.85 -1.18 7.08
C SER A 94 -22.81 0.35 7.11
N GLY A 95 -23.73 0.97 6.39
CA GLY A 95 -23.79 2.42 6.36
C GLY A 95 -24.05 3.03 7.71
N GLY A 1 -10.93 8.74 7.00
CA GLY A 1 -10.22 9.92 7.47
C GLY A 1 -8.82 10.01 6.90
N SER A 2 -8.37 11.22 6.60
CA SER A 2 -7.04 11.44 6.05
C SER A 2 -6.50 12.80 6.45
N SER A 3 -5.18 12.88 6.63
CA SER A 3 -4.54 14.13 7.02
C SER A 3 -3.03 14.05 6.79
N GLY A 4 -2.43 15.20 6.48
CA GLY A 4 -1.01 15.25 6.23
C GLY A 4 -0.60 16.41 5.33
N SER A 5 0.06 17.39 5.91
CA SER A 5 0.49 18.57 5.15
C SER A 5 1.74 18.25 4.33
N SER A 6 1.64 18.49 3.01
CA SER A 6 2.76 18.23 2.12
C SER A 6 3.29 16.81 2.31
N GLY A 7 2.38 15.85 2.37
CA GLY A 7 2.78 14.46 2.55
C GLY A 7 3.38 13.86 1.31
N MET A 8 3.48 12.54 1.27
CA MET A 8 4.05 11.84 0.12
C MET A 8 2.94 11.22 -0.74
N GLU A 9 3.33 10.69 -1.90
CA GLU A 9 2.37 10.08 -2.81
C GLU A 9 2.80 8.66 -3.17
N LEU A 10 1.93 7.69 -2.89
CA LEU A 10 2.22 6.29 -3.18
C LEU A 10 1.20 5.72 -4.16
N LYS A 11 1.66 5.39 -5.36
CA LYS A 11 0.80 4.83 -6.39
C LYS A 11 0.77 3.31 -6.31
N VAL A 12 -0.39 2.75 -6.01
CA VAL A 12 -0.55 1.31 -5.90
C VAL A 12 -1.73 0.82 -6.72
N TRP A 13 -1.53 -0.27 -7.46
CA TRP A 13 -2.58 -0.84 -8.29
C TRP A 13 -3.76 -1.32 -7.45
N VAL A 14 -4.82 -0.50 -7.41
CA VAL A 14 -6.00 -0.83 -6.63
C VAL A 14 -7.26 -0.80 -7.50
N ASP A 15 -7.94 -1.94 -7.59
CA ASP A 15 -9.16 -2.04 -8.39
C ASP A 15 -8.83 -1.98 -9.87
N GLY A 16 -7.63 -2.41 -10.23
CA GLY A 16 -7.21 -2.40 -11.62
C GLY A 16 -6.65 -1.05 -12.05
N VAL A 17 -6.76 -0.06 -11.16
CA VAL A 17 -6.25 1.27 -11.44
C VAL A 17 -5.44 1.82 -10.28
N GLN A 18 -4.20 2.23 -10.56
CA GLN A 18 -3.32 2.77 -9.54
C GLN A 18 -4.00 3.90 -8.78
N ARG A 19 -3.93 3.86 -7.46
CA ARG A 19 -4.54 4.89 -6.62
C ARG A 19 -3.50 5.54 -5.72
N ILE A 20 -3.19 6.81 -6.00
CA ILE A 20 -2.22 7.55 -5.21
C ILE A 20 -2.84 8.08 -3.92
N VAL A 21 -2.06 8.01 -2.84
CA VAL A 21 -2.53 8.48 -1.53
C VAL A 21 -1.71 9.68 -1.06
N CYS A 22 -2.36 10.83 -0.96
CA CYS A 22 -1.70 12.04 -0.51
C CYS A 22 -1.83 12.21 1.00
N GLY A 23 -0.68 12.35 1.68
CA GLY A 23 -0.68 12.51 3.12
C GLY A 23 0.19 11.48 3.81
N VAL A 24 0.36 10.33 3.18
CA VAL A 24 1.18 9.26 3.76
C VAL A 24 2.60 9.75 4.04
N THR A 25 3.16 9.30 5.16
CA THR A 25 4.50 9.70 5.55
C THR A 25 5.33 8.48 5.95
N GLU A 26 6.59 8.72 6.34
CA GLU A 26 7.49 7.65 6.75
C GLU A 26 6.90 6.87 7.92
N VAL A 27 6.41 7.61 8.92
CA VAL A 27 5.83 6.99 10.10
C VAL A 27 4.69 6.04 9.73
N THR A 28 3.90 6.44 8.73
CA THR A 28 2.78 5.62 8.28
C THR A 28 3.22 4.20 7.95
N THR A 29 2.56 3.23 8.54
CA THR A 29 2.88 1.83 8.32
C THR A 29 2.18 1.30 7.07
N CYS A 30 2.63 0.14 6.60
CA CYS A 30 2.04 -0.47 5.40
C CYS A 30 0.55 -0.70 5.59
N GLN A 31 0.15 -0.94 6.83
CA GLN A 31 -1.26 -1.18 7.15
C GLN A 31 -2.08 0.09 6.97
N GLU A 32 -1.76 1.10 7.76
CA GLU A 32 -2.47 2.37 7.68
C GLU A 32 -2.73 2.77 6.24
N VAL A 33 -1.87 2.29 5.34
CA VAL A 33 -2.01 2.60 3.92
C VAL A 33 -3.16 1.82 3.29
N VAL A 34 -2.96 0.51 3.12
CA VAL A 34 -3.98 -0.35 2.53
C VAL A 34 -5.36 -0.05 3.12
N ILE A 35 -5.40 0.20 4.43
CA ILE A 35 -6.65 0.50 5.11
C ILE A 35 -7.41 1.61 4.39
N ALA A 36 -6.71 2.69 4.07
CA ALA A 36 -7.32 3.82 3.39
C ALA A 36 -8.02 3.37 2.10
N LEU A 37 -7.29 2.62 1.27
CA LEU A 37 -7.84 2.12 0.01
C LEU A 37 -9.06 1.25 0.26
N ALA A 38 -8.90 0.23 1.10
CA ALA A 38 -10.00 -0.67 1.41
C ALA A 38 -11.24 0.10 1.82
N GLN A 39 -11.06 1.18 2.57
CA GLN A 39 -12.17 2.00 3.03
C GLN A 39 -12.71 2.85 1.88
N ALA A 40 -11.90 3.03 0.84
CA ALA A 40 -12.30 3.82 -0.31
C ALA A 40 -13.10 2.98 -1.30
N ILE A 41 -12.64 1.77 -1.56
CA ILE A 41 -13.31 0.87 -2.48
C ILE A 41 -14.57 0.28 -1.86
N GLY A 42 -14.69 0.41 -0.54
CA GLY A 42 -15.85 -0.11 0.16
C GLY A 42 -15.56 -1.42 0.87
N ARG A 43 -14.83 -2.30 0.20
CA ARG A 43 -14.48 -3.60 0.77
C ARG A 43 -14.26 -3.48 2.28
N THR A 44 -13.27 -2.70 2.68
CA THR A 44 -12.96 -2.50 4.09
C THR A 44 -12.50 -3.82 4.73
N GLY A 45 -11.53 -4.47 4.12
CA GLY A 45 -11.01 -5.71 4.64
C GLY A 45 -9.50 -5.71 4.77
N ARG A 46 -8.95 -6.80 5.31
CA ARG A 46 -7.51 -6.92 5.49
C ARG A 46 -6.81 -7.11 4.15
N TYR A 47 -5.77 -6.30 3.92
CA TYR A 47 -5.01 -6.39 2.68
C TYR A 47 -3.51 -6.30 2.94
N THR A 48 -2.72 -6.37 1.88
CA THR A 48 -1.27 -6.30 1.99
C THR A 48 -0.65 -5.72 0.73
N LEU A 49 0.60 -5.26 0.85
CA LEU A 49 1.31 -4.68 -0.28
C LEU A 49 2.30 -5.68 -0.88
N ILE A 50 2.24 -5.84 -2.19
CA ILE A 50 3.13 -6.77 -2.89
C ILE A 50 4.01 -6.03 -3.91
N GLU A 51 5.28 -6.43 -3.97
CA GLU A 51 6.21 -5.80 -4.91
C GLU A 51 6.37 -6.66 -6.16
N LYS A 52 6.03 -6.08 -7.31
CA LYS A 52 6.14 -6.78 -8.59
C LYS A 52 7.21 -6.14 -9.47
N TRP A 53 8.28 -6.88 -9.71
CA TRP A 53 9.38 -6.39 -10.55
C TRP A 53 10.08 -7.54 -11.25
N ARG A 54 10.12 -7.49 -12.58
CA ARG A 54 10.77 -8.53 -13.36
C ARG A 54 10.22 -9.91 -13.01
N ASP A 55 8.90 -10.00 -12.90
CA ASP A 55 8.25 -11.26 -12.56
C ASP A 55 8.66 -11.72 -11.17
N THR A 56 8.70 -10.79 -10.22
CA THR A 56 9.08 -11.11 -8.85
C THR A 56 8.05 -10.59 -7.86
N GLU A 57 7.22 -11.50 -7.35
CA GLU A 57 6.18 -11.12 -6.39
C GLU A 57 6.64 -11.40 -4.96
N ARG A 58 6.58 -10.38 -4.12
CA ARG A 58 6.98 -10.50 -2.73
C ARG A 58 5.96 -9.87 -1.79
N HIS A 59 5.74 -10.49 -0.64
CA HIS A 59 4.79 -9.99 0.34
C HIS A 59 5.50 -9.29 1.50
N LEU A 60 4.93 -8.18 1.96
CA LEU A 60 5.51 -7.42 3.06
C LEU A 60 4.74 -7.65 4.36
N ALA A 61 5.15 -6.96 5.41
CA ALA A 61 4.49 -7.09 6.71
C ALA A 61 3.68 -5.83 7.03
N PRO A 62 2.69 -5.99 7.93
CA PRO A 62 1.82 -4.89 8.35
C PRO A 62 2.56 -3.86 9.20
N HIS A 63 3.73 -4.25 9.71
CA HIS A 63 4.53 -3.37 10.54
C HIS A 63 5.57 -2.62 9.71
N GLU A 64 5.94 -3.23 8.58
CA GLU A 64 6.93 -2.63 7.69
C GLU A 64 6.39 -1.35 7.04
N ASN A 65 7.27 -0.62 6.37
CA ASN A 65 6.87 0.62 5.72
C ASN A 65 7.05 0.52 4.21
N PRO A 66 6.13 1.14 3.45
CA PRO A 66 6.15 1.13 1.99
C PRO A 66 7.31 1.95 1.42
N ILE A 67 7.43 3.19 1.89
CA ILE A 67 8.49 4.08 1.44
C ILE A 67 9.85 3.43 1.58
N ILE A 68 10.20 3.06 2.81
CA ILE A 68 11.48 2.41 3.08
C ILE A 68 11.61 1.09 2.32
N SER A 69 10.61 0.23 2.46
CA SER A 69 10.62 -1.06 1.79
C SER A 69 10.93 -0.90 0.30
N LEU A 70 10.50 0.22 -0.27
CA LEU A 70 10.74 0.50 -1.68
C LEU A 70 12.05 1.24 -1.87
N ASN A 71 12.41 2.07 -0.89
CA ASN A 71 13.64 2.84 -0.96
C ASN A 71 14.83 1.95 -1.32
N LYS A 72 14.77 0.69 -0.88
CA LYS A 72 15.83 -0.27 -1.16
C LYS A 72 16.18 -0.27 -2.64
N TRP A 73 15.17 -0.09 -3.49
CA TRP A 73 15.37 -0.07 -4.93
C TRP A 73 16.08 1.21 -5.37
N GLY A 74 15.56 2.34 -4.92
CA GLY A 74 16.15 3.63 -5.28
C GLY A 74 16.24 3.82 -6.78
N GLN A 75 17.39 3.51 -7.35
CA GLN A 75 17.59 3.66 -8.79
C GLN A 75 16.48 2.98 -9.57
N TYR A 76 16.04 1.82 -9.09
CA TYR A 76 14.98 1.07 -9.75
C TYR A 76 13.74 0.98 -8.85
N ALA A 77 13.38 2.11 -8.23
CA ALA A 77 12.22 2.15 -7.36
C ALA A 77 10.93 2.29 -8.16
N SER A 78 10.85 3.34 -8.97
CA SER A 78 9.67 3.58 -9.80
C SER A 78 9.30 2.35 -10.60
N ASP A 79 10.29 1.78 -11.29
CA ASP A 79 10.08 0.60 -12.11
C ASP A 79 9.23 -0.44 -11.36
N VAL A 80 9.50 -0.58 -10.06
CA VAL A 80 8.76 -1.52 -9.23
C VAL A 80 7.29 -1.12 -9.11
N GLN A 81 6.40 -2.05 -9.43
CA GLN A 81 4.96 -1.80 -9.35
C GLN A 81 4.33 -2.57 -8.20
N LEU A 82 3.65 -1.85 -7.31
CA LEU A 82 3.00 -2.47 -6.16
C LEU A 82 1.58 -2.91 -6.52
N ILE A 83 1.10 -3.93 -5.81
CA ILE A 83 -0.24 -4.46 -6.06
C ILE A 83 -0.98 -4.72 -4.75
N LEU A 84 -2.13 -4.07 -4.59
CA LEU A 84 -2.93 -4.23 -3.37
C LEU A 84 -3.69 -5.55 -3.40
N ARG A 85 -3.14 -6.57 -2.76
CA ARG A 85 -3.77 -7.88 -2.71
C ARG A 85 -4.26 -8.19 -1.30
N ARG A 86 -5.30 -9.03 -1.21
CA ARG A 86 -5.87 -9.41 0.08
C ARG A 86 -4.97 -10.40 0.80
N THR A 87 -4.92 -10.30 2.12
CA THR A 87 -4.10 -11.18 2.93
C THR A 87 -4.97 -12.13 3.76
N GLY A 88 -6.00 -12.67 3.14
CA GLY A 88 -6.89 -13.58 3.84
C GLY A 88 -7.40 -14.69 2.95
N PRO A 89 -7.53 -15.90 3.53
CA PRO A 89 -8.01 -17.09 2.79
C PRO A 89 -9.49 -16.98 2.44
N SER A 90 -9.97 -17.91 1.62
CA SER A 90 -11.36 -17.93 1.20
C SER A 90 -12.24 -18.65 2.22
N GLY A 91 -11.78 -19.83 2.64
CA GLY A 91 -12.53 -20.61 3.61
C GLY A 91 -11.81 -21.88 4.02
N PRO A 92 -12.57 -22.86 4.54
CA PRO A 92 -12.03 -24.15 4.97
C PRO A 92 -11.55 -25.00 3.80
N SER A 93 -11.86 -24.55 2.58
CA SER A 93 -11.46 -25.28 1.38
C SER A 93 -10.87 -24.34 0.35
N SER A 94 -9.57 -24.45 0.13
CA SER A 94 -8.88 -23.60 -0.83
C SER A 94 -9.29 -23.94 -2.26
N GLY A 95 -9.03 -23.02 -3.17
CA GLY A 95 -9.39 -23.24 -4.56
C GLY A 95 -8.30 -22.81 -5.52
N GLY A 1 -4.07 7.38 12.28
CA GLY A 1 -4.23 8.37 11.24
C GLY A 1 -2.93 8.63 10.48
N SER A 2 -3.03 9.28 9.33
CA SER A 2 -1.87 9.58 8.52
C SER A 2 -1.81 11.06 8.17
N SER A 3 -0.84 11.76 8.73
CA SER A 3 -0.67 13.19 8.49
C SER A 3 0.79 13.53 8.18
N GLY A 4 0.99 14.67 7.53
CA GLY A 4 2.34 15.09 7.19
C GLY A 4 2.36 16.14 6.10
N SER A 5 2.70 17.37 6.47
CA SER A 5 2.76 18.47 5.51
C SER A 5 3.71 18.14 4.37
N SER A 6 3.29 18.46 3.15
CA SER A 6 4.09 18.20 1.96
C SER A 6 4.68 16.79 2.01
N GLY A 7 3.83 15.82 2.31
CA GLY A 7 4.28 14.43 2.38
C GLY A 7 4.62 13.87 1.01
N MET A 8 4.29 12.60 0.80
CA MET A 8 4.56 11.94 -0.47
C MET A 8 3.33 11.19 -0.97
N GLU A 9 3.36 10.77 -2.22
CA GLU A 9 2.25 10.04 -2.82
C GLU A 9 2.69 8.65 -3.27
N LEU A 10 1.94 7.64 -2.86
CA LEU A 10 2.25 6.26 -3.21
C LEU A 10 1.47 5.82 -4.44
N LYS A 11 2.03 4.88 -5.19
CA LYS A 11 1.39 4.38 -6.40
C LYS A 11 1.18 2.86 -6.32
N VAL A 12 -0.08 2.46 -6.15
CA VAL A 12 -0.41 1.03 -6.06
C VAL A 12 -1.56 0.68 -6.99
N TRP A 13 -1.64 -0.59 -7.37
CA TRP A 13 -2.69 -1.06 -8.26
C TRP A 13 -3.85 -1.67 -7.47
N VAL A 14 -5.02 -1.04 -7.56
CA VAL A 14 -6.20 -1.53 -6.85
C VAL A 14 -7.39 -1.63 -7.80
N ASP A 15 -8.09 -2.76 -7.73
CA ASP A 15 -9.27 -2.98 -8.57
C ASP A 15 -8.90 -2.87 -10.05
N GLY A 16 -7.64 -3.15 -10.37
CA GLY A 16 -7.18 -3.07 -11.74
C GLY A 16 -6.94 -1.65 -12.19
N VAL A 17 -6.93 -0.73 -11.24
CA VAL A 17 -6.71 0.69 -11.55
C VAL A 17 -5.70 1.31 -10.58
N GLN A 18 -4.87 2.20 -11.10
CA GLN A 18 -3.86 2.88 -10.29
C GLN A 18 -4.52 3.81 -9.27
N ARG A 19 -4.18 3.61 -8.00
CA ARG A 19 -4.74 4.43 -6.93
C ARG A 19 -3.63 5.15 -6.17
N ILE A 20 -3.57 6.46 -6.33
CA ILE A 20 -2.55 7.27 -5.66
C ILE A 20 -3.05 7.74 -4.30
N VAL A 21 -2.17 7.68 -3.30
CA VAL A 21 -2.51 8.11 -1.95
C VAL A 21 -1.88 9.45 -1.61
N CYS A 22 -2.46 10.16 -0.65
CA CYS A 22 -1.94 11.45 -0.23
C CYS A 22 -1.78 11.52 1.28
N GLY A 23 -1.10 12.56 1.76
CA GLY A 23 -0.88 12.72 3.18
C GLY A 23 -0.32 11.46 3.82
N VAL A 24 0.30 10.61 3.01
CA VAL A 24 0.88 9.36 3.51
C VAL A 24 2.38 9.49 3.68
N THR A 25 2.83 9.39 4.93
CA THR A 25 4.25 9.49 5.25
C THR A 25 4.82 8.14 5.66
N GLU A 26 6.08 7.89 5.26
CA GLU A 26 6.74 6.63 5.59
C GLU A 26 6.47 6.23 7.04
N VAL A 27 6.49 7.22 7.93
CA VAL A 27 6.25 6.97 9.35
C VAL A 27 5.11 5.98 9.55
N THR A 28 4.05 6.15 8.77
CA THR A 28 2.89 5.26 8.85
C THR A 28 3.28 3.81 8.59
N THR A 29 2.44 2.89 9.04
CA THR A 29 2.69 1.47 8.85
C THR A 29 1.94 0.93 7.64
N CYS A 30 2.54 -0.06 6.98
CA CYS A 30 1.91 -0.67 5.79
C CYS A 30 0.42 -0.86 6.01
N GLN A 31 0.05 -1.38 7.18
CA GLN A 31 -1.34 -1.62 7.51
C GLN A 31 -2.20 -0.39 7.21
N GLU A 32 -1.69 0.78 7.60
CA GLU A 32 -2.41 2.02 7.38
C GLU A 32 -2.66 2.25 5.89
N VAL A 33 -1.59 2.39 5.12
CA VAL A 33 -1.69 2.61 3.68
C VAL A 33 -2.75 1.70 3.07
N VAL A 34 -2.78 0.45 3.50
CA VAL A 34 -3.75 -0.52 2.99
C VAL A 34 -5.17 -0.11 3.35
N ILE A 35 -5.38 0.20 4.63
CA ILE A 35 -6.70 0.61 5.10
C ILE A 35 -7.20 1.83 4.34
N ALA A 36 -6.44 2.92 4.39
CA ALA A 36 -6.81 4.14 3.70
C ALA A 36 -7.48 3.85 2.36
N LEU A 37 -6.83 3.00 1.56
CA LEU A 37 -7.36 2.63 0.25
C LEU A 37 -8.73 1.96 0.38
N ALA A 38 -8.82 0.99 1.29
CA ALA A 38 -10.07 0.27 1.52
C ALA A 38 -11.18 1.24 1.91
N GLN A 39 -10.95 2.01 2.97
CA GLN A 39 -11.95 2.96 3.45
C GLN A 39 -12.38 3.90 2.32
N ALA A 40 -11.46 4.18 1.40
CA ALA A 40 -11.75 5.05 0.27
C ALA A 40 -12.67 4.38 -0.74
N ILE A 41 -12.30 3.16 -1.12
CA ILE A 41 -13.09 2.40 -2.09
C ILE A 41 -14.35 1.82 -1.44
N GLY A 42 -14.46 1.99 -0.12
CA GLY A 42 -15.61 1.48 0.59
C GLY A 42 -15.63 -0.03 0.66
N ARG A 43 -14.78 -0.60 1.51
CA ARG A 43 -14.69 -2.05 1.67
C ARG A 43 -13.99 -2.41 2.98
N THR A 44 -14.49 -3.45 3.63
CA THR A 44 -13.92 -3.90 4.90
C THR A 44 -13.16 -5.22 4.71
N GLY A 45 -11.83 -5.15 4.78
CA GLY A 45 -11.03 -6.34 4.61
C GLY A 45 -9.54 -6.05 4.67
N ARG A 46 -8.76 -7.01 5.15
CA ARG A 46 -7.31 -6.85 5.25
C ARG A 46 -6.62 -7.26 3.95
N TYR A 47 -5.87 -6.34 3.37
CA TYR A 47 -5.16 -6.62 2.13
C TYR A 47 -3.65 -6.65 2.35
N THR A 48 -2.92 -7.24 1.42
CA THR A 48 -1.48 -7.33 1.51
C THR A 48 -0.80 -6.51 0.44
N LEU A 49 0.36 -5.94 0.77
CA LEU A 49 1.11 -5.11 -0.17
C LEU A 49 2.23 -5.92 -0.83
N ILE A 50 2.18 -6.01 -2.16
CA ILE A 50 3.19 -6.75 -2.90
C ILE A 50 3.91 -5.85 -3.90
N GLU A 51 5.24 -5.91 -3.90
CA GLU A 51 6.04 -5.10 -4.80
C GLU A 51 6.57 -5.94 -5.97
N LYS A 52 6.03 -5.69 -7.15
CA LYS A 52 6.43 -6.41 -8.36
C LYS A 52 7.43 -5.60 -9.17
N TRP A 53 8.68 -6.07 -9.20
CA TRP A 53 9.73 -5.39 -9.95
C TRP A 53 10.73 -6.40 -10.52
N ARG A 54 11.25 -6.08 -11.71
CA ARG A 54 12.21 -6.96 -12.36
C ARG A 54 11.70 -8.39 -12.40
N ASP A 55 10.38 -8.56 -12.34
CA ASP A 55 9.77 -9.88 -12.36
C ASP A 55 9.98 -10.59 -11.04
N THR A 56 10.02 -9.83 -9.95
CA THR A 56 10.22 -10.40 -8.62
C THR A 56 9.23 -9.80 -7.62
N GLU A 57 8.21 -10.60 -7.26
CA GLU A 57 7.20 -10.16 -6.32
C GLU A 57 7.41 -10.82 -4.96
N ARG A 58 7.10 -10.08 -3.90
CA ARG A 58 7.25 -10.59 -2.54
C ARG A 58 6.18 -10.01 -1.62
N HIS A 59 5.90 -10.71 -0.53
CA HIS A 59 4.90 -10.26 0.43
C HIS A 59 5.55 -9.43 1.55
N LEU A 60 4.85 -8.39 1.99
CA LEU A 60 5.35 -7.52 3.04
C LEU A 60 4.55 -7.69 4.32
N ALA A 61 5.01 -7.06 5.39
CA ALA A 61 4.33 -7.14 6.68
C ALA A 61 3.56 -5.85 6.98
N PRO A 62 2.56 -5.95 7.86
CA PRO A 62 1.73 -4.80 8.25
C PRO A 62 2.51 -3.79 9.10
N HIS A 63 3.59 -4.25 9.71
CA HIS A 63 4.42 -3.39 10.54
C HIS A 63 5.42 -2.60 9.71
N GLU A 64 5.91 -3.23 8.64
CA GLU A 64 6.87 -2.59 7.75
C GLU A 64 6.27 -1.33 7.12
N ASN A 65 7.07 -0.64 6.31
CA ASN A 65 6.63 0.58 5.65
C ASN A 65 6.82 0.48 4.14
N PRO A 66 5.86 1.03 3.39
CA PRO A 66 5.91 1.02 1.92
C PRO A 66 7.00 1.92 1.36
N ILE A 67 7.03 3.16 1.82
CA ILE A 67 8.05 4.12 1.37
C ILE A 67 9.45 3.64 1.71
N ILE A 68 9.62 3.16 2.95
CA ILE A 68 10.92 2.67 3.40
C ILE A 68 11.36 1.46 2.57
N SER A 69 10.41 0.58 2.26
CA SER A 69 10.71 -0.61 1.48
C SER A 69 11.17 -0.26 0.08
N LEU A 70 10.71 0.89 -0.41
CA LEU A 70 11.08 1.36 -1.74
C LEU A 70 12.42 2.08 -1.72
N ASN A 71 12.62 2.91 -0.70
CA ASN A 71 13.86 3.65 -0.57
C ASN A 71 15.06 2.77 -0.86
N LYS A 72 15.00 1.52 -0.42
CA LYS A 72 16.08 0.57 -0.63
C LYS A 72 16.62 0.67 -2.04
N TRP A 73 15.74 0.51 -3.03
CA TRP A 73 16.14 0.59 -4.43
C TRP A 73 16.76 1.94 -4.74
N GLY A 74 16.13 3.01 -4.25
CA GLY A 74 16.64 4.35 -4.48
C GLY A 74 16.59 4.74 -5.95
N GLN A 75 17.58 4.27 -6.71
CA GLN A 75 17.65 4.58 -8.14
C GLN A 75 16.58 3.80 -8.91
N TYR A 76 16.45 2.52 -8.58
CA TYR A 76 15.47 1.66 -9.25
C TYR A 76 14.25 1.44 -8.37
N ALA A 77 13.81 2.51 -7.70
CA ALA A 77 12.65 2.42 -6.82
C ALA A 77 11.35 2.67 -7.59
N SER A 78 11.32 3.77 -8.34
CA SER A 78 10.14 4.12 -9.13
C SER A 78 9.69 2.94 -9.98
N ASP A 79 10.62 2.34 -10.70
CA ASP A 79 10.31 1.20 -11.55
C ASP A 79 9.45 0.18 -10.81
N VAL A 80 9.58 0.15 -9.49
CA VAL A 80 8.82 -0.78 -8.67
C VAL A 80 7.37 -0.34 -8.55
N GLN A 81 6.45 -1.28 -8.73
CA GLN A 81 5.03 -1.00 -8.65
C GLN A 81 4.37 -1.77 -7.51
N LEU A 82 3.45 -1.12 -6.82
CA LEU A 82 2.74 -1.75 -5.70
C LEU A 82 1.39 -2.31 -6.15
N ILE A 83 0.96 -3.38 -5.49
CA ILE A 83 -0.31 -4.01 -5.82
C ILE A 83 -1.04 -4.48 -4.57
N LEU A 84 -2.30 -4.11 -4.43
CA LEU A 84 -3.10 -4.49 -3.28
C LEU A 84 -3.77 -5.85 -3.51
N ARG A 85 -3.20 -6.88 -2.90
CA ARG A 85 -3.74 -8.23 -3.03
C ARG A 85 -4.26 -8.74 -1.70
N ARG A 86 -5.55 -9.10 -1.67
CA ARG A 86 -6.18 -9.61 -0.45
C ARG A 86 -5.73 -11.04 -0.17
N THR A 87 -5.00 -11.22 0.93
CA THR A 87 -4.50 -12.53 1.31
C THR A 87 -4.01 -12.53 2.75
N GLY A 88 -4.42 -13.55 3.51
CA GLY A 88 -4.00 -13.65 4.90
C GLY A 88 -4.37 -12.42 5.70
N PRO A 89 -5.58 -12.44 6.29
CA PRO A 89 -6.08 -11.32 7.10
C PRO A 89 -5.34 -11.18 8.42
N SER A 90 -5.60 -10.09 9.13
CA SER A 90 -4.95 -9.84 10.41
C SER A 90 -5.77 -8.88 11.26
N GLY A 91 -5.76 -9.09 12.57
CA GLY A 91 -6.51 -8.23 13.47
C GLY A 91 -6.33 -6.77 13.16
N PRO A 92 -7.40 -5.97 13.34
CA PRO A 92 -7.38 -4.53 13.07
C PRO A 92 -6.53 -3.77 14.10
N SER A 93 -5.94 -2.67 13.67
CA SER A 93 -5.09 -1.85 14.54
C SER A 93 -5.21 -0.38 14.17
N SER A 94 -5.70 0.42 15.11
CA SER A 94 -5.85 1.85 14.88
C SER A 94 -5.42 2.66 16.12
N GLY A 95 -5.38 3.97 15.97
CA GLY A 95 -4.99 4.82 17.08
C GLY A 95 -3.56 4.56 17.53
N GLY A 1 -8.40 16.17 15.66
CA GLY A 1 -7.84 15.39 14.58
C GLY A 1 -7.26 16.26 13.48
N SER A 2 -6.11 15.85 12.94
CA SER A 2 -5.46 16.60 11.87
C SER A 2 -4.48 15.70 11.11
N SER A 3 -4.56 15.76 9.79
CA SER A 3 -3.68 14.96 8.93
C SER A 3 -2.41 15.72 8.61
N GLY A 4 -1.33 14.97 8.34
CA GLY A 4 -0.06 15.60 8.01
C GLY A 4 -0.13 16.42 6.73
N SER A 5 0.85 17.31 6.55
CA SER A 5 0.89 18.16 5.37
C SER A 5 2.21 17.99 4.64
N SER A 6 3.12 17.22 5.23
CA SER A 6 4.43 16.99 4.64
C SER A 6 4.67 15.50 4.40
N GLY A 7 4.61 15.09 3.14
CA GLY A 7 4.81 13.70 2.81
C GLY A 7 4.69 13.44 1.32
N MET A 8 4.73 12.16 0.94
CA MET A 8 4.63 11.78 -0.46
C MET A 8 3.36 10.97 -0.72
N GLU A 9 3.16 10.57 -1.97
CA GLU A 9 1.98 9.78 -2.34
C GLU A 9 2.37 8.40 -2.83
N LEU A 10 1.53 7.42 -2.58
CA LEU A 10 1.79 6.05 -3.00
C LEU A 10 0.81 5.62 -4.10
N LYS A 11 1.32 4.93 -5.11
CA LYS A 11 0.51 4.45 -6.21
C LYS A 11 0.45 2.93 -6.24
N VAL A 12 -0.73 2.38 -5.94
CA VAL A 12 -0.91 0.93 -5.94
C VAL A 12 -2.02 0.52 -6.90
N TRP A 13 -1.97 -0.74 -7.33
CA TRP A 13 -2.97 -1.26 -8.26
C TRP A 13 -4.05 -2.05 -7.52
N VAL A 14 -5.26 -1.52 -7.50
CA VAL A 14 -6.37 -2.17 -6.83
C VAL A 14 -7.38 -2.72 -7.84
N ASP A 15 -7.35 -4.03 -8.04
CA ASP A 15 -8.25 -4.69 -8.97
C ASP A 15 -8.19 -4.02 -10.35
N GLY A 16 -7.01 -3.55 -10.72
CA GLY A 16 -6.84 -2.90 -11.99
C GLY A 16 -7.11 -1.41 -11.93
N VAL A 17 -7.01 -0.83 -10.73
CA VAL A 17 -7.25 0.59 -10.54
C VAL A 17 -6.05 1.27 -9.90
N GLN A 18 -5.48 2.24 -10.61
CA GLN A 18 -4.32 2.96 -10.10
C GLN A 18 -4.75 4.14 -9.23
N ARG A 19 -5.02 3.85 -7.96
CA ARG A 19 -5.45 4.89 -7.02
C ARG A 19 -4.25 5.45 -6.26
N ILE A 20 -4.10 6.77 -6.32
CA ILE A 20 -3.00 7.44 -5.63
C ILE A 20 -3.44 7.99 -4.29
N VAL A 21 -2.56 7.88 -3.28
CA VAL A 21 -2.87 8.36 -1.95
C VAL A 21 -1.75 9.27 -1.43
N CYS A 22 -1.97 10.58 -1.50
CA CYS A 22 -0.98 11.55 -1.03
C CYS A 22 -1.22 11.89 0.43
N GLY A 23 -0.13 12.16 1.15
CA GLY A 23 -0.23 12.50 2.55
C GLY A 23 0.25 11.39 3.46
N VAL A 24 1.04 10.47 2.90
CA VAL A 24 1.57 9.35 3.67
C VAL A 24 3.01 9.61 4.11
N THR A 25 3.36 9.12 5.29
CA THR A 25 4.71 9.30 5.83
C THR A 25 5.28 7.98 6.32
N GLU A 26 6.60 7.89 6.34
CA GLU A 26 7.28 6.68 6.79
C GLU A 26 6.88 6.34 8.23
N VAL A 27 6.43 7.35 8.97
CA VAL A 27 6.02 7.16 10.35
C VAL A 27 4.90 6.13 10.46
N THR A 28 4.07 6.06 9.42
CA THR A 28 2.96 5.12 9.40
C THR A 28 3.42 3.74 8.95
N THR A 29 2.63 2.72 9.27
CA THR A 29 2.96 1.35 8.89
C THR A 29 2.19 0.92 7.65
N CYS A 30 2.72 -0.06 6.93
CA CYS A 30 2.09 -0.56 5.71
C CYS A 30 0.58 -0.64 5.89
N GLN A 31 0.15 -1.31 6.96
CA GLN A 31 -1.28 -1.46 7.24
C GLN A 31 -2.04 -0.18 6.90
N GLU A 32 -1.79 0.87 7.67
CA GLU A 32 -2.47 2.14 7.45
C GLU A 32 -2.53 2.48 5.96
N VAL A 33 -1.36 2.47 5.31
CA VAL A 33 -1.27 2.77 3.88
C VAL A 33 -2.29 1.95 3.09
N VAL A 34 -2.44 0.68 3.48
CA VAL A 34 -3.37 -0.21 2.80
C VAL A 34 -4.81 0.26 2.98
N ILE A 35 -5.32 0.14 4.19
CA ILE A 35 -6.69 0.56 4.50
C ILE A 35 -7.06 1.82 3.72
N ALA A 36 -6.18 2.81 3.74
CA ALA A 36 -6.41 4.07 3.04
C ALA A 36 -7.13 3.82 1.72
N LEU A 37 -6.63 2.87 0.94
CA LEU A 37 -7.23 2.54 -0.35
C LEU A 37 -8.54 1.79 -0.17
N ALA A 38 -8.51 0.75 0.66
CA ALA A 38 -9.70 -0.05 0.93
C ALA A 38 -10.86 0.83 1.39
N GLN A 39 -10.53 1.97 1.98
CA GLN A 39 -11.55 2.90 2.47
C GLN A 39 -12.28 3.55 1.30
N ALA A 40 -11.54 3.93 0.27
CA ALA A 40 -12.13 4.57 -0.89
C ALA A 40 -13.17 3.66 -1.55
N ILE A 41 -12.81 2.39 -1.71
CA ILE A 41 -13.71 1.41 -2.33
C ILE A 41 -14.82 1.00 -1.35
N GLY A 42 -14.67 1.40 -0.10
CA GLY A 42 -15.66 1.06 0.91
C GLY A 42 -15.25 -0.14 1.73
N ARG A 43 -15.45 -1.33 1.18
CA ARG A 43 -15.10 -2.56 1.88
C ARG A 43 -13.66 -2.50 2.41
N THR A 44 -13.44 -3.13 3.56
CA THR A 44 -12.11 -3.15 4.17
C THR A 44 -11.92 -4.38 5.04
N GLY A 45 -10.73 -4.97 4.97
CA GLY A 45 -10.45 -6.15 5.76
C GLY A 45 -8.95 -6.35 5.99
N ARG A 46 -8.48 -7.58 5.78
CA ARG A 46 -7.07 -7.89 5.98
C ARG A 46 -6.36 -8.03 4.64
N TYR A 47 -5.91 -6.91 4.08
CA TYR A 47 -5.21 -6.92 2.80
C TYR A 47 -3.71 -6.76 2.99
N THR A 48 -2.98 -6.71 1.89
CA THR A 48 -1.52 -6.56 1.93
C THR A 48 -0.99 -5.92 0.65
N LEU A 49 0.27 -5.52 0.68
CA LEU A 49 0.89 -4.89 -0.48
C LEU A 49 1.87 -5.85 -1.15
N ILE A 50 2.16 -5.59 -2.42
CA ILE A 50 3.08 -6.43 -3.18
C ILE A 50 4.00 -5.59 -4.06
N GLU A 51 5.30 -5.73 -3.85
CA GLU A 51 6.28 -4.98 -4.63
C GLU A 51 6.81 -5.81 -5.79
N LYS A 52 6.26 -5.57 -6.98
CA LYS A 52 6.66 -6.29 -8.17
C LYS A 52 7.71 -5.50 -8.97
N TRP A 53 8.85 -6.12 -9.22
CA TRP A 53 9.91 -5.48 -9.97
C TRP A 53 10.69 -6.48 -10.80
N ARG A 54 10.97 -6.13 -12.06
CA ARG A 54 11.70 -7.01 -12.96
C ARG A 54 11.22 -8.46 -12.82
N ASP A 55 9.91 -8.62 -12.71
CA ASP A 55 9.32 -9.95 -12.58
C ASP A 55 9.61 -10.53 -11.20
N THR A 56 9.72 -9.65 -10.20
CA THR A 56 10.01 -10.09 -8.83
C THR A 56 8.99 -9.51 -7.86
N GLU A 57 8.08 -10.36 -7.39
CA GLU A 57 7.05 -9.93 -6.44
C GLU A 57 7.14 -10.73 -5.14
N ARG A 58 6.85 -10.08 -4.03
CA ARG A 58 6.89 -10.72 -2.72
C ARG A 58 6.06 -9.94 -1.71
N HIS A 59 5.26 -10.66 -0.93
CA HIS A 59 4.41 -10.04 0.08
C HIS A 59 5.25 -9.38 1.16
N LEU A 60 4.80 -8.23 1.64
CA LEU A 60 5.51 -7.49 2.68
C LEU A 60 4.83 -7.68 4.04
N ALA A 61 5.43 -7.09 5.07
CA ALA A 61 4.88 -7.18 6.42
C ALA A 61 4.07 -5.94 6.77
N PRO A 62 3.08 -6.11 7.67
CA PRO A 62 2.22 -5.02 8.11
C PRO A 62 2.96 -4.00 8.97
N HIS A 63 3.84 -4.49 9.83
CA HIS A 63 4.62 -3.62 10.71
C HIS A 63 5.65 -2.83 9.92
N GLU A 64 6.07 -3.39 8.78
CA GLU A 64 7.05 -2.73 7.93
C GLU A 64 6.48 -1.45 7.32
N ASN A 65 7.35 -0.69 6.66
CA ASN A 65 6.93 0.56 6.02
C ASN A 65 7.07 0.47 4.51
N PRO A 66 6.05 0.95 3.78
CA PRO A 66 6.04 0.94 2.32
C PRO A 66 7.05 1.92 1.72
N ILE A 67 7.13 3.11 2.31
CA ILE A 67 8.05 4.13 1.83
C ILE A 67 9.50 3.70 2.02
N ILE A 68 9.81 3.18 3.21
CA ILE A 68 11.16 2.73 3.50
C ILE A 68 11.55 1.55 2.62
N SER A 69 10.67 0.55 2.56
CA SER A 69 10.93 -0.63 1.74
C SER A 69 11.35 -0.25 0.33
N LEU A 70 10.55 0.60 -0.32
CA LEU A 70 10.85 1.06 -1.67
C LEU A 70 12.13 1.89 -1.70
N ASN A 71 12.21 2.86 -0.81
CA ASN A 71 13.38 3.73 -0.72
C ASN A 71 14.67 2.93 -0.93
N LYS A 72 14.70 1.72 -0.38
CA LYS A 72 15.86 0.86 -0.51
C LYS A 72 16.48 0.97 -1.89
N TRP A 73 15.70 0.61 -2.91
CA TRP A 73 16.17 0.67 -4.29
C TRP A 73 16.82 2.01 -4.59
N GLY A 74 16.21 3.09 -4.09
CA GLY A 74 16.75 4.42 -4.31
C GLY A 74 16.14 5.10 -5.52
N GLN A 75 16.58 4.71 -6.71
CA GLN A 75 16.07 5.29 -7.95
C GLN A 75 15.09 4.35 -8.63
N TYR A 76 15.47 3.07 -8.73
CA TYR A 76 14.63 2.07 -9.35
C TYR A 76 13.27 1.98 -8.66
N ALA A 77 13.24 2.40 -7.40
CA ALA A 77 12.00 2.38 -6.63
C ALA A 77 10.81 2.81 -7.48
N SER A 78 10.92 3.99 -8.08
CA SER A 78 9.85 4.53 -8.92
C SER A 78 9.33 3.46 -9.88
N ASP A 79 10.26 2.80 -10.58
CA ASP A 79 9.90 1.76 -11.54
C ASP A 79 9.08 0.67 -10.86
N VAL A 80 9.38 0.42 -9.59
CA VAL A 80 8.67 -0.61 -8.83
C VAL A 80 7.20 -0.24 -8.65
N GLN A 81 6.32 -1.18 -8.99
CA GLN A 81 4.89 -0.96 -8.86
C GLN A 81 4.33 -1.66 -7.62
N LEU A 82 3.19 -1.19 -7.14
CA LEU A 82 2.55 -1.77 -5.97
C LEU A 82 1.21 -2.41 -6.33
N ILE A 83 0.86 -3.47 -5.59
CA ILE A 83 -0.40 -4.17 -5.84
C ILE A 83 -1.13 -4.45 -4.53
N LEU A 84 -2.42 -4.14 -4.50
CA LEU A 84 -3.24 -4.38 -3.31
C LEU A 84 -3.86 -5.76 -3.34
N ARG A 85 -3.22 -6.70 -2.66
CA ARG A 85 -3.71 -8.07 -2.61
C ARG A 85 -4.46 -8.33 -1.30
N ARG A 86 -5.29 -9.36 -1.29
CA ARG A 86 -6.07 -9.72 -0.12
C ARG A 86 -5.70 -11.10 0.39
N THR A 87 -5.38 -11.20 1.68
CA THR A 87 -4.99 -12.46 2.29
C THR A 87 -5.98 -13.56 1.92
N GLY A 88 -7.27 -13.25 2.00
CA GLY A 88 -8.30 -14.22 1.67
C GLY A 88 -9.49 -14.14 2.61
N PRO A 89 -10.35 -13.14 2.39
CA PRO A 89 -11.54 -12.93 3.22
C PRO A 89 -12.59 -14.01 2.98
N SER A 90 -13.25 -14.44 4.06
CA SER A 90 -14.29 -15.47 3.96
C SER A 90 -15.60 -14.87 3.49
N GLY A 91 -15.78 -14.81 2.17
CA GLY A 91 -17.01 -14.27 1.62
C GLY A 91 -17.39 -12.94 2.26
N PRO A 92 -18.68 -12.59 2.16
CA PRO A 92 -19.21 -11.33 2.72
C PRO A 92 -19.22 -11.35 4.25
N SER A 93 -19.20 -12.55 4.82
CA SER A 93 -19.21 -12.70 6.27
C SER A 93 -18.13 -11.85 6.92
N SER A 94 -16.88 -12.16 6.59
CA SER A 94 -15.74 -11.42 7.14
C SER A 94 -16.07 -9.95 7.29
N GLY A 95 -16.25 -9.51 8.53
CA GLY A 95 -16.57 -8.11 8.78
C GLY A 95 -15.34 -7.30 9.16
N GLY A 1 -9.14 18.29 16.90
CA GLY A 1 -8.11 18.49 15.90
C GLY A 1 -7.14 17.33 15.82
N SER A 2 -7.28 16.52 14.78
CA SER A 2 -6.41 15.35 14.60
C SER A 2 -5.02 15.77 14.12
N SER A 3 -4.12 14.81 14.03
CA SER A 3 -2.75 15.08 13.60
C SER A 3 -2.58 14.77 12.12
N GLY A 4 -1.59 15.41 11.50
CA GLY A 4 -1.34 15.20 10.09
C GLY A 4 0.10 15.51 9.70
N SER A 5 0.45 15.21 8.45
CA SER A 5 1.80 15.47 7.97
C SER A 5 1.86 15.33 6.45
N SER A 6 2.50 16.30 5.80
CA SER A 6 2.62 16.29 4.34
C SER A 6 3.59 15.20 3.89
N GLY A 7 3.03 14.05 3.51
CA GLY A 7 3.86 12.94 3.06
C GLY A 7 4.09 12.97 1.56
N MET A 8 4.08 11.80 0.94
CA MET A 8 4.31 11.69 -0.49
C MET A 8 3.18 10.91 -1.16
N GLU A 9 3.23 10.82 -2.49
CA GLU A 9 2.21 10.09 -3.25
C GLU A 9 2.70 8.70 -3.61
N LEU A 10 1.89 7.69 -3.29
CA LEU A 10 2.24 6.30 -3.58
C LEU A 10 1.27 5.71 -4.60
N LYS A 11 1.82 5.08 -5.63
CA LYS A 11 1.01 4.47 -6.67
C LYS A 11 0.84 2.97 -6.42
N VAL A 12 -0.41 2.52 -6.38
CA VAL A 12 -0.70 1.11 -6.14
C VAL A 12 -1.68 0.57 -7.19
N TRP A 13 -1.72 -0.75 -7.31
CA TRP A 13 -2.60 -1.40 -8.28
C TRP A 13 -3.71 -2.18 -7.57
N VAL A 14 -4.92 -1.63 -7.59
CA VAL A 14 -6.06 -2.28 -6.95
C VAL A 14 -7.08 -2.74 -7.99
N ASP A 15 -7.07 -4.03 -8.28
CA ASP A 15 -8.00 -4.60 -9.26
C ASP A 15 -7.67 -4.11 -10.67
N GLY A 16 -6.41 -3.81 -10.90
CA GLY A 16 -5.99 -3.33 -12.21
C GLY A 16 -6.24 -1.85 -12.40
N VAL A 17 -6.30 -1.11 -11.29
CA VAL A 17 -6.54 0.32 -11.34
C VAL A 17 -5.53 1.08 -10.47
N GLN A 18 -4.83 2.03 -11.08
CA GLN A 18 -3.84 2.83 -10.36
C GLN A 18 -4.52 3.75 -9.34
N ARG A 19 -4.09 3.63 -8.09
CA ARG A 19 -4.66 4.45 -7.01
C ARG A 19 -3.56 5.22 -6.28
N ILE A 20 -3.55 6.54 -6.48
CA ILE A 20 -2.56 7.39 -5.83
C ILE A 20 -3.03 7.87 -4.47
N VAL A 21 -2.22 7.66 -3.45
CA VAL A 21 -2.55 8.06 -2.09
C VAL A 21 -1.57 9.11 -1.57
N CYS A 22 -2.06 10.31 -1.33
CA CYS A 22 -1.22 11.40 -0.82
C CYS A 22 -1.48 11.64 0.65
N GLY A 23 -0.40 11.79 1.43
CA GLY A 23 -0.53 12.03 2.85
C GLY A 23 0.20 10.99 3.68
N VAL A 24 0.67 9.94 3.02
CA VAL A 24 1.40 8.86 3.69
C VAL A 24 2.85 9.26 3.96
N THR A 25 3.31 9.03 5.18
CA THR A 25 4.68 9.36 5.56
C THR A 25 5.48 8.10 5.87
N GLU A 26 6.72 8.29 6.30
CA GLU A 26 7.60 7.17 6.64
C GLU A 26 7.07 6.41 7.85
N VAL A 27 6.76 7.15 8.91
CA VAL A 27 6.24 6.55 10.14
C VAL A 27 5.03 5.68 9.85
N THR A 28 4.37 5.94 8.72
CA THR A 28 3.20 5.17 8.33
C THR A 28 3.58 3.77 7.87
N THR A 29 2.97 2.76 8.49
CA THR A 29 3.24 1.37 8.14
C THR A 29 2.41 0.93 6.94
N CYS A 30 2.70 -0.26 6.42
CA CYS A 30 1.99 -0.79 5.28
C CYS A 30 0.53 -1.07 5.62
N GLN A 31 0.31 -1.70 6.78
CA GLN A 31 -1.04 -2.02 7.23
C GLN A 31 -1.87 -0.76 7.40
N GLU A 32 -1.21 0.39 7.39
CA GLU A 32 -1.90 1.66 7.55
C GLU A 32 -2.21 2.28 6.18
N VAL A 33 -1.43 1.90 5.18
CA VAL A 33 -1.63 2.41 3.83
C VAL A 33 -2.73 1.66 3.11
N VAL A 34 -2.98 0.43 3.54
CA VAL A 34 -4.01 -0.40 2.94
C VAL A 34 -5.41 0.02 3.41
N ILE A 35 -5.51 0.38 4.67
CA ILE A 35 -6.78 0.80 5.25
C ILE A 35 -7.45 1.87 4.38
N ALA A 36 -6.76 3.00 4.22
CA ALA A 36 -7.29 4.09 3.42
C ALA A 36 -7.90 3.58 2.12
N LEU A 37 -7.18 2.70 1.43
CA LEU A 37 -7.66 2.13 0.18
C LEU A 37 -8.98 1.40 0.38
N ALA A 38 -9.06 0.60 1.45
CA ALA A 38 -10.27 -0.15 1.75
C ALA A 38 -11.45 0.79 2.01
N GLN A 39 -11.15 1.96 2.59
CA GLN A 39 -12.19 2.94 2.90
C GLN A 39 -12.71 3.60 1.62
N ALA A 40 -11.79 3.93 0.72
CA ALA A 40 -12.16 4.56 -0.54
C ALA A 40 -13.02 3.63 -1.39
N ILE A 41 -12.54 2.40 -1.58
CA ILE A 41 -13.26 1.42 -2.38
C ILE A 41 -14.55 0.98 -1.67
N GLY A 42 -14.61 1.24 -0.37
CA GLY A 42 -15.78 0.86 0.40
C GLY A 42 -15.56 -0.38 1.24
N ARG A 43 -15.44 -1.52 0.56
CA ARG A 43 -15.22 -2.80 1.25
C ARG A 43 -14.31 -2.61 2.46
N THR A 44 -14.71 -3.19 3.59
CA THR A 44 -13.93 -3.09 4.81
C THR A 44 -13.09 -4.34 5.03
N GLY A 45 -11.86 -4.15 5.50
CA GLY A 45 -10.98 -5.28 5.76
C GLY A 45 -9.52 -4.93 5.56
N ARG A 46 -8.63 -5.75 6.11
CA ARG A 46 -7.20 -5.51 6.00
C ARG A 46 -6.63 -6.21 4.77
N TYR A 47 -5.96 -5.44 3.92
CA TYR A 47 -5.37 -5.98 2.70
C TYR A 47 -3.85 -6.07 2.83
N THR A 48 -3.21 -6.64 1.80
CA THR A 48 -1.76 -6.79 1.80
C THR A 48 -1.13 -6.05 0.64
N LEU A 49 0.11 -5.60 0.82
CA LEU A 49 0.83 -4.87 -0.22
C LEU A 49 1.96 -5.71 -0.78
N ILE A 50 1.96 -5.89 -2.11
CA ILE A 50 2.98 -6.68 -2.78
C ILE A 50 3.79 -5.80 -3.74
N GLU A 51 5.11 -5.88 -3.62
CA GLU A 51 6.01 -5.10 -4.47
C GLU A 51 6.32 -5.85 -5.76
N LYS A 52 5.99 -5.24 -6.90
CA LYS A 52 6.24 -5.86 -8.19
C LYS A 52 7.16 -4.98 -9.04
N TRP A 53 8.41 -5.42 -9.19
CA TRP A 53 9.39 -4.67 -9.98
C TRP A 53 10.31 -5.61 -10.72
N ARG A 54 10.29 -5.54 -12.05
CA ARG A 54 11.13 -6.39 -12.88
C ARG A 54 10.78 -7.86 -12.67
N ASP A 55 9.51 -8.19 -12.83
CA ASP A 55 9.04 -9.56 -12.67
C ASP A 55 9.50 -10.13 -11.33
N THR A 56 9.34 -9.34 -10.26
CA THR A 56 9.73 -9.76 -8.93
C THR A 56 8.66 -9.44 -7.91
N GLU A 57 8.01 -10.47 -7.37
CA GLU A 57 6.96 -10.28 -6.38
C GLU A 57 7.48 -10.55 -4.97
N ARG A 58 7.05 -9.74 -4.01
CA ARG A 58 7.48 -9.87 -2.63
C ARG A 58 6.40 -9.36 -1.68
N HIS A 59 6.11 -10.14 -0.64
CA HIS A 59 5.11 -9.77 0.34
C HIS A 59 5.68 -8.77 1.36
N LEU A 60 4.88 -7.78 1.72
CA LEU A 60 5.31 -6.77 2.68
C LEU A 60 4.66 -7.00 4.05
N ALA A 61 5.47 -6.98 5.09
CA ALA A 61 4.99 -7.19 6.45
C ALA A 61 4.07 -6.05 6.88
N PRO A 62 3.09 -6.36 7.75
CA PRO A 62 2.14 -5.38 8.25
C PRO A 62 2.77 -4.37 9.20
N HIS A 63 3.98 -4.70 9.67
CA HIS A 63 4.70 -3.81 10.58
C HIS A 63 5.70 -2.94 9.82
N GLU A 64 6.13 -3.44 8.66
CA GLU A 64 7.09 -2.71 7.84
C GLU A 64 6.45 -1.45 7.25
N ASN A 65 7.24 -0.70 6.48
CA ASN A 65 6.75 0.52 5.85
C ASN A 65 6.95 0.48 4.35
N PRO A 66 6.00 1.05 3.59
CA PRO A 66 6.06 1.10 2.13
C PRO A 66 7.15 2.03 1.62
N ILE A 67 7.27 3.20 2.24
CA ILE A 67 8.27 4.18 1.84
C ILE A 67 9.67 3.58 1.92
N ILE A 68 9.97 2.90 3.02
CA ILE A 68 11.27 2.27 3.20
C ILE A 68 11.54 1.22 2.13
N SER A 69 10.46 0.59 1.67
CA SER A 69 10.58 -0.45 0.64
C SER A 69 11.22 0.11 -0.62
N LEU A 70 10.92 1.37 -0.93
CA LEU A 70 11.46 2.03 -2.11
C LEU A 70 12.77 2.74 -1.79
N ASN A 71 12.97 3.05 -0.52
CA ASN A 71 14.18 3.73 -0.07
C ASN A 71 15.41 2.85 -0.28
N LYS A 72 15.17 1.56 -0.51
CA LYS A 72 16.25 0.61 -0.73
C LYS A 72 16.56 0.45 -2.21
N TRP A 73 15.56 0.70 -3.04
CA TRP A 73 15.71 0.59 -4.49
C TRP A 73 16.36 1.84 -5.06
N GLY A 74 16.02 2.99 -4.49
CA GLY A 74 16.58 4.25 -4.96
C GLY A 74 16.58 4.36 -6.46
N GLN A 75 17.68 3.97 -7.09
CA GLN A 75 17.79 4.03 -8.55
C GLN A 75 16.56 3.42 -9.21
N TYR A 76 15.93 2.46 -8.54
CA TYR A 76 14.75 1.80 -9.07
C TYR A 76 13.58 1.92 -8.10
N ALA A 77 13.44 3.10 -7.50
CA ALA A 77 12.36 3.34 -6.54
C ALA A 77 11.04 3.58 -7.26
N SER A 78 11.02 4.61 -8.12
CA SER A 78 9.82 4.95 -8.87
C SER A 78 9.35 3.77 -9.72
N ASP A 79 10.27 3.18 -10.48
CA ASP A 79 9.95 2.04 -11.33
C ASP A 79 9.10 1.02 -10.56
N VAL A 80 9.39 0.85 -9.28
CA VAL A 80 8.67 -0.10 -8.45
C VAL A 80 7.22 0.35 -8.26
N GLN A 81 6.30 -0.62 -8.32
CA GLN A 81 4.89 -0.33 -8.15
C GLN A 81 4.25 -1.26 -7.11
N LEU A 82 3.36 -0.70 -6.29
CA LEU A 82 2.69 -1.47 -5.25
C LEU A 82 1.43 -2.12 -5.79
N ILE A 83 0.96 -3.17 -5.11
CA ILE A 83 -0.24 -3.88 -5.52
C ILE A 83 -1.06 -4.31 -4.31
N LEU A 84 -2.28 -3.79 -4.21
CA LEU A 84 -3.17 -4.13 -3.10
C LEU A 84 -3.87 -5.45 -3.35
N ARG A 85 -3.53 -6.46 -2.56
CA ARG A 85 -4.12 -7.78 -2.69
C ARG A 85 -5.02 -8.10 -1.50
N ARG A 86 -5.98 -8.99 -1.71
CA ARG A 86 -6.91 -9.37 -0.65
C ARG A 86 -6.57 -10.75 -0.10
N THR A 87 -6.61 -10.88 1.23
CA THR A 87 -6.29 -12.14 1.88
C THR A 87 -7.56 -12.97 2.11
N GLY A 88 -8.31 -13.19 1.05
CA GLY A 88 -9.54 -13.97 1.16
C GLY A 88 -10.57 -13.57 0.12
N PRO A 89 -11.36 -14.56 -0.34
CA PRO A 89 -12.40 -14.33 -1.35
C PRO A 89 -13.57 -13.53 -0.79
N SER A 90 -14.04 -13.90 0.39
CA SER A 90 -15.16 -13.21 1.02
C SER A 90 -15.38 -13.73 2.44
N GLY A 91 -15.90 -12.87 3.31
CA GLY A 91 -16.16 -13.26 4.68
C GLY A 91 -17.42 -12.65 5.23
N PRO A 92 -17.94 -13.22 6.33
CA PRO A 92 -19.15 -12.74 6.98
C PRO A 92 -18.96 -11.38 7.65
N SER A 93 -19.54 -10.34 7.06
CA SER A 93 -19.42 -9.00 7.59
C SER A 93 -20.15 -8.88 8.94
N SER A 94 -19.40 -8.51 9.98
CA SER A 94 -19.97 -8.37 11.31
C SER A 94 -20.61 -6.99 11.49
N GLY A 95 -21.53 -6.90 12.43
CA GLY A 95 -22.21 -5.64 12.69
C GLY A 95 -21.98 -5.14 14.11
N GLY A 1 -5.40 8.92 10.31
CA GLY A 1 -5.66 8.69 8.89
C GLY A 1 -5.11 9.81 8.02
N SER A 2 -5.93 10.82 7.77
CA SER A 2 -5.53 11.95 6.94
C SER A 2 -5.64 13.26 7.71
N SER A 3 -4.52 13.97 7.83
CA SER A 3 -4.49 15.23 8.54
C SER A 3 -4.59 16.41 7.58
N GLY A 4 -3.67 16.45 6.61
CA GLY A 4 -3.66 17.53 5.63
C GLY A 4 -2.29 17.76 5.04
N SER A 5 -1.29 17.94 5.91
CA SER A 5 0.08 18.18 5.46
C SER A 5 0.41 17.32 4.25
N SER A 6 0.39 17.93 3.07
CA SER A 6 0.68 17.22 1.83
C SER A 6 1.87 16.28 2.02
N GLY A 7 1.59 14.99 2.22
CA GLY A 7 2.64 14.02 2.40
C GLY A 7 3.27 13.58 1.09
N MET A 8 3.64 12.31 1.01
CA MET A 8 4.26 11.78 -0.20
C MET A 8 3.23 11.03 -1.04
N GLU A 9 3.64 10.63 -2.24
CA GLU A 9 2.76 9.91 -3.15
C GLU A 9 3.16 8.44 -3.27
N LEU A 10 2.19 7.57 -3.43
CA LEU A 10 2.44 6.14 -3.55
C LEU A 10 1.84 5.58 -4.83
N LYS A 11 2.44 4.51 -5.34
CA LYS A 11 1.96 3.88 -6.57
C LYS A 11 1.52 2.45 -6.30
N VAL A 12 0.21 2.24 -6.26
CA VAL A 12 -0.34 0.91 -6.01
C VAL A 12 -1.52 0.63 -6.93
N TRP A 13 -1.53 -0.56 -7.53
CA TRP A 13 -2.61 -0.95 -8.44
C TRP A 13 -3.79 -1.52 -7.65
N VAL A 14 -4.85 -0.73 -7.55
CA VAL A 14 -6.05 -1.17 -6.83
C VAL A 14 -7.16 -1.56 -7.79
N ASP A 15 -7.53 -2.83 -7.77
CA ASP A 15 -8.58 -3.34 -8.65
C ASP A 15 -8.22 -3.12 -10.12
N GLY A 16 -6.94 -3.29 -10.43
CA GLY A 16 -6.48 -3.10 -11.80
C GLY A 16 -6.50 -1.64 -12.22
N VAL A 17 -6.59 -0.75 -11.24
CA VAL A 17 -6.62 0.68 -11.53
C VAL A 17 -5.59 1.43 -10.68
N GLN A 18 -4.76 2.23 -11.33
CA GLN A 18 -3.73 3.00 -10.63
C GLN A 18 -4.36 3.99 -9.66
N ARG A 19 -3.91 3.95 -8.41
CA ARG A 19 -4.43 4.84 -7.38
C ARG A 19 -3.29 5.42 -6.54
N ILE A 20 -3.19 6.74 -6.52
CA ILE A 20 -2.16 7.42 -5.76
C ILE A 20 -2.66 7.84 -4.39
N VAL A 21 -1.98 7.36 -3.35
CA VAL A 21 -2.36 7.69 -1.98
C VAL A 21 -1.65 8.95 -1.50
N CYS A 22 -2.42 9.82 -0.85
CA CYS A 22 -1.87 11.08 -0.33
C CYS A 22 -1.78 11.05 1.19
N GLY A 23 -1.04 11.99 1.76
CA GLY A 23 -0.89 12.06 3.19
C GLY A 23 -0.13 10.88 3.74
N VAL A 24 0.86 10.40 3.00
CA VAL A 24 1.67 9.27 3.41
C VAL A 24 3.02 9.72 3.95
N THR A 25 3.27 9.46 5.23
CA THR A 25 4.52 9.84 5.86
C THR A 25 5.30 8.61 6.32
N GLU A 26 6.61 8.79 6.49
CA GLU A 26 7.47 7.70 6.93
C GLU A 26 6.86 6.96 8.12
N VAL A 27 6.46 7.71 9.13
CA VAL A 27 5.85 7.14 10.33
C VAL A 27 4.72 6.19 9.96
N THR A 28 3.91 6.59 9.00
CA THR A 28 2.78 5.78 8.55
C THR A 28 3.25 4.41 8.07
N THR A 29 2.76 3.35 8.71
CA THR A 29 3.13 2.00 8.34
C THR A 29 2.34 1.52 7.13
N CYS A 30 2.67 0.33 6.63
CA CYS A 30 1.98 -0.24 5.48
C CYS A 30 0.54 -0.58 5.82
N GLN A 31 0.33 -1.09 7.03
CA GLN A 31 -1.01 -1.47 7.47
C GLN A 31 -1.94 -0.25 7.49
N GLU A 32 -1.36 0.92 7.78
CA GLU A 32 -2.14 2.15 7.83
C GLU A 32 -2.57 2.58 6.43
N VAL A 33 -1.72 2.33 5.45
CA VAL A 33 -2.01 2.69 4.07
C VAL A 33 -3.18 1.87 3.52
N VAL A 34 -2.93 0.58 3.29
CA VAL A 34 -3.96 -0.31 2.76
C VAL A 34 -5.32 0.02 3.36
N ILE A 35 -5.38 0.11 4.68
CA ILE A 35 -6.62 0.42 5.38
C ILE A 35 -7.36 1.57 4.70
N ALA A 36 -6.64 2.65 4.43
CA ALA A 36 -7.21 3.82 3.78
C ALA A 36 -7.99 3.42 2.53
N LEU A 37 -7.28 2.87 1.55
CA LEU A 37 -7.91 2.45 0.30
C LEU A 37 -9.10 1.55 0.57
N ALA A 38 -8.92 0.56 1.42
CA ALA A 38 -9.99 -0.37 1.76
C ALA A 38 -11.23 0.38 2.23
N GLN A 39 -11.03 1.41 3.04
CA GLN A 39 -12.15 2.20 3.56
C GLN A 39 -12.87 2.92 2.42
N ALA A 40 -12.11 3.40 1.44
CA ALA A 40 -12.69 4.09 0.30
C ALA A 40 -13.61 3.18 -0.50
N ILE A 41 -13.11 1.99 -0.83
CA ILE A 41 -13.88 1.02 -1.59
C ILE A 41 -15.00 0.43 -0.74
N GLY A 42 -14.80 0.41 0.57
CA GLY A 42 -15.80 -0.13 1.47
C GLY A 42 -15.26 -1.22 2.37
N ARG A 43 -14.95 -2.36 1.78
CA ARG A 43 -14.41 -3.50 2.54
C ARG A 43 -13.38 -3.02 3.56
N THR A 44 -13.36 -3.67 4.71
CA THR A 44 -12.43 -3.32 5.78
C THR A 44 -11.37 -4.40 5.97
N GLY A 45 -11.61 -5.57 5.37
CA GLY A 45 -10.67 -6.66 5.48
C GLY A 45 -9.25 -6.25 5.11
N ARG A 46 -8.38 -6.20 6.11
CA ARG A 46 -6.99 -5.82 5.89
C ARG A 46 -6.46 -6.43 4.58
N TYR A 47 -5.78 -5.60 3.79
CA TYR A 47 -5.22 -6.05 2.52
C TYR A 47 -3.71 -6.19 2.60
N THR A 48 -3.12 -6.81 1.58
CA THR A 48 -1.68 -7.02 1.53
C THR A 48 -1.05 -6.19 0.43
N LEU A 49 0.20 -5.78 0.65
CA LEU A 49 0.92 -4.98 -0.33
C LEU A 49 2.03 -5.79 -1.00
N ILE A 50 1.99 -5.88 -2.33
CA ILE A 50 2.98 -6.62 -3.07
C ILE A 50 3.72 -5.73 -4.06
N GLU A 51 5.05 -5.84 -4.09
CA GLU A 51 5.86 -5.04 -4.98
C GLU A 51 6.36 -5.88 -6.16
N LYS A 52 5.85 -5.57 -7.35
CA LYS A 52 6.24 -6.30 -8.55
C LYS A 52 7.42 -5.61 -9.24
N TRP A 53 8.46 -6.38 -9.50
CA TRP A 53 9.66 -5.86 -10.15
C TRP A 53 10.41 -6.96 -10.88
N ARG A 54 11.05 -6.60 -11.99
CA ARG A 54 11.81 -7.57 -12.78
C ARG A 54 11.09 -8.91 -12.84
N ASP A 55 9.79 -8.87 -13.07
CA ASP A 55 8.98 -10.08 -13.15
C ASP A 55 9.09 -10.89 -11.86
N THR A 56 9.02 -10.20 -10.73
CA THR A 56 9.10 -10.85 -9.43
C THR A 56 7.99 -10.37 -8.50
N GLU A 57 7.64 -11.20 -7.52
CA GLU A 57 6.59 -10.87 -6.57
C GLU A 57 7.04 -11.14 -5.13
N ARG A 58 6.76 -10.20 -4.24
CA ARG A 58 7.15 -10.33 -2.84
C ARG A 58 6.15 -9.63 -1.93
N HIS A 59 5.68 -10.34 -0.91
CA HIS A 59 4.72 -9.78 0.03
C HIS A 59 5.42 -8.96 1.10
N LEU A 60 5.01 -7.71 1.26
CA LEU A 60 5.61 -6.82 2.24
C LEU A 60 5.03 -7.09 3.63
N ALA A 61 5.81 -6.78 4.67
CA ALA A 61 5.37 -6.99 6.03
C ALA A 61 4.42 -5.89 6.48
N PRO A 62 3.45 -6.26 7.33
CA PRO A 62 2.44 -5.32 7.85
C PRO A 62 3.04 -4.31 8.81
N HIS A 63 4.33 -4.47 9.12
CA HIS A 63 5.03 -3.57 10.03
C HIS A 63 6.04 -2.72 9.29
N GLU A 64 6.30 -3.07 8.04
CA GLU A 64 7.25 -2.34 7.21
C GLU A 64 6.60 -1.10 6.59
N ASN A 65 7.42 -0.13 6.23
CA ASN A 65 6.93 1.11 5.63
C ASN A 65 7.01 1.04 4.10
N PRO A 66 6.00 1.61 3.44
CA PRO A 66 5.93 1.63 1.97
C PRO A 66 6.99 2.54 1.36
N ILE A 67 7.24 3.68 2.00
CA ILE A 67 8.22 4.63 1.52
C ILE A 67 9.64 4.08 1.65
N ILE A 68 9.90 3.43 2.78
CA ILE A 68 11.22 2.85 3.04
C ILE A 68 11.49 1.66 2.11
N SER A 69 10.57 0.71 2.11
CA SER A 69 10.71 -0.48 1.28
C SER A 69 10.95 -0.10 -0.18
N LEU A 70 10.40 1.05 -0.58
CA LEU A 70 10.56 1.53 -1.95
C LEU A 70 11.86 2.31 -2.10
N ASN A 71 12.12 3.22 -1.15
CA ASN A 71 13.33 4.02 -1.18
C ASN A 71 14.56 3.17 -1.46
N LYS A 72 14.62 2.01 -0.81
CA LYS A 72 15.74 1.09 -0.99
C LYS A 72 16.24 1.13 -2.43
N TRP A 73 15.35 0.84 -3.37
CA TRP A 73 15.70 0.84 -4.79
C TRP A 73 16.32 2.17 -5.20
N GLY A 74 15.63 3.27 -4.89
CA GLY A 74 16.13 4.58 -5.23
C GLY A 74 16.14 4.83 -6.73
N GLN A 75 17.25 4.47 -7.37
CA GLN A 75 17.40 4.66 -8.82
C GLN A 75 16.37 3.83 -9.57
N TYR A 76 15.94 2.73 -8.96
CA TYR A 76 14.96 1.84 -9.58
C TYR A 76 13.71 1.72 -8.71
N ALA A 77 13.39 2.79 -7.99
CA ALA A 77 12.22 2.81 -7.12
C ALA A 77 10.95 3.07 -7.93
N SER A 78 11.05 3.96 -8.91
CA SER A 78 9.91 4.30 -9.75
C SER A 78 9.41 3.08 -10.51
N ASP A 79 10.33 2.31 -11.07
CA ASP A 79 9.99 1.12 -11.82
C ASP A 79 9.14 0.17 -10.98
N VAL A 80 9.44 0.11 -9.68
CA VAL A 80 8.70 -0.75 -8.78
C VAL A 80 7.24 -0.32 -8.67
N GLN A 81 6.33 -1.29 -8.84
CA GLN A 81 4.90 -1.00 -8.77
C GLN A 81 4.23 -1.87 -7.72
N LEU A 82 3.44 -1.25 -6.85
CA LEU A 82 2.74 -1.96 -5.79
C LEU A 82 1.41 -2.50 -6.29
N ILE A 83 0.92 -3.55 -5.64
CA ILE A 83 -0.35 -4.15 -6.02
C ILE A 83 -1.15 -4.57 -4.79
N LEU A 84 -2.34 -3.98 -4.64
CA LEU A 84 -3.20 -4.28 -3.50
C LEU A 84 -4.03 -5.54 -3.76
N ARG A 85 -3.69 -6.63 -3.06
CA ARG A 85 -4.39 -7.89 -3.22
C ARG A 85 -5.21 -8.21 -1.97
N ARG A 86 -6.34 -8.89 -2.16
CA ARG A 86 -7.20 -9.26 -1.04
C ARG A 86 -6.91 -10.67 -0.58
N THR A 87 -6.94 -10.87 0.74
CA THR A 87 -6.67 -12.19 1.31
C THR A 87 -7.34 -12.33 2.68
N GLY A 88 -8.22 -13.32 2.79
CA GLY A 88 -8.92 -13.55 4.04
C GLY A 88 -10.40 -13.25 3.95
N PRO A 89 -11.14 -13.50 5.04
CA PRO A 89 -12.58 -13.24 5.09
C PRO A 89 -12.91 -11.76 5.10
N SER A 90 -14.20 -11.45 5.00
CA SER A 90 -14.65 -10.07 4.99
C SER A 90 -15.46 -9.74 6.23
N GLY A 91 -16.37 -10.66 6.60
CA GLY A 91 -17.19 -10.45 7.77
C GLY A 91 -17.97 -9.15 7.71
N PRO A 92 -18.65 -8.81 8.82
CA PRO A 92 -19.45 -7.59 8.91
C PRO A 92 -18.59 -6.33 8.94
N SER A 93 -19.13 -5.23 8.44
CA SER A 93 -18.41 -3.96 8.41
C SER A 93 -19.20 -2.87 9.11
N SER A 94 -18.61 -2.29 10.16
CA SER A 94 -19.26 -1.23 10.91
C SER A 94 -18.42 0.05 10.90
N GLY A 95 -19.10 1.18 11.03
CA GLY A 95 -18.39 2.46 11.03
C GLY A 95 -17.23 2.49 11.99
N GLY A 1 -7.95 27.75 12.08
CA GLY A 1 -9.05 26.94 11.61
C GLY A 1 -8.61 25.61 11.03
N SER A 2 -7.79 25.67 9.99
CA SER A 2 -7.29 24.47 9.34
C SER A 2 -5.93 24.72 8.68
N SER A 3 -5.34 23.67 8.14
CA SER A 3 -4.05 23.79 7.48
C SER A 3 -4.08 23.12 6.10
N GLY A 4 -4.34 21.81 6.09
CA GLY A 4 -4.39 21.08 4.84
C GLY A 4 -3.71 19.73 4.92
N SER A 5 -3.25 19.22 3.78
CA SER A 5 -2.58 17.92 3.74
C SER A 5 -1.27 18.02 2.97
N SER A 6 -0.25 17.34 3.47
CA SER A 6 1.06 17.34 2.83
C SER A 6 1.75 15.99 2.97
N GLY A 7 2.88 15.83 2.30
CA GLY A 7 3.61 14.57 2.36
C GLY A 7 3.77 13.92 1.01
N MET A 8 4.24 12.68 1.00
CA MET A 8 4.44 11.94 -0.24
C MET A 8 3.19 11.13 -0.59
N GLU A 9 3.19 10.54 -1.78
CA GLU A 9 2.06 9.73 -2.23
C GLU A 9 2.52 8.36 -2.71
N LEU A 10 1.61 7.40 -2.69
CA LEU A 10 1.92 6.04 -3.12
C LEU A 10 1.06 5.62 -4.31
N LYS A 11 1.66 4.88 -5.23
CA LYS A 11 0.94 4.41 -6.41
C LYS A 11 0.69 2.91 -6.35
N VAL A 12 -0.58 2.54 -6.21
CA VAL A 12 -0.96 1.13 -6.13
C VAL A 12 -1.92 0.75 -7.26
N TRP A 13 -1.99 -0.53 -7.56
CA TRP A 13 -2.88 -1.02 -8.62
C TRP A 13 -4.12 -1.66 -8.02
N VAL A 14 -5.22 -0.91 -7.99
CA VAL A 14 -6.47 -1.41 -7.46
C VAL A 14 -7.48 -1.68 -8.57
N ASP A 15 -7.81 -2.96 -8.75
CA ASP A 15 -8.77 -3.36 -9.78
C ASP A 15 -8.38 -2.76 -11.13
N GLY A 16 -7.10 -2.86 -11.48
CA GLY A 16 -6.63 -2.32 -12.75
C GLY A 16 -6.68 -0.81 -12.78
N VAL A 17 -6.74 -0.18 -11.61
CA VAL A 17 -6.80 1.27 -11.52
C VAL A 17 -5.70 1.80 -10.59
N GLN A 18 -4.87 2.70 -11.12
CA GLN A 18 -3.79 3.28 -10.35
C GLN A 18 -4.32 4.23 -9.29
N ARG A 19 -4.46 3.74 -8.06
CA ARG A 19 -4.97 4.54 -6.96
C ARG A 19 -3.84 5.34 -6.31
N ILE A 20 -3.99 6.66 -6.30
CA ILE A 20 -2.99 7.54 -5.70
C ILE A 20 -3.37 7.93 -4.28
N VAL A 21 -2.52 7.60 -3.32
CA VAL A 21 -2.77 7.92 -1.92
C VAL A 21 -1.80 8.97 -1.42
N CYS A 22 -2.27 10.21 -1.32
CA CYS A 22 -1.45 11.31 -0.85
C CYS A 22 -1.60 11.51 0.66
N GLY A 23 -0.47 11.65 1.34
CA GLY A 23 -0.50 11.84 2.79
C GLY A 23 0.19 10.71 3.53
N VAL A 24 1.10 10.02 2.86
CA VAL A 24 1.83 8.92 3.46
C VAL A 24 3.26 9.31 3.78
N THR A 25 3.68 9.05 5.01
CA THR A 25 5.03 9.38 5.45
C THR A 25 5.75 8.15 5.97
N GLU A 26 7.00 8.33 6.41
CA GLU A 26 7.80 7.24 6.93
C GLU A 26 7.09 6.55 8.10
N VAL A 27 6.51 7.36 8.98
CA VAL A 27 5.79 6.83 10.14
C VAL A 27 4.66 5.91 9.72
N THR A 28 3.92 6.32 8.69
CA THR A 28 2.81 5.54 8.19
C THR A 28 3.25 4.14 7.79
N THR A 29 2.79 3.13 8.53
CA THR A 29 3.15 1.75 8.26
C THR A 29 2.40 1.22 7.03
N CYS A 30 2.77 0.02 6.60
CA CYS A 30 2.13 -0.59 5.43
C CYS A 30 0.69 -0.98 5.75
N GLN A 31 0.36 -1.05 7.04
CA GLN A 31 -0.98 -1.41 7.47
C GLN A 31 -1.90 -0.19 7.47
N GLU A 32 -1.33 0.98 7.71
CA GLU A 32 -2.09 2.21 7.74
C GLU A 32 -2.44 2.67 6.32
N VAL A 33 -1.79 2.07 5.33
CA VAL A 33 -2.03 2.42 3.94
C VAL A 33 -3.17 1.57 3.36
N VAL A 34 -3.00 0.26 3.37
CA VAL A 34 -4.01 -0.65 2.85
C VAL A 34 -5.40 -0.24 3.31
N ILE A 35 -5.53 0.07 4.60
CA ILE A 35 -6.81 0.47 5.17
C ILE A 35 -7.38 1.67 4.43
N ALA A 36 -6.53 2.64 4.12
CA ALA A 36 -6.95 3.84 3.40
C ALA A 36 -7.53 3.48 2.04
N LEU A 37 -6.89 2.56 1.35
CA LEU A 37 -7.33 2.13 0.03
C LEU A 37 -8.65 1.36 0.12
N ALA A 38 -8.65 0.33 0.98
CA ALA A 38 -9.84 -0.49 1.17
C ALA A 38 -11.06 0.37 1.49
N GLN A 39 -10.83 1.47 2.20
CA GLN A 39 -11.91 2.38 2.58
C GLN A 39 -12.36 3.22 1.38
N ALA A 40 -11.42 3.53 0.50
CA ALA A 40 -11.71 4.32 -0.68
C ALA A 40 -12.50 3.50 -1.71
N ILE A 41 -12.07 2.27 -1.93
CA ILE A 41 -12.73 1.39 -2.89
C ILE A 41 -14.08 0.93 -2.36
N GLY A 42 -14.20 0.84 -1.04
CA GLY A 42 -15.45 0.41 -0.44
C GLY A 42 -15.47 -1.07 -0.13
N ARG A 43 -14.44 -1.56 0.55
CA ARG A 43 -14.34 -2.97 0.90
C ARG A 43 -13.78 -3.14 2.30
N THR A 44 -14.46 -3.94 3.11
CA THR A 44 -14.03 -4.19 4.48
C THR A 44 -13.15 -5.43 4.56
N GLY A 45 -12.11 -5.37 5.41
CA GLY A 45 -11.21 -6.49 5.56
C GLY A 45 -9.76 -6.08 5.51
N ARG A 46 -8.88 -6.97 5.94
CA ARG A 46 -7.45 -6.69 5.95
C ARG A 46 -6.85 -6.87 4.55
N TYR A 47 -5.66 -6.30 4.35
CA TYR A 47 -4.98 -6.40 3.06
C TYR A 47 -3.48 -6.23 3.22
N THR A 48 -2.73 -6.62 2.19
CA THR A 48 -1.27 -6.52 2.22
C THR A 48 -0.76 -5.82 0.97
N LEU A 49 0.45 -5.27 1.06
CA LEU A 49 1.06 -4.57 -0.05
C LEU A 49 2.15 -5.42 -0.70
N ILE A 50 2.02 -5.65 -2.00
CA ILE A 50 2.99 -6.45 -2.73
C ILE A 50 3.75 -5.60 -3.75
N GLU A 51 5.07 -5.73 -3.74
CA GLU A 51 5.91 -4.97 -4.66
C GLU A 51 6.36 -5.84 -5.84
N LYS A 52 5.77 -5.59 -7.01
CA LYS A 52 6.10 -6.35 -8.21
C LYS A 52 7.19 -5.63 -9.02
N TRP A 53 8.36 -6.25 -9.10
CA TRP A 53 9.47 -5.67 -9.84
C TRP A 53 10.20 -6.74 -10.66
N ARG A 54 10.48 -6.43 -11.92
CA ARG A 54 11.16 -7.36 -12.80
C ARG A 54 10.57 -8.76 -12.68
N ASP A 55 9.24 -8.83 -12.63
CA ASP A 55 8.55 -10.11 -12.51
C ASP A 55 8.83 -10.77 -11.16
N THR A 56 9.06 -9.95 -10.14
CA THR A 56 9.36 -10.44 -8.80
C THR A 56 8.33 -9.93 -7.80
N GLU A 57 7.56 -10.85 -7.23
CA GLU A 57 6.55 -10.49 -6.25
C GLU A 57 7.05 -10.73 -4.83
N ARG A 58 6.96 -9.71 -3.99
CA ARG A 58 7.41 -9.81 -2.61
C ARG A 58 6.35 -9.29 -1.65
N HIS A 59 6.12 -10.02 -0.56
CA HIS A 59 5.13 -9.64 0.44
C HIS A 59 5.76 -8.75 1.52
N LEU A 60 5.09 -7.66 1.83
CA LEU A 60 5.59 -6.73 2.85
C LEU A 60 4.93 -7.00 4.20
N ALA A 61 5.58 -6.53 5.27
CA ALA A 61 5.05 -6.72 6.62
C ALA A 61 4.14 -5.56 7.01
N PRO A 62 3.17 -5.85 7.90
CA PRO A 62 2.22 -4.85 8.39
C PRO A 62 2.88 -3.82 9.30
N HIS A 63 4.04 -4.17 9.83
CA HIS A 63 4.78 -3.28 10.72
C HIS A 63 5.79 -2.44 9.94
N GLU A 64 6.11 -2.88 8.73
CA GLU A 64 7.06 -2.17 7.89
C GLU A 64 6.42 -0.94 7.25
N ASN A 65 7.18 -0.25 6.40
CA ASN A 65 6.70 0.94 5.74
C ASN A 65 6.87 0.83 4.23
N PRO A 66 5.90 1.38 3.47
CA PRO A 66 5.92 1.35 2.01
C PRO A 66 7.02 2.25 1.44
N ILE A 67 7.05 3.50 1.89
CA ILE A 67 8.05 4.46 1.42
C ILE A 67 9.45 3.94 1.64
N ILE A 68 9.80 3.70 2.91
CA ILE A 68 11.12 3.20 3.26
C ILE A 68 11.56 2.10 2.31
N SER A 69 10.82 1.00 2.30
CA SER A 69 11.14 -0.13 1.44
C SER A 69 11.39 0.33 0.00
N LEU A 70 10.37 0.94 -0.60
CA LEU A 70 10.47 1.44 -1.96
C LEU A 70 11.71 2.30 -2.14
N ASN A 71 12.07 3.01 -1.07
CA ASN A 71 13.25 3.89 -1.11
C ASN A 71 14.52 3.09 -1.31
N LYS A 72 14.59 1.93 -0.67
CA LYS A 72 15.77 1.06 -0.78
C LYS A 72 16.26 1.00 -2.21
N TRP A 73 15.39 0.56 -3.12
CA TRP A 73 15.75 0.46 -4.53
C TRP A 73 16.50 1.70 -5.00
N GLY A 74 15.86 2.86 -4.84
CA GLY A 74 16.48 4.11 -5.26
C GLY A 74 16.58 4.24 -6.75
N GLN A 75 17.74 3.88 -7.31
CA GLN A 75 17.96 3.97 -8.75
C GLN A 75 16.78 3.38 -9.51
N TYR A 76 16.33 2.20 -9.09
CA TYR A 76 15.21 1.53 -9.73
C TYR A 76 13.99 1.49 -8.81
N ALA A 77 13.73 2.61 -8.14
CA ALA A 77 12.59 2.70 -7.24
C ALA A 77 11.28 2.86 -8.00
N SER A 78 11.25 3.83 -8.91
CA SER A 78 10.05 4.09 -9.71
C SER A 78 9.57 2.80 -10.38
N ASP A 79 10.49 2.08 -10.99
CA ASP A 79 10.16 0.83 -11.66
C ASP A 79 9.29 -0.06 -10.78
N VAL A 80 9.54 0.00 -9.47
CA VAL A 80 8.78 -0.81 -8.52
C VAL A 80 7.33 -0.32 -8.42
N GLN A 81 6.39 -1.24 -8.62
CA GLN A 81 4.97 -0.91 -8.55
C GLN A 81 4.29 -1.66 -7.41
N LEU A 82 3.37 -0.98 -6.74
CA LEU A 82 2.64 -1.58 -5.63
C LEU A 82 1.32 -2.18 -6.10
N ILE A 83 0.89 -3.25 -5.44
CA ILE A 83 -0.35 -3.91 -5.80
C ILE A 83 -1.08 -4.41 -4.54
N LEU A 84 -2.25 -3.83 -4.29
CA LEU A 84 -3.06 -4.22 -3.13
C LEU A 84 -3.82 -5.51 -3.39
N ARG A 85 -3.49 -6.55 -2.65
CA ARG A 85 -4.15 -7.84 -2.80
C ARG A 85 -4.21 -8.59 -1.48
N ARG A 86 -5.15 -9.53 -1.36
CA ARG A 86 -5.32 -10.30 -0.15
C ARG A 86 -4.19 -11.32 0.01
N THR A 87 -3.56 -11.32 1.18
CA THR A 87 -2.46 -12.24 1.45
C THR A 87 -2.96 -13.67 1.59
N GLY A 88 -4.21 -13.81 2.03
CA GLY A 88 -4.80 -15.12 2.21
C GLY A 88 -3.79 -16.14 2.71
N PRO A 89 -3.49 -16.10 4.01
CA PRO A 89 -2.54 -17.01 4.65
C PRO A 89 -3.07 -18.45 4.71
N SER A 90 -4.32 -18.59 5.11
CA SER A 90 -4.95 -19.91 5.21
C SER A 90 -6.43 -19.78 5.52
N GLY A 91 -7.24 -20.61 4.86
CA GLY A 91 -8.68 -20.57 5.08
C GLY A 91 -9.29 -19.25 4.68
N PRO A 92 -10.53 -19.30 4.16
CA PRO A 92 -11.25 -18.11 3.72
C PRO A 92 -11.68 -17.23 4.90
N SER A 93 -11.30 -15.95 4.84
CA SER A 93 -11.65 -15.01 5.90
C SER A 93 -12.50 -13.87 5.35
N SER A 94 -12.05 -13.25 4.26
CA SER A 94 -12.77 -12.15 3.65
C SER A 94 -12.94 -11.00 4.63
N GLY A 95 -11.89 -10.70 5.39
CA GLY A 95 -11.95 -9.62 6.36
C GLY A 95 -10.64 -9.45 7.11
N GLY A 1 -2.36 5.36 13.96
CA GLY A 1 -2.85 6.70 13.69
C GLY A 1 -1.85 7.55 12.94
N SER A 2 -2.32 8.34 11.99
CA SER A 2 -1.46 9.20 11.19
C SER A 2 -2.20 10.47 10.76
N SER A 3 -1.77 11.60 11.27
CA SER A 3 -2.38 12.88 10.93
C SER A 3 -1.33 13.95 10.69
N GLY A 4 -1.51 14.74 9.64
CA GLY A 4 -0.57 15.79 9.31
C GLY A 4 -0.81 16.39 7.94
N SER A 5 0.02 17.34 7.56
CA SER A 5 -0.11 18.01 6.26
C SER A 5 0.83 17.38 5.24
N SER A 6 2.13 17.45 5.52
CA SER A 6 3.14 16.90 4.63
C SER A 6 2.96 15.39 4.46
N GLY A 7 2.94 14.94 3.21
CA GLY A 7 2.76 13.52 2.94
C GLY A 7 3.37 13.11 1.61
N MET A 8 3.37 11.80 1.35
CA MET A 8 3.93 11.28 0.10
C MET A 8 2.84 10.63 -0.75
N GLU A 9 3.21 10.23 -1.96
CA GLU A 9 2.26 9.59 -2.87
C GLU A 9 2.72 8.18 -3.23
N LEU A 10 1.89 7.20 -2.90
CA LEU A 10 2.21 5.80 -3.18
C LEU A 10 1.36 5.27 -4.33
N LYS A 11 2.02 4.70 -5.33
CA LYS A 11 1.33 4.15 -6.49
C LYS A 11 1.07 2.66 -6.32
N VAL A 12 -0.19 2.31 -6.09
CA VAL A 12 -0.57 0.90 -5.91
C VAL A 12 -1.79 0.56 -6.76
N TRP A 13 -1.61 -0.38 -7.68
CA TRP A 13 -2.70 -0.81 -8.55
C TRP A 13 -3.86 -1.39 -7.74
N VAL A 14 -4.87 -0.58 -7.50
CA VAL A 14 -6.04 -1.01 -6.74
C VAL A 14 -7.22 -1.30 -7.66
N ASP A 15 -7.70 -2.55 -7.61
CA ASP A 15 -8.82 -2.96 -8.44
C ASP A 15 -8.58 -2.62 -9.91
N GLY A 16 -7.41 -2.98 -10.41
CA GLY A 16 -7.07 -2.70 -11.79
C GLY A 16 -7.01 -1.22 -12.08
N VAL A 17 -7.07 -0.41 -11.03
CA VAL A 17 -7.02 1.04 -11.18
C VAL A 17 -5.97 1.65 -10.25
N GLN A 18 -5.02 2.36 -10.83
CA GLN A 18 -3.95 2.99 -10.06
C GLN A 18 -4.51 4.13 -9.22
N ARG A 19 -4.52 3.93 -7.91
CA ARG A 19 -5.03 4.95 -6.98
C ARG A 19 -3.89 5.56 -6.18
N ILE A 20 -3.67 6.86 -6.38
CA ILE A 20 -2.61 7.57 -5.68
C ILE A 20 -3.11 8.15 -4.36
N VAL A 21 -2.52 7.71 -3.26
CA VAL A 21 -2.91 8.19 -1.94
C VAL A 21 -1.94 9.26 -1.44
N CYS A 22 -2.50 10.40 -1.02
CA CYS A 22 -1.69 11.49 -0.52
C CYS A 22 -1.79 11.60 1.00
N GLY A 23 -0.65 11.74 1.65
CA GLY A 23 -0.63 11.84 3.11
C GLY A 23 0.28 10.83 3.75
N VAL A 24 0.36 9.64 3.17
CA VAL A 24 1.21 8.58 3.68
C VAL A 24 2.62 9.08 3.95
N THR A 25 2.99 9.13 5.23
CA THR A 25 4.32 9.59 5.62
C THR A 25 5.21 8.44 6.04
N GLU A 26 6.44 8.75 6.41
CA GLU A 26 7.39 7.72 6.84
C GLU A 26 6.83 6.92 8.01
N VAL A 27 6.22 7.62 8.96
CA VAL A 27 5.65 6.97 10.14
C VAL A 27 4.54 6.00 9.74
N THR A 28 3.72 6.41 8.79
CA THR A 28 2.61 5.57 8.32
C THR A 28 3.13 4.21 7.84
N THR A 29 2.80 3.16 8.59
CA THR A 29 3.22 1.82 8.24
C THR A 29 2.51 1.32 6.98
N CYS A 30 2.75 0.07 6.63
CA CYS A 30 2.13 -0.53 5.45
C CYS A 30 0.63 -0.73 5.66
N GLN A 31 0.29 -1.50 6.70
CA GLN A 31 -1.10 -1.77 7.01
C GLN A 31 -1.93 -0.48 6.98
N GLU A 32 -1.46 0.53 7.70
CA GLU A 32 -2.16 1.81 7.76
C GLU A 32 -2.62 2.25 6.37
N VAL A 33 -1.65 2.45 5.48
CA VAL A 33 -1.95 2.87 4.11
C VAL A 33 -3.08 2.04 3.52
N VAL A 34 -2.91 0.72 3.51
CA VAL A 34 -3.92 -0.18 2.98
C VAL A 34 -5.31 0.19 3.47
N ILE A 35 -5.46 0.27 4.79
CA ILE A 35 -6.74 0.62 5.39
C ILE A 35 -7.36 1.84 4.70
N ALA A 36 -6.51 2.78 4.31
CA ALA A 36 -6.97 3.98 3.63
C ALA A 36 -7.65 3.65 2.30
N LEU A 37 -7.10 2.66 1.60
CA LEU A 37 -7.65 2.24 0.31
C LEU A 37 -9.07 1.69 0.48
N ALA A 38 -9.24 0.82 1.46
CA ALA A 38 -10.55 0.22 1.72
C ALA A 38 -11.60 1.30 1.97
N GLN A 39 -11.21 2.36 2.67
CA GLN A 39 -12.12 3.46 2.96
C GLN A 39 -12.61 4.13 1.68
N ALA A 40 -11.90 3.89 0.59
CA ALA A 40 -12.26 4.46 -0.70
C ALA A 40 -13.07 3.48 -1.54
N ILE A 41 -12.43 2.39 -1.94
CA ILE A 41 -13.09 1.37 -2.75
C ILE A 41 -14.23 0.72 -1.98
N GLY A 42 -14.11 0.70 -0.65
CA GLY A 42 -15.14 0.10 0.17
C GLY A 42 -14.93 -1.39 0.38
N ARG A 43 -13.87 -1.74 1.11
CA ARG A 43 -13.56 -3.14 1.37
C ARG A 43 -13.21 -3.34 2.84
N THR A 44 -12.87 -4.58 3.20
CA THR A 44 -12.51 -4.91 4.58
C THR A 44 -11.39 -4.02 5.09
N GLY A 45 -10.20 -4.19 4.51
CA GLY A 45 -9.07 -3.38 4.91
C GLY A 45 -7.90 -4.23 5.39
N ARG A 46 -8.07 -5.54 5.34
CA ARG A 46 -7.03 -6.46 5.78
C ARG A 46 -6.23 -6.98 4.59
N TYR A 47 -5.71 -6.05 3.79
CA TYR A 47 -4.92 -6.41 2.61
C TYR A 47 -3.43 -6.13 2.85
N THR A 48 -2.61 -6.58 1.91
CA THR A 48 -1.17 -6.38 2.01
C THR A 48 -0.61 -5.73 0.74
N LEU A 49 0.63 -5.26 0.81
CA LEU A 49 1.28 -4.62 -0.32
C LEU A 49 2.34 -5.53 -0.93
N ILE A 50 2.29 -5.69 -2.25
CA ILE A 50 3.25 -6.54 -2.95
C ILE A 50 4.01 -5.75 -4.00
N GLU A 51 5.31 -5.98 -4.10
CA GLU A 51 6.14 -5.29 -5.07
C GLU A 51 6.57 -6.22 -6.20
N LYS A 52 6.27 -5.83 -7.43
CA LYS A 52 6.61 -6.64 -8.59
C LYS A 52 7.70 -5.95 -9.43
N TRP A 53 8.80 -6.66 -9.64
CA TRP A 53 9.91 -6.13 -10.43
C TRP A 53 10.71 -7.24 -11.09
N ARG A 54 10.74 -7.24 -12.41
CA ARG A 54 11.47 -8.27 -13.16
C ARG A 54 10.98 -9.66 -12.79
N ASP A 55 9.65 -9.82 -12.72
CA ASP A 55 9.05 -11.10 -12.38
C ASP A 55 9.42 -11.52 -10.96
N THR A 56 9.38 -10.56 -10.04
CA THR A 56 9.72 -10.84 -8.65
C THR A 56 8.66 -10.29 -7.70
N GLU A 57 7.89 -11.18 -7.10
CA GLU A 57 6.83 -10.78 -6.17
C GLU A 57 7.25 -11.05 -4.73
N ARG A 58 7.21 -10.01 -3.91
CA ARG A 58 7.58 -10.12 -2.51
C ARG A 58 6.51 -9.51 -1.61
N HIS A 59 6.29 -10.12 -0.45
CA HIS A 59 5.30 -9.64 0.50
C HIS A 59 5.94 -8.81 1.60
N LEU A 60 5.32 -7.69 1.93
CA LEU A 60 5.84 -6.80 2.97
C LEU A 60 5.29 -7.18 4.34
N ALA A 61 5.69 -6.42 5.36
CA ALA A 61 5.23 -6.68 6.72
C ALA A 61 4.23 -5.62 7.17
N PRO A 62 3.25 -6.04 7.99
CA PRO A 62 2.22 -5.14 8.51
C PRO A 62 2.77 -4.14 9.52
N HIS A 63 3.95 -4.44 10.06
CA HIS A 63 4.58 -3.56 11.04
C HIS A 63 5.71 -2.75 10.39
N GLU A 64 5.86 -2.91 9.09
CA GLU A 64 6.89 -2.19 8.35
C GLU A 64 6.33 -0.95 7.68
N ASN A 65 7.21 -0.14 7.09
CA ASN A 65 6.79 1.08 6.41
C ASN A 65 6.99 0.96 4.90
N PRO A 66 6.06 1.54 4.13
CA PRO A 66 6.11 1.51 2.67
C PRO A 66 7.24 2.38 2.11
N ILE A 67 7.29 3.63 2.57
CA ILE A 67 8.32 4.56 2.12
C ILE A 67 9.72 3.96 2.29
N ILE A 68 10.13 3.78 3.54
CA ILE A 68 11.44 3.21 3.83
C ILE A 68 11.70 1.95 3.00
N SER A 69 10.86 0.94 3.20
CA SER A 69 11.00 -0.31 2.47
C SER A 69 11.39 -0.06 1.02
N LEU A 70 10.47 0.50 0.25
CA LEU A 70 10.73 0.79 -1.16
C LEU A 70 12.01 1.60 -1.32
N ASN A 71 12.21 2.56 -0.44
CA ASN A 71 13.40 3.41 -0.48
C ASN A 71 14.64 2.58 -0.82
N LYS A 72 14.75 1.40 -0.20
CA LYS A 72 15.87 0.52 -0.44
C LYS A 72 16.34 0.60 -1.88
N TRP A 73 15.46 0.25 -2.81
CA TRP A 73 15.78 0.29 -4.23
C TRP A 73 16.40 1.63 -4.62
N GLY A 74 15.75 2.72 -4.22
CA GLY A 74 16.26 4.05 -4.52
C GLY A 74 16.18 4.36 -6.00
N GLN A 75 17.11 3.83 -6.77
CA GLN A 75 17.14 4.07 -8.21
C GLN A 75 16.16 3.15 -8.94
N TYR A 76 15.93 1.98 -8.36
CA TYR A 76 15.01 1.01 -8.95
C TYR A 76 13.68 1.00 -8.21
N ALA A 77 13.43 2.03 -7.42
CA ALA A 77 12.20 2.14 -6.66
C ALA A 77 11.02 2.47 -7.57
N SER A 78 11.22 3.42 -8.46
CA SER A 78 10.17 3.83 -9.40
C SER A 78 9.78 2.67 -10.31
N ASP A 79 10.77 1.93 -10.78
CA ASP A 79 10.54 0.79 -11.65
C ASP A 79 9.68 -0.25 -10.97
N VAL A 80 9.73 -0.29 -9.64
CA VAL A 80 8.95 -1.24 -8.87
C VAL A 80 7.49 -0.81 -8.77
N GLN A 81 6.59 -1.73 -9.10
CA GLN A 81 5.16 -1.44 -9.05
C GLN A 81 4.50 -2.14 -7.85
N LEU A 82 3.66 -1.40 -7.14
CA LEU A 82 2.98 -1.93 -5.97
C LEU A 82 1.57 -2.41 -6.34
N ILE A 83 1.14 -3.49 -5.70
CA ILE A 83 -0.18 -4.04 -5.95
C ILE A 83 -0.89 -4.41 -4.65
N LEU A 84 -2.16 -4.03 -4.55
CA LEU A 84 -2.95 -4.31 -3.35
C LEU A 84 -3.63 -5.68 -3.46
N ARG A 85 -3.09 -6.66 -2.76
CA ARG A 85 -3.65 -8.00 -2.79
C ARG A 85 -4.10 -8.43 -1.39
N ARG A 86 -4.97 -9.43 -1.34
CA ARG A 86 -5.48 -9.93 -0.07
C ARG A 86 -4.78 -11.23 0.33
N THR A 87 -4.41 -11.33 1.60
CA THR A 87 -3.74 -12.53 2.11
C THR A 87 -4.49 -13.13 3.28
N GLY A 88 -5.76 -12.72 3.45
CA GLY A 88 -6.56 -13.24 4.53
C GLY A 88 -6.46 -12.39 5.79
N PRO A 89 -7.01 -12.90 6.90
CA PRO A 89 -6.99 -12.20 8.19
C PRO A 89 -5.59 -12.14 8.79
N SER A 90 -5.45 -11.35 9.85
CA SER A 90 -4.16 -11.20 10.52
C SER A 90 -4.31 -10.45 11.84
N GLY A 91 -4.18 -11.18 12.94
CA GLY A 91 -4.32 -10.59 14.26
C GLY A 91 -5.75 -10.50 14.71
N PRO A 92 -5.98 -10.64 16.03
CA PRO A 92 -7.31 -10.58 16.61
C PRO A 92 -7.92 -9.18 16.57
N SER A 93 -7.05 -8.17 16.57
CA SER A 93 -7.50 -6.79 16.52
C SER A 93 -8.61 -6.61 15.50
N SER A 94 -9.28 -5.45 15.55
CA SER A 94 -10.37 -5.16 14.64
C SER A 94 -10.38 -3.68 14.26
N GLY A 95 -11.30 -3.30 13.38
CA GLY A 95 -11.40 -1.92 12.95
C GLY A 95 -12.25 -1.08 13.88
#